data_6FHW
#
_entry.id   6FHW
#
_cell.length_a   137.975
_cell.length_b   149.827
_cell.length_c   192.349
_cell.angle_alpha   90.000
_cell.angle_beta   90.000
_cell.angle_gamma   90.000
#
_symmetry.space_group_name_H-M   'P 21 21 21'
#
loop_
_entity.id
_entity.type
_entity.pdbx_description
1 polymer 'Glucoamylase P'
2 branched 2-acetamido-2-deoxy-beta-D-glucopyranose-(1-4)-2-acetamido-2-deoxy-beta-D-glucopyranose
3 branched alpha-D-mannopyranose-(1-6)-alpha-D-mannopyranose-(1-3)-beta-D-mannopyranose-(1-4)-2-acetamido-2-deoxy-beta-D-glucopyranose-(1-4)-2-acetamido-2-deoxy-beta-D-glucopyranose
4 branched 4,6-dideoxy-4-{[(1S,4R,5S,6S)-4,5,6-trihydroxy-3-(hydroxymethyl)cyclohex-2-en-1-yl]amino}-alpha-D-glucopyranose-(1-4)-alpha-D-glucopyranose-(1-4)-alpha-D-glucopyranose
5 non-polymer 2-acetamido-2-deoxy-beta-D-glucopyranose
#
_entity_poly.entity_id   1
_entity_poly.type   'polypeptide(L)'
_entity_poly.pdbx_seq_one_letter_code
;MRLLPSSCAGALSLLCSLAIAAPTELKARDLSSFIASERAIALQGALNNIGPDGSAVPGAGAGFVVASPSKANPDYFYTW
SRDSALTLKMIIDEFILGNTTLQTIIEQYIHAQAVLQTVSNPSGTFLPDGVGLGEPKFMVDGTRFNGPWGRPQRDGPALR
AIALMTYSNWLIKNGQFAEAKTKIWPIIANDLSYVGQYWNQSGFDLWEETYASSFFTIQNQHRALVEGAQLAHDLGVTCT
GCDQAPEVLCFLQSFWNGKYIVSNINVNNGRTGLDGNSILGAISTFDIDAYCDSPTLQPCHSQSLANFKVLTDTFRNLYT
INAGIPEGQGVAVGRYAEDVYMGGNPWYLITTAAAEFLYDAVAQWKARHVLTVDETSLAFFKDIYPEVTVREYKSGNANS
PFAQIMDAVTAYADSYVAIAEKYIPSNGSLSEQFNRDTGTPLSAIDLTWSYAAFITMSQRRAGQYPSSWGSRNALPPPTT
CSASSTPGIYTPATAAGAPNVTSSCQVSITFNINATTYYGENLYVIGNSSDLGAWNIADAYPLSASAYTQDRPLWSAAIP
LNAGEVISYQYVRQEDCDQPYIYETVNRTLTVPACGGAAVTTDDAWMGPVGSSGNC
;
_entity_poly.pdbx_strand_id   A,B
#
loop_
_chem_comp.id
_chem_comp.type
_chem_comp.name
_chem_comp.formula
AC1 D-saccharide 4,6-dideoxy-4-{[(1S,4R,5S,6S)-4,5,6-trihydroxy-3-(hydroxymethyl)cyclohex-2-en-1-yl]amino}-alpha-D-glucopyranose 'C13 H23 N O8'
BMA D-saccharide, beta linking beta-D-mannopyranose 'C6 H12 O6'
GLC D-saccharide, alpha linking alpha-D-glucopyranose 'C6 H12 O6'
MAN D-saccharide, alpha linking alpha-D-mannopyranose 'C6 H12 O6'
NAG D-saccharide, beta linking 2-acetamido-2-deoxy-beta-D-glucopyranose 'C8 H15 N O6'
#
# COMPACT_ATOMS: atom_id res chain seq x y z
N ASP A 30 30.84 -20.36 8.30
CA ASP A 30 30.29 -19.09 7.74
C ASP A 30 28.75 -19.14 7.77
N LEU A 31 28.09 -18.27 7.00
CA LEU A 31 26.64 -18.36 6.77
C LEU A 31 26.19 -19.67 6.10
N SER A 32 27.10 -20.30 5.34
CA SER A 32 26.86 -21.60 4.70
C SER A 32 26.34 -22.69 5.64
N SER A 33 26.80 -22.68 6.88
CA SER A 33 26.34 -23.63 7.91
C SER A 33 24.90 -23.35 8.34
N PHE A 34 24.61 -22.10 8.67
CA PHE A 34 23.28 -21.71 9.18
C PHE A 34 22.15 -21.64 8.13
N ILE A 35 22.50 -21.72 6.84
CA ILE A 35 21.51 -21.92 5.76
C ILE A 35 21.34 -23.40 5.39
N ALA A 36 22.38 -24.20 5.57
CA ALA A 36 22.30 -25.66 5.43
C ALA A 36 21.36 -26.26 6.47
N SER A 37 21.42 -25.73 7.70
CA SER A 37 20.50 -26.15 8.77
C SER A 37 19.05 -25.71 8.49
N GLU A 38 18.88 -24.48 8.03
CA GLU A 38 17.55 -23.95 7.67
C GLU A 38 16.92 -24.70 6.49
N ARG A 39 17.76 -25.21 5.57
CA ARG A 39 17.30 -26.05 4.46
C ARG A 39 16.65 -27.33 4.98
N ALA A 40 17.30 -27.97 5.96
CA ALA A 40 16.77 -29.18 6.58
C ALA A 40 15.46 -28.92 7.34
N ILE A 41 15.37 -27.76 7.97
CA ILE A 41 14.12 -27.33 8.64
C ILE A 41 13.04 -27.09 7.57
N ALA A 42 13.43 -26.43 6.48
CA ALA A 42 12.51 -26.12 5.39
C ALA A 42 11.91 -27.37 4.74
N LEU A 43 12.71 -28.43 4.61
CA LEU A 43 12.20 -29.72 4.11
C LEU A 43 11.03 -30.20 4.98
N GLN A 44 11.22 -30.23 6.29
CA GLN A 44 10.17 -30.65 7.22
C GLN A 44 9.01 -29.67 7.24
N GLY A 45 9.33 -28.37 7.27
CA GLY A 45 8.31 -27.31 7.20
C GLY A 45 7.35 -27.46 6.03
N ALA A 46 7.90 -27.80 4.86
CA ALA A 46 7.10 -28.08 3.67
C ALA A 46 6.36 -29.41 3.81
N LEU A 47 7.11 -30.46 4.12
CA LEU A 47 6.55 -31.83 4.24
C LEU A 47 5.46 -31.98 5.31
N ASN A 48 5.56 -31.21 6.39
CA ASN A 48 4.53 -31.20 7.44
C ASN A 48 3.20 -30.59 6.99
N ASN A 49 3.25 -29.68 6.01
CA ASN A 49 2.03 -29.07 5.44
C ASN A 49 1.33 -29.97 4.41
N ILE A 50 2.03 -30.97 3.88
CA ILE A 50 1.49 -31.88 2.86
C ILE A 50 0.80 -33.06 3.53
N GLY A 51 -0.44 -33.36 3.13
CA GLY A 51 -1.15 -34.56 3.62
C GLY A 51 -0.76 -35.81 2.84
N PRO A 52 -1.15 -37.01 3.29
CA PRO A 52 -2.02 -37.22 4.47
C PRO A 52 -1.29 -37.15 5.80
N ASP A 53 -0.07 -37.70 5.84
CA ASP A 53 0.74 -37.71 7.06
C ASP A 53 1.56 -36.42 7.13
N GLY A 54 0.87 -35.32 7.46
CA GLY A 54 1.47 -34.02 7.63
C GLY A 54 1.22 -33.55 9.04
N SER A 55 2.29 -33.28 9.79
CA SER A 55 2.21 -32.88 11.20
C SER A 55 1.45 -31.57 11.41
N ALA A 56 1.60 -30.64 10.48
CA ALA A 56 1.02 -29.30 10.59
C ALA A 56 -0.48 -29.25 10.27
N VAL A 57 -0.92 -30.14 9.38
CA VAL A 57 -2.32 -30.15 8.92
C VAL A 57 -3.08 -31.41 9.38
N PRO A 58 -4.02 -31.25 10.33
CA PRO A 58 -4.96 -32.31 10.64
C PRO A 58 -6.18 -32.18 9.73
N GLY A 59 -6.40 -33.20 8.90
CA GLY A 59 -7.51 -33.22 7.99
C GLY A 59 -7.01 -33.24 6.57
N ALA A 60 -7.53 -34.20 5.82
CA ALA A 60 -7.45 -34.29 4.36
C ALA A 60 -6.06 -34.42 3.70
N GLY A 61 -5.96 -35.46 2.88
CA GLY A 61 -4.66 -36.07 2.57
C GLY A 61 -4.53 -36.41 1.12
N ALA A 62 -4.08 -37.64 0.84
CA ALA A 62 -4.01 -38.18 -0.52
C ALA A 62 -3.14 -37.45 -1.55
N GLY A 63 -2.24 -36.56 -1.11
CA GLY A 63 -1.33 -35.86 -2.03
C GLY A 63 -1.70 -34.42 -2.35
N PHE A 64 -2.49 -33.79 -1.48
CA PHE A 64 -2.90 -32.39 -1.63
C PHE A 64 -2.07 -31.53 -0.66
N VAL A 65 -1.33 -30.58 -1.21
CA VAL A 65 -0.42 -29.73 -0.42
C VAL A 65 -1.16 -28.49 0.04
N VAL A 66 -1.17 -28.27 1.36
CA VAL A 66 -1.74 -27.06 1.96
C VAL A 66 -0.68 -25.96 1.89
N ALA A 67 -1.10 -24.73 1.60
CA ALA A 67 -0.19 -23.60 1.54
C ALA A 67 0.37 -23.29 2.93
N SER A 68 -0.52 -23.09 3.88
CA SER A 68 -0.14 -22.86 5.28
C SER A 68 -1.18 -23.45 6.23
N PRO A 69 -0.74 -24.00 7.38
CA PRO A 69 -1.68 -24.54 8.36
C PRO A 69 -2.53 -23.49 9.10
N SER A 70 -2.15 -22.21 9.01
CA SER A 70 -2.89 -21.10 9.63
C SER A 70 -4.36 -21.04 9.17
N LYS A 71 -5.23 -21.70 9.93
CA LYS A 71 -6.68 -21.57 9.77
C LYS A 71 -7.13 -20.20 10.28
N ALA A 72 -6.51 -19.74 11.36
CA ALA A 72 -6.73 -18.39 11.90
C ALA A 72 -6.26 -17.34 10.87
N ASN A 73 -6.99 -16.23 10.79
CA ASN A 73 -6.74 -15.20 9.77
C ASN A 73 -5.25 -14.80 9.68
N PRO A 74 -4.63 -14.89 8.50
CA PRO A 74 -5.26 -15.26 7.23
C PRO A 74 -5.51 -16.77 7.09
N ASP A 75 -6.74 -17.13 6.72
CA ASP A 75 -7.12 -18.54 6.54
C ASP A 75 -6.52 -19.08 5.23
N TYR A 76 -5.37 -19.74 5.36
CA TYR A 76 -4.67 -20.36 4.23
C TYR A 76 -4.82 -21.89 4.23
N PHE A 77 -5.82 -22.42 4.95
CA PHE A 77 -6.02 -23.88 5.04
C PHE A 77 -6.78 -24.38 3.81
N TYR A 78 -6.08 -24.34 2.69
CA TYR A 78 -6.61 -24.72 1.38
C TYR A 78 -5.42 -25.14 0.52
N THR A 79 -5.67 -25.95 -0.51
CA THR A 79 -4.63 -26.30 -1.49
C THR A 79 -4.71 -25.38 -2.71
N TRP A 80 -3.61 -24.66 -2.97
CA TRP A 80 -3.47 -23.86 -4.19
C TRP A 80 -2.75 -24.71 -5.23
N SER A 81 -3.32 -24.83 -6.43
CA SER A 81 -2.71 -25.63 -7.50
C SER A 81 -1.35 -25.08 -7.97
N ARG A 82 -1.14 -23.77 -7.79
CA ARG A 82 0.18 -23.15 -8.01
C ARG A 82 1.17 -23.61 -6.94
N ASP A 83 0.84 -23.34 -5.67
CA ASP A 83 1.69 -23.72 -4.53
C ASP A 83 1.99 -25.21 -4.49
N SER A 84 0.95 -26.02 -4.73
CA SER A 84 1.07 -27.49 -4.78
C SER A 84 2.06 -27.92 -5.86
N ALA A 85 1.87 -27.40 -7.08
CA ALA A 85 2.72 -27.75 -8.22
C ALA A 85 4.12 -27.14 -8.16
N LEU A 86 4.27 -26.02 -7.46
CA LEU A 86 5.56 -25.34 -7.33
C LEU A 86 6.40 -25.95 -6.21
N THR A 87 5.76 -26.28 -5.08
CA THR A 87 6.46 -26.93 -3.97
C THR A 87 6.82 -28.39 -4.26
N LEU A 88 6.01 -29.07 -5.08
CA LEU A 88 6.30 -30.45 -5.45
C LEU A 88 7.38 -30.56 -6.53
N LYS A 89 7.53 -29.51 -7.34
CA LYS A 89 8.65 -29.38 -8.28
C LYS A 89 9.98 -29.40 -7.53
N MET A 90 10.03 -28.70 -6.39
CA MET A 90 11.16 -28.77 -5.47
C MET A 90 11.36 -30.18 -4.93
N ILE A 91 10.27 -30.80 -4.46
CA ILE A 91 10.31 -32.16 -3.90
C ILE A 91 10.81 -33.20 -4.91
N ILE A 92 10.37 -33.08 -6.16
CA ILE A 92 10.85 -33.96 -7.24
C ILE A 92 12.33 -33.69 -7.51
N ASP A 93 12.71 -32.42 -7.67
CA ASP A 93 14.10 -32.03 -7.90
C ASP A 93 15.03 -32.37 -6.72
N GLU A 94 14.50 -32.31 -5.49
CA GLU A 94 15.23 -32.78 -4.30
C GLU A 94 15.34 -34.31 -4.32
N PHE A 95 14.27 -34.98 -4.76
CA PHE A 95 14.25 -36.44 -4.90
C PHE A 95 15.28 -36.97 -5.92
N ILE A 96 15.51 -36.22 -7.00
CA ILE A 96 16.47 -36.61 -8.05
C ILE A 96 17.89 -36.76 -7.46
N LEU A 97 18.24 -35.90 -6.50
CA LEU A 97 19.58 -35.91 -5.88
C LEU A 97 19.50 -36.11 -4.37
N GLY A 98 19.66 -37.37 -3.93
CA GLY A 98 19.81 -37.72 -2.52
C GLY A 98 18.63 -38.46 -1.92
N ASN A 99 17.57 -37.72 -1.59
CA ASN A 99 16.42 -38.28 -0.88
C ASN A 99 15.60 -39.19 -1.78
N THR A 100 15.33 -40.40 -1.32
CA THR A 100 14.47 -41.37 -2.03
C THR A 100 13.12 -41.60 -1.34
N THR A 101 12.97 -41.19 -0.08
CA THR A 101 11.70 -41.31 0.65
C THR A 101 10.62 -40.32 0.16
N LEU A 102 11.03 -39.28 -0.55
CA LEU A 102 10.09 -38.33 -1.17
C LEU A 102 9.21 -38.94 -2.27
N GLN A 103 9.63 -40.07 -2.85
CA GLN A 103 8.83 -40.80 -3.84
C GLN A 103 7.39 -41.09 -3.39
N THR A 104 7.22 -41.41 -2.11
CA THR A 104 5.91 -41.71 -1.55
C THR A 104 4.96 -40.53 -1.70
N ILE A 105 5.40 -39.34 -1.29
CA ILE A 105 4.57 -38.12 -1.37
C ILE A 105 4.41 -37.63 -2.83
N ILE A 106 5.39 -37.91 -3.69
CA ILE A 106 5.31 -37.60 -5.13
C ILE A 106 4.21 -38.42 -5.80
N GLU A 107 4.20 -39.72 -5.55
CA GLU A 107 3.24 -40.63 -6.20
C GLU A 107 1.80 -40.48 -5.71
N GLN A 108 1.61 -40.03 -4.46
CA GLN A 108 0.27 -39.63 -3.98
C GLN A 108 -0.22 -38.34 -4.65
N TYR A 109 0.70 -37.40 -4.89
CA TYR A 109 0.39 -36.16 -5.64
C TYR A 109 -0.08 -36.46 -7.07
N ILE A 110 0.56 -37.45 -7.70
CA ILE A 110 0.16 -37.89 -9.05
C ILE A 110 -1.27 -38.43 -9.03
N HIS A 111 -1.63 -39.17 -7.97
CA HIS A 111 -3.01 -39.61 -7.74
C HIS A 111 -3.93 -38.42 -7.39
N ALA A 112 -3.43 -37.52 -6.56
CA ALA A 112 -4.19 -36.35 -6.10
C ALA A 112 -4.67 -35.47 -7.25
N GLN A 113 -3.71 -34.99 -8.06
CA GLN A 113 -4.00 -34.06 -9.14
C GLN A 113 -4.72 -34.75 -10.31
N ALA A 114 -4.53 -36.07 -10.46
CA ALA A 114 -5.30 -36.87 -11.41
C ALA A 114 -6.80 -36.80 -11.15
N VAL A 115 -7.17 -36.86 -9.86
CA VAL A 115 -8.56 -36.71 -9.44
C VAL A 115 -8.98 -35.23 -9.54
N LEU A 116 -8.21 -34.35 -8.90
CA LEU A 116 -8.49 -32.90 -8.88
C LEU A 116 -8.89 -32.31 -10.23
N GLN A 117 -8.27 -32.80 -11.32
CA GLN A 117 -8.66 -32.43 -12.70
C GLN A 117 -10.17 -32.49 -12.95
N THR A 118 -10.80 -33.59 -12.57
CA THR A 118 -12.23 -33.80 -12.84
C THR A 118 -13.18 -32.93 -12.01
N VAL A 119 -12.68 -32.37 -10.89
CA VAL A 119 -13.51 -31.64 -9.94
C VAL A 119 -14.09 -30.39 -10.60
N SER A 120 -15.42 -30.34 -10.72
CA SER A 120 -16.13 -29.17 -11.24
C SER A 120 -16.11 -28.08 -10.19
N ASN A 121 -15.78 -26.86 -10.62
CA ASN A 121 -15.48 -25.73 -9.73
C ASN A 121 -15.98 -24.42 -10.35
N PRO A 122 -16.01 -23.31 -9.58
CA PRO A 122 -16.59 -22.06 -10.12
C PRO A 122 -16.00 -21.52 -11.44
N SER A 123 -14.75 -21.86 -11.75
CA SER A 123 -14.18 -21.55 -13.07
C SER A 123 -14.90 -22.30 -14.18
N GLY A 124 -15.09 -23.60 -13.99
CA GLY A 124 -15.89 -24.41 -14.91
C GLY A 124 -15.78 -25.92 -14.73
N THR A 125 -16.41 -26.65 -15.65
CA THR A 125 -16.38 -28.12 -15.68
C THR A 125 -15.13 -28.63 -16.43
N PHE A 126 -14.89 -29.94 -16.33
CA PHE A 126 -13.70 -30.57 -16.88
C PHE A 126 -13.83 -31.04 -18.33
N LEU A 127 -14.99 -31.60 -18.69
CA LEU A 127 -15.11 -32.32 -19.98
C LEU A 127 -15.26 -31.44 -21.23
N PRO A 128 -16.38 -30.71 -21.35
CA PRO A 128 -16.77 -30.13 -22.65
C PRO A 128 -15.66 -29.31 -23.32
N ASP A 129 -15.15 -28.31 -22.61
CA ASP A 129 -14.06 -27.46 -23.12
C ASP A 129 -12.80 -27.47 -22.25
N GLY A 130 -12.83 -28.15 -21.11
CA GLY A 130 -11.70 -28.20 -20.19
C GLY A 130 -11.39 -26.86 -19.54
N VAL A 131 -12.42 -26.27 -18.93
CA VAL A 131 -12.30 -24.92 -18.35
C VAL A 131 -11.91 -24.95 -16.86
N GLY A 132 -12.34 -25.99 -16.14
CA GLY A 132 -12.10 -26.10 -14.70
C GLY A 132 -10.68 -26.22 -14.20
N LEU A 133 -9.73 -26.50 -15.09
CA LEU A 133 -8.32 -26.67 -14.69
C LEU A 133 -7.65 -25.38 -14.21
N GLY A 134 -8.15 -24.22 -14.67
CA GLY A 134 -7.61 -22.93 -14.27
C GLY A 134 -7.92 -22.44 -12.87
N GLU A 135 -8.86 -23.11 -12.18
CA GLU A 135 -9.27 -22.69 -10.83
C GLU A 135 -8.08 -22.86 -9.88
N PRO A 136 -7.63 -21.76 -9.25
CA PRO A 136 -6.36 -21.79 -8.49
C PRO A 136 -6.38 -22.50 -7.14
N LYS A 137 -7.56 -22.64 -6.54
CA LYS A 137 -7.69 -22.96 -5.13
C LYS A 137 -8.80 -23.98 -4.90
N PHE A 138 -8.47 -25.05 -4.18
CA PHE A 138 -9.45 -26.04 -3.74
C PHE A 138 -9.33 -26.24 -2.25
N MET A 139 -10.28 -26.99 -1.69
CA MET A 139 -10.26 -27.35 -0.27
C MET A 139 -9.09 -28.33 -0.05
N VAL A 140 -8.70 -28.54 1.21
CA VAL A 140 -7.61 -29.48 1.53
C VAL A 140 -8.00 -30.93 1.17
N ASP A 141 -9.29 -31.16 0.96
CA ASP A 141 -9.83 -32.35 0.31
C ASP A 141 -9.43 -32.47 -1.17
N GLY A 142 -9.89 -31.50 -1.96
CA GLY A 142 -10.07 -31.67 -3.39
C GLY A 142 -11.54 -31.64 -3.78
N THR A 143 -12.39 -31.13 -2.88
CA THR A 143 -13.74 -30.69 -3.15
C THR A 143 -13.67 -29.23 -3.61
N ARG A 144 -14.70 -28.76 -4.32
CA ARG A 144 -14.69 -27.41 -4.89
C ARG A 144 -14.68 -26.32 -3.81
N PHE A 145 -14.02 -25.21 -4.11
CA PHE A 145 -14.09 -24.00 -3.29
C PHE A 145 -15.09 -23.05 -3.94
N ASN A 146 -16.25 -22.89 -3.29
CA ASN A 146 -17.38 -22.14 -3.86
C ASN A 146 -17.28 -20.62 -3.70
N GLY A 147 -16.48 -20.15 -2.73
CA GLY A 147 -16.40 -18.72 -2.42
C GLY A 147 -15.78 -17.87 -3.52
N PRO A 148 -15.99 -16.54 -3.46
CA PRO A 148 -15.51 -15.63 -4.50
C PRO A 148 -13.99 -15.50 -4.45
N TRP A 149 -13.36 -15.48 -5.63
CA TRP A 149 -11.91 -15.53 -5.74
C TRP A 149 -11.44 -14.99 -7.10
N GLY A 150 -10.16 -14.65 -7.19
CA GLY A 150 -9.56 -14.21 -8.45
C GLY A 150 -9.32 -15.37 -9.39
N ARG A 151 -10.34 -15.68 -10.20
CA ARG A 151 -10.30 -16.81 -11.13
C ARG A 151 -10.74 -16.38 -12.54
N PRO A 152 -10.26 -17.03 -13.60
CA PRO A 152 -9.26 -18.11 -13.56
C PRO A 152 -7.84 -17.55 -13.52
N GLN A 153 -6.87 -18.40 -13.15
CA GLN A 153 -5.46 -17.98 -13.02
C GLN A 153 -4.50 -18.52 -14.10
N ARG A 154 -4.86 -19.61 -14.78
CA ARG A 154 -4.20 -20.04 -16.03
C ARG A 154 -2.72 -20.48 -15.93
N ASP A 155 -2.14 -20.45 -14.73
CA ASP A 155 -0.71 -20.79 -14.53
C ASP A 155 -0.49 -22.12 -13.80
N GLY A 156 -1.45 -22.52 -12.97
CA GLY A 156 -1.43 -23.83 -12.31
C GLY A 156 -1.21 -25.01 -13.24
N PRO A 157 -1.98 -25.08 -14.35
CA PRO A 157 -1.77 -26.11 -15.39
C PRO A 157 -0.33 -26.19 -15.92
N ALA A 158 0.30 -25.03 -16.13
CA ALA A 158 1.70 -24.98 -16.56
C ALA A 158 2.61 -25.60 -15.49
N LEU A 159 2.56 -25.04 -14.28
CA LEU A 159 3.41 -25.51 -13.16
C LEU A 159 3.17 -26.99 -12.78
N ARG A 160 1.92 -27.45 -12.91
CA ARG A 160 1.57 -28.85 -12.67
C ARG A 160 2.09 -29.76 -13.79
N ALA A 161 2.04 -29.27 -15.02
CA ALA A 161 2.68 -29.97 -16.15
C ALA A 161 4.19 -30.02 -15.97
N ILE A 162 4.80 -28.88 -15.66
CA ILE A 162 6.25 -28.76 -15.45
C ILE A 162 6.72 -29.68 -14.30
N ALA A 163 5.90 -29.79 -13.25
CA ALA A 163 6.22 -30.69 -12.14
C ALA A 163 6.21 -32.16 -12.57
N LEU A 164 5.11 -32.59 -13.16
CA LEU A 164 4.97 -33.99 -13.61
C LEU A 164 5.91 -34.36 -14.77
N MET A 165 6.23 -33.40 -15.62
CA MET A 165 7.21 -33.60 -16.71
C MET A 165 8.63 -33.79 -16.17
N THR A 166 9.00 -33.05 -15.13
CA THR A 166 10.31 -33.21 -14.48
C THR A 166 10.45 -34.52 -13.67
N TYR A 167 9.34 -35.12 -13.27
CA TYR A 167 9.34 -36.46 -12.64
C TYR A 167 9.32 -37.57 -13.68
N SER A 168 8.44 -37.44 -14.68
CA SER A 168 8.27 -38.49 -15.69
C SER A 168 9.48 -38.65 -16.61
N ASN A 169 10.20 -37.56 -16.89
CA ASN A 169 11.43 -37.63 -17.69
C ASN A 169 12.62 -38.25 -16.93
N TRP A 170 12.52 -38.33 -15.60
CA TRP A 170 13.45 -39.13 -14.79
C TRP A 170 13.09 -40.62 -14.87
N LEU A 171 11.79 -40.93 -14.85
CA LEU A 171 11.31 -42.31 -14.92
C LEU A 171 11.69 -43.02 -16.23
N ILE A 172 11.59 -42.31 -17.35
CA ILE A 172 12.05 -42.84 -18.65
C ILE A 172 13.57 -43.05 -18.66
N LYS A 173 14.31 -42.13 -18.05
CA LYS A 173 15.77 -42.23 -17.93
C LYS A 173 16.24 -43.33 -16.98
N ASN A 174 15.44 -43.62 -15.95
CA ASN A 174 15.76 -44.66 -14.95
C ASN A 174 14.91 -45.93 -15.10
N GLY A 175 14.68 -46.35 -16.33
CA GLY A 175 14.07 -47.65 -16.64
C GLY A 175 12.69 -47.91 -16.09
N GLN A 176 11.82 -46.92 -16.15
CA GLN A 176 10.42 -47.06 -15.74
C GLN A 176 9.54 -46.25 -16.71
N PHE A 177 9.73 -46.54 -18.00
CA PHE A 177 9.05 -45.84 -19.09
C PHE A 177 7.53 -46.03 -19.03
N ALA A 178 7.09 -47.22 -18.66
CA ALA A 178 5.66 -47.56 -18.57
C ALA A 178 4.87 -46.54 -17.74
N GLU A 179 5.37 -46.23 -16.55
CA GLU A 179 4.71 -45.29 -15.63
C GLU A 179 4.57 -43.88 -16.24
N ALA A 180 5.64 -43.41 -16.87
CA ALA A 180 5.63 -42.09 -17.52
C ALA A 180 4.62 -42.00 -18.67
N LYS A 181 4.53 -43.06 -19.47
CA LYS A 181 3.65 -43.09 -20.66
C LYS A 181 2.20 -43.39 -20.32
N THR A 182 1.96 -44.47 -19.55
CA THR A 182 0.60 -44.99 -19.34
C THR A 182 -0.23 -44.20 -18.31
N LYS A 183 0.41 -43.74 -17.22
CA LYS A 183 -0.31 -43.15 -16.09
C LYS A 183 -0.08 -41.65 -15.90
N ILE A 184 1.17 -41.20 -15.91
CA ILE A 184 1.49 -39.78 -15.67
C ILE A 184 1.13 -38.87 -16.86
N TRP A 185 1.32 -39.35 -18.09
CA TRP A 185 1.06 -38.52 -19.28
C TRP A 185 -0.37 -37.96 -19.43
N PRO A 186 -1.42 -38.81 -19.30
CA PRO A 186 -2.78 -38.29 -19.46
C PRO A 186 -3.20 -37.18 -18.46
N ILE A 187 -2.46 -37.03 -17.35
CA ILE A 187 -2.59 -35.83 -16.49
C ILE A 187 -2.01 -34.63 -17.24
N ILE A 188 -0.77 -34.77 -17.72
CA ILE A 188 -0.06 -33.69 -18.43
C ILE A 188 -0.82 -33.28 -19.70
N ALA A 189 -1.31 -34.27 -20.44
CA ALA A 189 -2.07 -34.06 -21.69
C ALA A 189 -3.22 -33.07 -21.56
N ASN A 190 -3.90 -33.09 -20.42
CA ASN A 190 -5.01 -32.16 -20.15
C ASN A 190 -4.50 -30.77 -19.81
N ASP A 191 -3.44 -30.71 -19.00
CA ASP A 191 -2.92 -29.45 -18.48
C ASP A 191 -2.22 -28.57 -19.53
N LEU A 192 -1.54 -29.19 -20.50
CA LEU A 192 -0.98 -28.43 -21.63
C LEU A 192 -1.95 -28.31 -22.82
N SER A 193 -3.03 -29.10 -22.83
CA SER A 193 -4.20 -28.82 -23.66
C SER A 193 -4.89 -27.54 -23.22
N TYR A 194 -4.94 -27.31 -21.90
CA TYR A 194 -5.45 -26.07 -21.32
C TYR A 194 -4.63 -24.87 -21.77
N VAL A 195 -3.30 -25.00 -21.69
CA VAL A 195 -2.41 -23.91 -22.06
C VAL A 195 -2.54 -23.63 -23.56
N GLY A 196 -2.55 -24.68 -24.37
CA GLY A 196 -2.80 -24.56 -25.81
C GLY A 196 -4.10 -23.83 -26.17
N GLN A 197 -5.16 -24.14 -25.42
CA GLN A 197 -6.49 -23.57 -25.69
C GLN A 197 -6.71 -22.16 -25.10
N TYR A 198 -6.04 -21.84 -24.00
CA TYR A 198 -6.37 -20.64 -23.22
C TYR A 198 -5.20 -19.69 -22.88
N TRP A 199 -4.02 -19.86 -23.49
CA TRP A 199 -2.90 -18.96 -23.21
C TRP A 199 -3.17 -17.52 -23.63
N ASN A 200 -3.85 -17.35 -24.77
CA ASN A 200 -4.10 -16.04 -25.37
C ASN A 200 -5.36 -15.34 -24.85
N GLN A 201 -6.11 -15.99 -23.97
CA GLN A 201 -7.18 -15.32 -23.21
C GLN A 201 -6.64 -14.95 -21.83
N SER A 202 -7.12 -13.83 -21.30
CA SER A 202 -6.59 -13.26 -20.06
C SER A 202 -6.96 -14.09 -18.82
N GLY A 203 -6.24 -13.83 -17.73
CA GLY A 203 -6.50 -14.46 -16.43
C GLY A 203 -6.01 -13.59 -15.29
N PHE A 204 -5.99 -14.14 -14.09
CA PHE A 204 -5.41 -13.47 -12.93
C PHE A 204 -3.93 -13.82 -12.80
N ASP A 205 -3.13 -12.86 -12.32
CA ASP A 205 -1.70 -13.09 -12.09
C ASP A 205 -1.45 -14.01 -10.89
N LEU A 206 -0.18 -14.33 -10.63
CA LEU A 206 0.20 -15.20 -9.49
C LEU A 206 -0.17 -14.62 -8.12
N TRP A 207 -0.28 -13.29 -8.01
CA TRP A 207 -0.72 -12.63 -6.78
C TRP A 207 -2.25 -12.59 -6.58
N GLU A 208 -3.01 -13.10 -7.54
CA GLU A 208 -4.47 -13.30 -7.42
C GLU A 208 -5.25 -11.97 -7.34
N GLU A 209 -4.79 -10.98 -8.10
CA GLU A 209 -5.29 -9.60 -7.98
C GLU A 209 -5.63 -9.00 -9.34
N THR A 210 -4.61 -8.80 -10.18
CA THR A 210 -4.79 -8.10 -11.45
C THR A 210 -5.27 -9.08 -12.51
N TYR A 211 -6.49 -8.86 -13.02
CA TYR A 211 -7.04 -9.66 -14.12
C TYR A 211 -6.41 -9.19 -15.43
N ALA A 212 -5.26 -9.80 -15.76
CA ALA A 212 -4.48 -9.39 -16.94
C ALA A 212 -3.52 -10.49 -17.38
N SER A 213 -2.92 -10.28 -18.55
CA SER A 213 -1.85 -11.14 -19.04
C SER A 213 -0.59 -10.92 -18.20
N SER A 214 -0.22 -11.92 -17.41
CA SER A 214 0.90 -11.85 -16.48
C SER A 214 2.17 -12.47 -17.07
N PHE A 215 3.32 -11.96 -16.67
CA PHE A 215 4.63 -12.42 -17.18
C PHE A 215 5.00 -13.80 -16.66
N PHE A 216 4.82 -14.02 -15.35
CA PHE A 216 5.06 -15.31 -14.71
C PHE A 216 4.21 -16.41 -15.31
N THR A 217 2.94 -16.09 -15.54
CA THR A 217 1.99 -17.03 -16.13
C THR A 217 2.36 -17.41 -17.57
N ILE A 218 2.77 -16.42 -18.37
CA ILE A 218 3.12 -16.64 -19.78
C ILE A 218 4.47 -17.37 -19.94
N GLN A 219 5.48 -16.95 -19.17
CA GLN A 219 6.81 -17.55 -19.27
C GLN A 219 6.83 -19.03 -18.84
N ASN A 220 6.09 -19.36 -17.78
CA ASN A 220 5.99 -20.75 -17.30
C ASN A 220 5.14 -21.63 -18.22
N GLN A 221 4.08 -21.06 -18.80
CA GLN A 221 3.23 -21.82 -19.73
C GLN A 221 3.81 -21.89 -21.14
N HIS A 222 4.82 -21.08 -21.45
CA HIS A 222 5.68 -21.30 -22.62
C HIS A 222 6.48 -22.59 -22.43
N ARG A 223 7.18 -22.67 -21.30
CA ARG A 223 7.99 -23.84 -20.93
C ARG A 223 7.20 -25.15 -20.96
N ALA A 224 5.96 -25.11 -20.47
CA ALA A 224 5.09 -26.30 -20.41
C ALA A 224 4.76 -26.90 -21.79
N LEU A 225 4.76 -26.07 -22.82
CA LEU A 225 4.58 -26.52 -24.22
C LEU A 225 5.88 -27.02 -24.85
N VAL A 226 6.98 -26.31 -24.60
CA VAL A 226 8.28 -26.66 -25.21
C VAL A 226 8.85 -27.95 -24.60
N GLU A 227 8.91 -27.99 -23.27
CA GLU A 227 9.34 -29.19 -22.54
C GLU A 227 8.32 -30.33 -22.69
N GLY A 228 7.03 -29.98 -22.76
CA GLY A 228 5.96 -30.95 -22.97
C GLY A 228 5.95 -31.59 -24.35
N ALA A 229 6.40 -30.84 -25.36
CA ALA A 229 6.54 -31.37 -26.73
C ALA A 229 7.65 -32.42 -26.84
N GLN A 230 8.75 -32.17 -26.13
CA GLN A 230 9.89 -33.11 -26.13
C GLN A 230 9.57 -34.42 -25.41
N LEU A 231 8.83 -34.35 -24.30
CA LEU A 231 8.38 -35.54 -23.58
C LEU A 231 7.29 -36.29 -24.35
N ALA A 232 6.43 -35.57 -25.07
CA ALA A 232 5.44 -36.18 -25.95
C ALA A 232 6.11 -36.98 -27.09
N HIS A 233 7.20 -36.44 -27.61
CA HIS A 233 8.00 -37.10 -28.65
C HIS A 233 8.65 -38.39 -28.15
N ASP A 234 9.28 -38.36 -26.98
CA ASP A 234 10.01 -39.53 -26.46
C ASP A 234 9.06 -40.61 -25.90
N LEU A 235 7.90 -40.20 -25.37
CA LEU A 235 6.84 -41.15 -24.98
C LEU A 235 6.14 -41.76 -26.20
N GLY A 236 6.09 -41.02 -27.30
CA GLY A 236 5.47 -41.50 -28.54
C GLY A 236 3.98 -41.28 -28.52
N VAL A 237 3.59 -40.04 -28.23
CA VAL A 237 2.18 -39.62 -28.19
C VAL A 237 2.04 -38.18 -28.70
N THR A 238 0.86 -37.85 -29.21
CA THR A 238 0.60 -36.53 -29.80
C THR A 238 0.12 -35.48 -28.80
N CYS A 239 1.01 -34.57 -28.43
CA CYS A 239 0.65 -33.44 -27.56
C CYS A 239 -0.21 -32.43 -28.33
N THR A 240 -1.49 -32.38 -27.98
CA THR A 240 -2.41 -31.37 -28.50
C THR A 240 -2.32 -30.15 -27.59
N GLY A 241 -1.87 -29.03 -28.15
CA GLY A 241 -1.60 -27.80 -27.39
C GLY A 241 -0.17 -27.30 -27.55
N CYS A 242 0.76 -28.24 -27.78
CA CYS A 242 2.18 -27.90 -28.01
C CYS A 242 2.45 -26.99 -29.22
N ASP A 243 1.49 -26.91 -30.15
CA ASP A 243 1.55 -26.02 -31.32
C ASP A 243 1.89 -24.56 -31.02
N GLN A 244 1.39 -24.04 -29.90
CA GLN A 244 1.39 -22.61 -29.63
C GLN A 244 2.70 -22.04 -29.06
N ALA A 245 3.71 -22.89 -28.84
CA ALA A 245 4.98 -22.48 -28.23
C ALA A 245 5.67 -21.24 -28.85
N PRO A 246 5.68 -21.13 -30.20
CA PRO A 246 6.25 -19.92 -30.81
C PRO A 246 5.42 -18.65 -30.54
N GLU A 247 4.10 -18.77 -30.62
CA GLU A 247 3.18 -17.64 -30.41
C GLU A 247 3.13 -17.16 -28.96
N VAL A 248 3.31 -18.07 -28.01
CA VAL A 248 3.41 -17.72 -26.58
C VAL A 248 4.71 -16.97 -26.34
N LEU A 249 5.80 -17.46 -26.94
CA LEU A 249 7.11 -16.82 -26.88
C LEU A 249 7.12 -15.45 -27.58
N CYS A 250 6.33 -15.33 -28.66
CA CYS A 250 6.16 -14.07 -29.39
C CYS A 250 5.52 -13.00 -28.49
N PHE A 251 4.44 -13.38 -27.81
CA PHE A 251 3.73 -12.48 -26.89
C PHE A 251 4.56 -12.10 -25.65
N LEU A 252 5.45 -12.98 -25.21
CA LEU A 252 6.35 -12.71 -24.07
C LEU A 252 7.28 -11.51 -24.31
N GLN A 253 7.54 -11.17 -25.57
CA GLN A 253 8.38 -10.01 -25.93
C GLN A 253 7.71 -8.65 -25.65
N SER A 254 6.37 -8.63 -25.59
CA SER A 254 5.60 -7.41 -25.30
C SER A 254 5.73 -6.88 -23.87
N PHE A 255 6.15 -7.74 -22.94
CA PHE A 255 6.22 -7.39 -21.51
C PHE A 255 7.35 -6.41 -21.19
N TRP A 256 8.46 -6.52 -21.93
CA TRP A 256 9.61 -5.61 -21.80
C TRP A 256 9.21 -4.16 -22.10
N ASN A 257 9.83 -3.23 -21.37
CA ASN A 257 9.45 -1.82 -21.41
C ASN A 257 10.68 -0.92 -21.18
N GLY A 258 11.52 -0.80 -22.21
CA GLY A 258 12.61 0.16 -22.23
C GLY A 258 13.72 -0.05 -21.22
N LYS A 259 13.42 0.28 -19.96
CA LYS A 259 14.38 0.16 -18.84
C LYS A 259 14.16 -1.15 -18.06
N TYR A 260 12.90 -1.45 -17.75
CA TYR A 260 12.53 -2.62 -16.94
C TYR A 260 11.42 -3.41 -17.63
N ILE A 261 11.08 -4.56 -17.04
CA ILE A 261 10.03 -5.44 -17.58
C ILE A 261 8.71 -5.29 -16.80
N VAL A 262 7.65 -4.92 -17.52
CA VAL A 262 6.31 -4.81 -16.94
C VAL A 262 5.75 -6.22 -16.76
N SER A 263 5.41 -6.57 -15.53
CA SER A 263 4.94 -7.92 -15.21
C SER A 263 3.54 -8.21 -15.74
N ASN A 264 2.63 -7.24 -15.59
CA ASN A 264 1.26 -7.39 -16.08
C ASN A 264 0.98 -6.41 -17.21
N ILE A 265 0.84 -6.98 -18.42
CA ILE A 265 0.60 -6.24 -19.65
C ILE A 265 -0.87 -6.42 -20.03
N ASN A 266 -1.37 -5.57 -20.93
CA ASN A 266 -2.70 -5.68 -21.51
C ASN A 266 -3.82 -5.17 -20.57
N VAL A 267 -3.46 -4.37 -19.56
CA VAL A 267 -4.41 -3.64 -18.71
C VAL A 267 -3.85 -2.30 -18.25
N ASN A 268 -4.72 -1.49 -17.64
CA ASN A 268 -4.33 -0.34 -16.84
C ASN A 268 -4.88 -0.55 -15.45
N ASN A 269 -4.00 -0.84 -14.49
CA ASN A 269 -4.37 -0.98 -13.07
C ASN A 269 -3.63 0.02 -12.17
N GLY A 270 -2.98 1.01 -12.79
CA GLY A 270 -2.23 2.03 -12.05
C GLY A 270 -0.94 1.58 -11.37
N ARG A 271 -0.43 0.40 -11.75
CA ARG A 271 0.83 -0.11 -11.20
C ARG A 271 1.99 0.24 -12.13
N THR A 272 3.20 0.24 -11.56
CA THR A 272 4.42 0.53 -12.33
C THR A 272 4.68 -0.54 -13.38
N GLY A 273 4.62 -1.80 -12.96
CA GLY A 273 5.06 -2.94 -13.77
C GLY A 273 6.23 -3.66 -13.11
N LEU A 274 7.03 -2.93 -12.34
CA LEU A 274 8.08 -3.52 -11.52
C LEU A 274 7.43 -4.44 -10.50
N ASP A 275 7.85 -5.71 -10.50
CA ASP A 275 7.17 -6.73 -9.73
C ASP A 275 8.06 -7.97 -9.56
N GLY A 276 7.98 -8.61 -8.39
CA GLY A 276 8.67 -9.87 -8.11
C GLY A 276 8.25 -11.01 -9.02
N ASN A 277 7.03 -10.90 -9.57
CA ASN A 277 6.56 -11.63 -10.76
C ASN A 277 7.68 -11.90 -11.76
N SER A 278 8.43 -10.84 -12.10
CA SER A 278 9.54 -10.91 -13.05
C SER A 278 10.67 -11.84 -12.64
N ILE A 279 11.11 -11.72 -11.39
CA ILE A 279 12.16 -12.58 -10.83
C ILE A 279 11.67 -14.02 -10.72
N LEU A 280 10.46 -14.20 -10.20
CA LEU A 280 9.88 -15.54 -10.01
C LEU A 280 9.64 -16.30 -11.33
N GLY A 281 9.40 -15.57 -12.41
CA GLY A 281 9.29 -16.17 -13.74
C GLY A 281 10.62 -16.71 -14.26
N ALA A 282 11.70 -15.96 -14.00
CA ALA A 282 13.03 -16.32 -14.46
C ALA A 282 13.60 -17.54 -13.73
N ILE A 283 13.48 -17.54 -12.40
CA ILE A 283 13.97 -18.65 -11.57
C ILE A 283 13.18 -19.96 -11.80
N SER A 284 11.88 -19.85 -12.07
CA SER A 284 11.02 -21.01 -12.33
C SER A 284 11.10 -21.52 -13.78
N THR A 285 11.70 -20.74 -14.67
CA THR A 285 11.94 -21.13 -16.07
C THR A 285 13.46 -21.14 -16.30
N PHE A 286 14.17 -21.86 -15.43
CA PHE A 286 15.63 -21.86 -15.40
C PHE A 286 16.22 -23.02 -16.21
N ASP A 287 17.17 -22.70 -17.09
CA ASP A 287 17.92 -23.68 -17.87
C ASP A 287 19.41 -23.32 -17.84
N ILE A 288 20.26 -24.36 -17.81
CA ILE A 288 21.71 -24.20 -17.70
C ILE A 288 22.37 -24.30 -19.08
N ASP A 289 21.87 -25.21 -19.92
CA ASP A 289 22.34 -25.37 -21.30
C ASP A 289 22.05 -24.14 -22.19
N ALA A 290 21.05 -23.34 -21.82
CA ALA A 290 20.71 -22.11 -22.55
C ALA A 290 21.81 -21.07 -22.46
N TYR A 291 21.79 -20.13 -23.38
CA TYR A 291 22.66 -18.94 -23.33
C TYR A 291 21.78 -17.70 -23.17
N CYS A 292 22.43 -16.62 -22.79
CA CYS A 292 21.74 -15.36 -22.50
C CYS A 292 21.14 -14.67 -23.73
N ASP A 293 21.59 -15.08 -24.93
CA ASP A 293 20.99 -14.68 -26.20
C ASP A 293 19.51 -15.06 -26.33
N SER A 294 19.11 -16.19 -25.75
CA SER A 294 17.78 -16.78 -25.96
C SER A 294 16.60 -15.83 -25.69
N PRO A 295 15.51 -15.95 -26.48
CA PRO A 295 14.33 -15.11 -26.28
C PRO A 295 13.30 -15.67 -25.28
N THR A 296 13.66 -16.72 -24.54
CA THR A 296 12.86 -17.20 -23.40
C THR A 296 13.04 -16.37 -22.11
N LEU A 297 13.94 -15.38 -22.12
CA LEU A 297 14.18 -14.44 -21.01
C LEU A 297 14.70 -15.15 -19.75
N GLN A 298 15.91 -15.66 -19.86
CA GLN A 298 16.59 -16.34 -18.74
C GLN A 298 17.09 -15.33 -17.71
N PRO A 299 17.50 -15.82 -16.51
CA PRO A 299 18.12 -14.95 -15.50
C PRO A 299 19.37 -14.20 -15.98
N CYS A 300 20.19 -14.82 -16.84
CA CYS A 300 21.40 -14.20 -17.38
C CYS A 300 21.17 -13.29 -18.60
N HIS A 301 19.96 -13.33 -19.18
CA HIS A 301 19.58 -12.46 -20.32
C HIS A 301 19.60 -10.99 -19.91
N SER A 302 20.05 -10.13 -20.84
CA SER A 302 20.32 -8.71 -20.56
C SER A 302 19.13 -7.95 -19.96
N GLN A 303 17.99 -8.03 -20.64
CA GLN A 303 16.74 -7.40 -20.18
C GLN A 303 16.31 -7.84 -18.78
N SER A 304 16.50 -9.12 -18.47
CA SER A 304 16.19 -9.65 -17.12
C SER A 304 17.11 -9.09 -16.03
N LEU A 305 18.39 -8.85 -16.37
CA LEU A 305 19.34 -8.23 -15.44
C LEU A 305 18.98 -6.76 -15.18
N ALA A 306 18.64 -6.03 -16.24
CA ALA A 306 18.25 -4.63 -16.14
C ALA A 306 16.96 -4.43 -15.35
N ASN A 307 16.05 -5.40 -15.42
CA ASN A 307 14.86 -5.43 -14.55
C ASN A 307 15.27 -5.60 -13.10
N PHE A 308 16.06 -6.63 -12.83
CA PHE A 308 16.54 -6.94 -11.47
C PHE A 308 17.16 -5.72 -10.77
N LYS A 309 17.86 -4.88 -11.54
CA LYS A 309 18.39 -3.63 -11.03
C LYS A 309 17.28 -2.70 -10.53
N VAL A 310 16.39 -2.30 -11.42
CA VAL A 310 15.35 -1.31 -11.11
C VAL A 310 14.32 -1.88 -10.13
N LEU A 311 14.04 -3.18 -10.25
CA LEU A 311 13.11 -3.86 -9.34
C LEU A 311 13.63 -3.87 -7.91
N THR A 312 14.89 -4.30 -7.72
CA THR A 312 15.49 -4.35 -6.39
C THR A 312 15.82 -2.96 -5.83
N ASP A 313 16.14 -2.00 -6.71
CA ASP A 313 16.40 -0.61 -6.30
C ASP A 313 15.16 0.13 -5.79
N THR A 314 13.99 -0.19 -6.33
CA THR A 314 12.73 0.40 -5.83
C THR A 314 12.40 -0.11 -4.43
N PHE A 315 12.60 -1.41 -4.19
CA PHE A 315 12.44 -1.98 -2.84
C PHE A 315 13.54 -1.53 -1.87
N ARG A 316 14.74 -1.28 -2.40
CA ARG A 316 15.84 -0.67 -1.63
C ARG A 316 15.45 0.70 -1.06
N ASN A 317 14.60 1.42 -1.81
CA ASN A 317 14.12 2.75 -1.41
C ASN A 317 12.75 2.73 -0.71
N LEU A 318 11.90 1.75 -1.03
CA LEU A 318 10.55 1.62 -0.42
C LEU A 318 10.60 1.39 1.09
N TYR A 319 11.12 0.23 1.50
CA TYR A 319 10.96 -0.24 2.87
C TYR A 319 12.00 0.37 3.81
N THR A 320 11.60 0.58 5.06
CA THR A 320 12.46 1.17 6.10
C THR A 320 13.64 0.25 6.46
N ILE A 321 13.42 -1.05 6.34
CA ILE A 321 14.48 -2.07 6.51
C ILE A 321 15.71 -1.80 5.63
N ASN A 322 15.50 -1.28 4.43
CA ASN A 322 16.57 -0.97 3.49
C ASN A 322 17.04 0.49 3.61
N ALA A 323 17.30 0.91 4.85
CA ALA A 323 17.72 2.28 5.12
C ALA A 323 19.21 2.41 4.84
N GLY A 324 19.53 2.95 3.66
CA GLY A 324 20.92 3.24 3.28
C GLY A 324 21.79 2.02 3.03
N ILE A 325 21.19 0.94 2.51
CA ILE A 325 21.97 -0.22 2.07
C ILE A 325 22.57 0.13 0.69
N PRO A 326 23.90 -0.05 0.52
CA PRO A 326 24.57 0.26 -0.76
C PRO A 326 24.01 -0.42 -2.00
N GLU A 327 24.39 0.10 -3.17
CA GLU A 327 23.95 -0.43 -4.45
C GLU A 327 24.55 -1.81 -4.79
N GLY A 328 25.70 -2.12 -4.20
CA GLY A 328 26.34 -3.44 -4.36
C GLY A 328 26.04 -4.44 -3.26
N GLN A 329 24.91 -4.30 -2.57
CA GLN A 329 24.47 -5.24 -1.54
C GLN A 329 22.97 -5.49 -1.62
N GLY A 330 22.59 -6.76 -1.46
CA GLY A 330 21.19 -7.18 -1.50
C GLY A 330 20.32 -6.60 -0.40
N VAL A 331 19.01 -6.62 -0.64
CA VAL A 331 18.03 -5.96 0.21
C VAL A 331 16.74 -6.77 0.33
N ALA A 332 15.87 -6.36 1.24
CA ALA A 332 14.56 -6.98 1.42
C ALA A 332 13.68 -6.72 0.20
N VAL A 333 13.30 -7.78 -0.50
CA VAL A 333 12.50 -7.68 -1.72
C VAL A 333 11.05 -8.08 -1.42
N GLY A 334 10.12 -7.29 -1.95
CA GLY A 334 8.68 -7.56 -1.87
C GLY A 334 8.11 -7.88 -3.23
N ARG A 335 6.79 -7.81 -3.36
CA ARG A 335 6.14 -8.21 -4.62
C ARG A 335 5.87 -7.04 -5.57
N TYR A 336 5.41 -5.91 -5.06
CA TYR A 336 5.34 -4.68 -5.87
C TYR A 336 5.27 -3.40 -5.02
N ALA A 337 5.62 -2.28 -5.62
CA ALA A 337 5.69 -0.99 -4.93
C ALA A 337 4.33 -0.55 -4.37
N GLU A 338 3.25 -0.91 -5.07
CA GLU A 338 1.88 -0.59 -4.67
C GLU A 338 1.20 -1.69 -3.85
N ASP A 339 1.99 -2.58 -3.24
CA ASP A 339 1.43 -3.69 -2.43
C ASP A 339 0.81 -3.12 -1.16
N VAL A 340 -0.42 -3.53 -0.89
CA VAL A 340 -1.14 -3.15 0.35
C VAL A 340 -1.56 -4.35 1.21
N TYR A 341 -1.28 -5.58 0.76
CA TYR A 341 -1.76 -6.79 1.43
C TYR A 341 -1.01 -6.99 2.75
N MET A 342 -1.71 -6.73 3.85
CA MET A 342 -1.19 -6.87 5.21
C MET A 342 0.01 -5.95 5.51
N GLY A 343 -0.03 -4.74 4.96
CA GLY A 343 1.01 -3.73 5.19
C GLY A 343 1.82 -3.32 3.97
N GLY A 344 1.93 -4.23 2.99
CA GLY A 344 2.77 -4.00 1.82
C GLY A 344 4.22 -4.26 2.16
N ASN A 345 4.52 -5.53 2.43
CA ASN A 345 5.78 -5.95 3.05
C ASN A 345 6.69 -6.69 2.08
N PRO A 346 7.95 -6.96 2.49
CA PRO A 346 8.79 -7.91 1.77
C PRO A 346 8.42 -9.37 2.08
N TRP A 347 8.59 -10.24 1.09
CA TRP A 347 8.22 -11.65 1.18
C TRP A 347 9.46 -12.52 1.31
N TYR A 348 9.36 -13.59 2.09
CA TYR A 348 10.47 -14.53 2.26
C TYR A 348 10.82 -15.25 0.94
N LEU A 349 9.79 -15.70 0.23
CA LEU A 349 9.98 -16.44 -1.02
C LEU A 349 10.59 -15.61 -2.14
N ILE A 350 10.26 -14.32 -2.18
CA ILE A 350 10.76 -13.42 -3.22
C ILE A 350 12.21 -13.01 -2.93
N THR A 351 12.52 -12.77 -1.65
CA THR A 351 13.86 -12.36 -1.23
C THR A 351 14.89 -13.49 -1.45
N THR A 352 14.47 -14.74 -1.22
CA THR A 352 15.29 -15.91 -1.52
C THR A 352 15.41 -16.14 -3.02
N ALA A 353 14.31 -15.94 -3.74
CA ALA A 353 14.30 -16.04 -5.21
C ALA A 353 15.16 -14.96 -5.89
N ALA A 354 15.28 -13.80 -5.26
CA ALA A 354 16.18 -12.74 -5.74
C ALA A 354 17.66 -13.16 -5.67
N ALA A 355 18.01 -13.95 -4.65
CA ALA A 355 19.34 -14.55 -4.54
C ALA A 355 19.51 -15.65 -5.59
N GLU A 356 18.50 -16.53 -5.68
CA GLU A 356 18.48 -17.63 -6.66
C GLU A 356 18.60 -17.12 -8.10
N PHE A 357 18.01 -15.95 -8.38
CA PHE A 357 18.16 -15.27 -9.68
C PHE A 357 19.63 -15.01 -10.01
N LEU A 358 20.41 -14.54 -9.04
CA LEU A 358 21.85 -14.34 -9.20
C LEU A 358 22.63 -15.65 -9.28
N TYR A 359 22.23 -16.63 -8.44
CA TYR A 359 22.83 -17.98 -8.50
C TYR A 359 22.52 -18.73 -9.80
N ASP A 360 21.39 -18.40 -10.44
CA ASP A 360 21.09 -18.93 -11.78
C ASP A 360 21.96 -18.27 -12.86
N ALA A 361 22.08 -16.94 -12.78
CA ALA A 361 22.87 -16.17 -13.75
C ALA A 361 24.36 -16.49 -13.66
N VAL A 362 24.88 -16.63 -12.44
CA VAL A 362 26.30 -16.95 -12.22
C VAL A 362 26.65 -18.34 -12.79
N ALA A 363 25.71 -19.28 -12.72
CA ALA A 363 25.90 -20.63 -13.27
C ALA A 363 25.86 -20.65 -14.79
N GLN A 364 24.94 -19.87 -15.37
CA GLN A 364 24.77 -19.83 -16.83
C GLN A 364 25.97 -19.23 -17.56
N TRP A 365 26.61 -18.21 -16.98
CA TRP A 365 27.83 -17.62 -17.55
C TRP A 365 29.00 -18.60 -17.49
N LYS A 366 29.17 -19.27 -16.36
CA LYS A 366 30.16 -20.35 -16.20
C LYS A 366 29.88 -21.53 -17.15
N ALA A 367 28.60 -21.86 -17.32
CA ALA A 367 28.20 -22.97 -18.19
C ALA A 367 28.50 -22.73 -19.67
N ARG A 368 28.14 -21.54 -20.15
CA ARG A 368 28.37 -21.16 -21.56
C ARG A 368 29.68 -20.40 -21.79
N HIS A 369 30.45 -20.18 -20.73
CA HIS A 369 31.82 -19.65 -20.82
C HIS A 369 31.95 -18.27 -21.49
N VAL A 370 30.91 -17.45 -21.35
CA VAL A 370 30.86 -16.15 -22.03
C VAL A 370 29.92 -15.18 -21.32
N LEU A 371 30.29 -13.89 -21.34
CA LEU A 371 29.48 -12.82 -20.79
C LEU A 371 29.52 -11.64 -21.76
N THR A 372 28.53 -11.57 -22.64
CA THR A 372 28.37 -10.44 -23.55
C THR A 372 27.62 -9.32 -22.81
N VAL A 373 28.37 -8.55 -22.03
CA VAL A 373 27.79 -7.48 -21.20
C VAL A 373 27.26 -6.33 -22.06
N ASP A 374 25.94 -6.36 -22.28
CA ASP A 374 25.25 -5.39 -23.14
C ASP A 374 25.10 -4.05 -22.41
N GLU A 375 24.96 -2.97 -23.17
CA GLU A 375 24.76 -1.63 -22.60
C GLU A 375 23.37 -1.47 -21.97
N THR A 376 22.40 -2.25 -22.45
CA THR A 376 21.08 -2.33 -21.80
C THR A 376 21.15 -2.94 -20.39
N SER A 377 22.09 -3.85 -20.16
CA SER A 377 22.31 -4.50 -18.86
C SER A 377 23.57 -4.03 -18.11
N LEU A 378 24.15 -2.90 -18.54
CA LEU A 378 25.39 -2.38 -17.94
C LEU A 378 25.18 -1.82 -16.53
N ALA A 379 24.01 -1.22 -16.29
CA ALA A 379 23.65 -0.68 -14.98
C ALA A 379 23.64 -1.73 -13.87
N PHE A 380 23.36 -2.99 -14.22
CA PHE A 380 23.43 -4.11 -13.28
C PHE A 380 24.85 -4.34 -12.79
N PHE A 381 25.78 -4.48 -13.74
CA PHE A 381 27.16 -4.87 -13.44
C PHE A 381 28.01 -3.78 -12.78
N LYS A 382 27.76 -2.52 -13.13
CA LYS A 382 28.52 -1.39 -12.57
C LYS A 382 28.39 -1.24 -11.04
N ASP A 383 27.29 -1.73 -10.48
CA ASP A 383 27.11 -1.83 -9.02
C ASP A 383 28.05 -2.88 -8.42
N ILE A 384 28.05 -4.06 -9.03
CA ILE A 384 28.74 -5.23 -8.52
C ILE A 384 30.25 -5.14 -8.79
N TYR A 385 30.61 -4.79 -10.03
CA TYR A 385 32.00 -4.64 -10.46
C TYR A 385 32.20 -3.25 -11.08
N PRO A 386 32.93 -2.35 -10.39
CA PRO A 386 33.00 -0.96 -10.88
C PRO A 386 33.57 -0.73 -12.27
N GLU A 387 34.51 -1.56 -12.74
CA GLU A 387 35.29 -1.25 -13.96
C GLU A 387 34.87 -2.06 -15.20
N VAL A 388 33.57 -2.36 -15.30
CA VAL A 388 33.02 -3.08 -16.45
C VAL A 388 32.93 -2.19 -17.67
N THR A 389 32.74 -2.81 -18.84
CA THR A 389 32.60 -2.09 -20.10
C THR A 389 31.57 -2.82 -20.99
N VAL A 390 31.63 -2.58 -22.30
CA VAL A 390 30.82 -3.34 -23.27
C VAL A 390 31.75 -4.33 -24.00
N ARG A 391 32.30 -5.26 -23.23
CA ARG A 391 33.20 -6.32 -23.72
C ARG A 391 32.49 -7.68 -23.75
N GLU A 392 33.14 -8.64 -24.42
CA GLU A 392 32.80 -10.04 -24.31
C GLU A 392 33.82 -10.70 -23.38
N TYR A 393 33.42 -10.90 -22.11
CA TYR A 393 34.30 -11.48 -21.11
C TYR A 393 34.28 -13.01 -21.24
N LYS A 394 35.45 -13.60 -21.45
CA LYS A 394 35.59 -15.03 -21.74
C LYS A 394 36.19 -15.80 -20.57
N SER A 395 35.94 -17.11 -20.54
CA SER A 395 36.33 -17.99 -19.44
C SER A 395 37.82 -18.34 -19.54
N GLY A 396 38.65 -17.56 -18.86
CA GLY A 396 40.11 -17.72 -18.92
C GLY A 396 40.71 -18.24 -17.63
N ASN A 397 41.67 -17.49 -17.08
CA ASN A 397 42.41 -17.85 -15.87
C ASN A 397 41.55 -17.68 -14.61
N ALA A 398 42.00 -18.21 -13.47
CA ALA A 398 41.48 -17.80 -12.16
C ALA A 398 42.13 -16.46 -11.77
N ASN A 399 41.33 -15.54 -11.26
CA ASN A 399 41.70 -14.14 -10.98
C ASN A 399 41.65 -13.20 -12.20
N SER A 400 41.24 -13.73 -13.36
CA SER A 400 40.97 -12.91 -14.57
C SER A 400 39.66 -12.12 -14.42
N PRO A 401 39.45 -11.10 -15.29
CA PRO A 401 38.25 -10.25 -15.14
C PRO A 401 36.91 -11.00 -15.14
N PHE A 402 36.74 -11.97 -16.04
CA PHE A 402 35.53 -12.80 -16.10
C PHE A 402 35.22 -13.46 -14.76
N ALA A 403 36.25 -14.05 -14.15
CA ALA A 403 36.10 -14.69 -12.84
C ALA A 403 35.84 -13.69 -11.70
N GLN A 404 36.42 -12.50 -11.79
CA GLN A 404 36.18 -11.44 -10.80
C GLN A 404 34.73 -10.94 -10.79
N ILE A 405 34.15 -10.75 -11.98
CA ILE A 405 32.71 -10.45 -12.10
C ILE A 405 31.88 -11.60 -11.53
N MET A 406 32.28 -12.84 -11.84
CA MET A 406 31.56 -14.03 -11.37
C MET A 406 31.61 -14.17 -9.84
N ASP A 407 32.79 -13.95 -9.26
CA ASP A 407 32.97 -13.98 -7.79
C ASP A 407 32.31 -12.80 -7.07
N ALA A 408 32.11 -11.69 -7.77
CA ALA A 408 31.40 -10.53 -7.21
C ALA A 408 29.88 -10.71 -7.24
N VAL A 409 29.36 -11.31 -8.31
CA VAL A 409 27.92 -11.57 -8.45
C VAL A 409 27.46 -12.62 -7.44
N THR A 410 28.22 -13.70 -7.26
CA THR A 410 27.92 -14.71 -6.24
C THR A 410 28.04 -14.15 -4.82
N ALA A 411 28.93 -13.18 -4.62
CA ALA A 411 29.02 -12.44 -3.35
C ALA A 411 27.82 -11.50 -3.16
N TYR A 412 27.37 -10.88 -4.26
CA TYR A 412 26.13 -10.08 -4.27
C TYR A 412 24.91 -10.95 -3.97
N ALA A 413 24.91 -12.19 -4.47
CA ALA A 413 23.86 -13.17 -4.16
C ALA A 413 23.82 -13.57 -2.68
N ASP A 414 24.99 -13.68 -2.06
CA ASP A 414 25.10 -14.00 -0.63
C ASP A 414 24.49 -12.93 0.28
N SER A 415 24.59 -11.66 -0.11
CA SER A 415 24.02 -10.58 0.68
C SER A 415 22.48 -10.57 0.68
N TYR A 416 21.86 -11.16 -0.34
CA TYR A 416 20.39 -11.36 -0.36
C TYR A 416 19.94 -12.42 0.66
N VAL A 417 20.70 -13.51 0.77
CA VAL A 417 20.41 -14.55 1.77
C VAL A 417 20.90 -14.12 3.17
N ALA A 418 21.86 -13.19 3.21
CA ALA A 418 22.34 -12.62 4.47
C ALA A 418 21.25 -11.85 5.18
N ILE A 419 20.64 -10.89 4.48
CA ILE A 419 19.51 -10.11 5.02
C ILE A 419 18.27 -10.97 5.27
N ALA A 420 18.12 -12.05 4.51
CA ALA A 420 17.08 -13.06 4.80
C ALA A 420 17.34 -13.71 6.16
N GLU A 421 18.56 -14.20 6.36
CA GLU A 421 18.96 -14.84 7.64
C GLU A 421 18.75 -13.95 8.89
N LYS A 422 18.85 -12.63 8.73
CA LYS A 422 18.62 -11.69 9.84
C LYS A 422 17.16 -11.72 10.30
N TYR A 423 16.25 -11.53 9.34
CA TYR A 423 14.81 -11.45 9.63
C TYR A 423 14.08 -12.80 9.68
N ILE A 424 14.78 -13.89 9.36
CA ILE A 424 14.30 -15.23 9.68
C ILE A 424 14.50 -15.45 11.19
N PRO A 425 13.45 -15.92 11.90
CA PRO A 425 13.61 -16.15 13.35
C PRO A 425 14.53 -17.33 13.70
N SER A 426 14.85 -17.47 14.98
CA SER A 426 15.81 -18.48 15.45
C SER A 426 15.33 -19.92 15.24
N ASN A 427 14.05 -20.18 15.49
CA ASN A 427 13.46 -21.51 15.27
C ASN A 427 13.18 -21.88 13.79
N GLY A 428 13.34 -20.91 12.89
CA GLY A 428 13.28 -21.17 11.45
C GLY A 428 11.89 -21.22 10.82
N SER A 429 10.89 -20.69 11.53
CA SER A 429 9.51 -20.68 11.04
C SER A 429 9.33 -19.60 9.97
N LEU A 430 9.42 -20.00 8.71
CA LEU A 430 9.26 -19.09 7.58
C LEU A 430 7.78 -18.82 7.32
N SER A 431 7.35 -17.58 7.53
CA SER A 431 5.99 -17.15 7.23
C SER A 431 5.89 -16.78 5.75
N GLU A 432 4.79 -16.13 5.35
CA GLU A 432 4.66 -15.55 4.01
C GLU A 432 5.51 -14.31 3.88
N GLN A 433 5.26 -13.35 4.78
CA GLN A 433 5.89 -12.04 4.77
C GLN A 433 6.65 -11.79 6.07
N PHE A 434 7.65 -10.90 6.01
CA PHE A 434 8.21 -10.26 7.20
C PHE A 434 8.01 -8.76 7.05
N ASN A 435 7.73 -8.10 8.16
CA ASN A 435 7.16 -6.74 8.18
C ASN A 435 8.00 -5.70 7.41
N ARG A 436 7.32 -4.73 6.82
CA ARG A 436 7.95 -3.61 6.10
C ARG A 436 8.95 -2.84 6.96
N ASP A 437 8.46 -2.31 8.07
CA ASP A 437 9.23 -1.40 8.92
C ASP A 437 10.08 -2.15 9.95
N THR A 438 9.41 -2.91 10.82
CA THR A 438 10.06 -3.59 11.95
C THR A 438 10.80 -4.90 11.60
N GLY A 439 10.45 -5.52 10.48
CA GLY A 439 11.12 -6.75 10.04
C GLY A 439 10.75 -8.05 10.74
N THR A 440 9.86 -7.98 11.73
CA THR A 440 9.38 -9.18 12.42
C THR A 440 8.39 -9.93 11.53
N PRO A 441 8.30 -11.27 11.68
CA PRO A 441 7.42 -12.05 10.80
C PRO A 441 5.93 -11.77 11.02
N LEU A 442 5.14 -11.89 9.95
CA LEU A 442 3.68 -11.72 10.00
C LEU A 442 3.02 -12.54 8.89
N SER A 443 1.69 -12.42 8.77
CA SER A 443 0.90 -13.15 7.76
C SER A 443 0.87 -14.66 8.04
N ALA A 444 0.52 -15.47 7.03
CA ALA A 444 0.37 -16.93 7.19
C ALA A 444 1.63 -17.60 7.72
N ILE A 445 1.51 -18.26 8.87
CA ILE A 445 2.65 -18.91 9.54
C ILE A 445 2.95 -20.24 8.85
N ASP A 446 4.23 -20.54 8.63
CA ASP A 446 4.70 -21.78 8.01
C ASP A 446 4.12 -21.96 6.60
N LEU A 447 4.40 -20.99 5.73
CA LEU A 447 3.97 -21.07 4.33
C LEU A 447 4.85 -22.06 3.57
N THR A 448 4.20 -22.99 2.88
CA THR A 448 4.89 -24.07 2.16
C THR A 448 5.75 -23.55 1.00
N TRP A 449 5.26 -22.51 0.32
CA TRP A 449 6.02 -21.84 -0.74
C TRP A 449 7.35 -21.30 -0.20
N SER A 450 7.30 -20.50 0.86
CA SER A 450 8.50 -19.88 1.43
C SER A 450 9.57 -20.89 1.86
N TYR A 451 9.12 -22.05 2.36
CA TYR A 451 10.02 -23.18 2.63
C TYR A 451 10.63 -23.73 1.35
N ALA A 452 9.77 -23.98 0.36
CA ALA A 452 10.21 -24.48 -0.95
C ALA A 452 11.13 -23.50 -1.66
N ALA A 453 10.79 -22.21 -1.60
CA ALA A 453 11.60 -21.15 -2.21
C ALA A 453 12.98 -21.02 -1.56
N PHE A 454 13.07 -21.33 -0.26
CA PHE A 454 14.36 -21.39 0.44
C PHE A 454 15.20 -22.58 -0.04
N ILE A 455 14.53 -23.73 -0.26
CA ILE A 455 15.19 -24.94 -0.74
C ILE A 455 15.66 -24.78 -2.19
N THR A 456 14.80 -24.20 -3.04
CA THR A 456 15.15 -23.89 -4.43
C THR A 456 16.36 -22.96 -4.51
N MET A 457 16.43 -21.99 -3.60
CA MET A 457 17.60 -21.10 -3.48
C MET A 457 18.84 -21.89 -3.03
N SER A 458 18.70 -22.68 -1.98
CA SER A 458 19.83 -23.44 -1.41
C SER A 458 20.41 -24.49 -2.34
N GLN A 459 19.57 -25.08 -3.20
CA GLN A 459 20.02 -25.95 -4.29
C GLN A 459 20.98 -25.19 -5.22
N ARG A 460 20.58 -23.99 -5.62
CA ARG A 460 21.34 -23.18 -6.59
C ARG A 460 22.63 -22.59 -6.03
N ARG A 461 22.76 -22.50 -4.70
CA ARG A 461 24.03 -22.11 -4.08
C ARG A 461 25.11 -23.15 -4.37
N ALA A 462 24.76 -24.42 -4.14
CA ALA A 462 25.56 -25.55 -4.62
C ALA A 462 25.39 -25.70 -6.14
N GLY A 463 26.04 -26.69 -6.73
CA GLY A 463 25.90 -26.97 -8.16
C GLY A 463 24.67 -27.77 -8.54
N GLN A 464 23.64 -27.76 -7.69
CA GLN A 464 22.46 -28.61 -7.86
C GLN A 464 21.45 -27.88 -8.74
N TYR A 465 21.66 -28.00 -10.06
CA TYR A 465 20.75 -27.42 -11.05
C TYR A 465 19.90 -28.56 -11.62
N PRO A 466 18.64 -28.28 -12.01
CA PRO A 466 17.72 -29.38 -12.28
C PRO A 466 18.02 -30.17 -13.56
N SER A 467 17.86 -29.55 -14.73
CA SER A 467 17.98 -30.23 -16.02
C SER A 467 17.64 -29.25 -17.12
N SER A 468 18.09 -29.55 -18.34
CA SER A 468 17.72 -28.77 -19.50
C SER A 468 16.30 -29.16 -19.92
N TRP A 469 15.37 -28.22 -19.79
CA TRP A 469 13.99 -28.41 -20.26
C TRP A 469 13.84 -28.24 -21.78
N GLY A 470 14.90 -27.76 -22.44
CA GLY A 470 14.96 -27.71 -23.91
C GLY A 470 14.70 -26.32 -24.44
N SER A 471 15.40 -25.34 -23.89
CA SER A 471 15.30 -23.95 -24.33
C SER A 471 16.02 -23.72 -25.66
N ARG A 472 17.10 -24.47 -25.90
CA ARG A 472 17.83 -24.42 -27.16
C ARG A 472 17.02 -24.98 -28.33
N ASN A 473 16.23 -26.03 -28.06
CA ASN A 473 15.32 -26.62 -29.05
C ASN A 473 13.97 -25.90 -29.16
N ALA A 474 13.76 -24.85 -28.35
CA ALA A 474 12.53 -24.06 -28.41
C ALA A 474 12.44 -23.32 -29.73
N LEU A 475 11.26 -23.34 -30.34
CA LEU A 475 11.05 -22.69 -31.63
C LEU A 475 11.06 -21.17 -31.42
N PRO A 476 11.95 -20.43 -32.13
CA PRO A 476 11.99 -18.98 -31.99
C PRO A 476 10.69 -18.28 -32.42
N PRO A 477 10.46 -17.03 -31.95
CA PRO A 477 9.20 -16.36 -32.24
C PRO A 477 9.06 -16.00 -33.73
N PRO A 478 7.83 -16.08 -34.29
CA PRO A 478 7.63 -15.71 -35.69
C PRO A 478 7.96 -14.24 -36.02
N THR A 479 7.91 -13.91 -37.30
CA THR A 479 8.19 -12.54 -37.77
C THR A 479 7.18 -11.55 -37.18
N THR A 480 5.90 -11.93 -37.20
CA THR A 480 4.84 -11.17 -36.55
C THR A 480 4.02 -12.10 -35.66
N CYS A 481 3.62 -11.61 -34.48
CA CYS A 481 2.80 -12.40 -33.55
C CYS A 481 1.37 -12.50 -34.05
N SER A 482 0.73 -13.62 -33.71
CA SER A 482 -0.64 -13.92 -34.14
C SER A 482 -1.45 -14.42 -32.95
N ALA A 483 -2.64 -13.85 -32.78
CA ALA A 483 -3.57 -14.31 -31.74
C ALA A 483 -4.10 -15.69 -32.13
N SER A 484 -3.82 -16.69 -31.31
CA SER A 484 -4.15 -18.08 -31.64
C SER A 484 -4.24 -19.00 -30.42
N SER A 485 -4.94 -20.12 -30.61
CA SER A 485 -5.07 -21.15 -29.57
C SER A 485 -5.76 -22.38 -30.17
N THR A 486 -5.01 -23.49 -30.27
CA THR A 486 -5.56 -24.74 -30.79
C THR A 486 -6.36 -25.46 -29.70
N PRO A 487 -7.61 -25.85 -30.00
CA PRO A 487 -8.47 -26.45 -28.98
C PRO A 487 -8.05 -27.87 -28.61
N GLY A 488 -7.47 -28.03 -27.41
CA GLY A 488 -7.06 -29.33 -26.91
C GLY A 488 -8.22 -30.18 -26.41
N ILE A 489 -7.93 -31.45 -26.15
CA ILE A 489 -8.93 -32.41 -25.66
C ILE A 489 -8.51 -32.94 -24.28
N TYR A 490 -9.52 -33.28 -23.48
CA TYR A 490 -9.34 -33.55 -22.06
C TYR A 490 -9.97 -34.88 -21.67
N THR A 491 -9.14 -35.92 -21.62
CA THR A 491 -9.53 -37.24 -21.12
C THR A 491 -9.11 -37.32 -19.65
N PRO A 492 -9.89 -38.03 -18.81
CA PRO A 492 -9.45 -38.29 -17.44
C PRO A 492 -8.12 -39.04 -17.33
N ALA A 493 -7.42 -38.86 -16.22
CA ALA A 493 -6.13 -39.53 -15.98
C ALA A 493 -6.29 -41.05 -15.90
N THR A 494 -7.37 -41.49 -15.25
CA THR A 494 -7.80 -42.91 -15.21
C THR A 494 -6.78 -43.86 -14.56
N ALA A 495 -5.68 -44.13 -15.27
CA ALA A 495 -4.62 -45.00 -14.77
C ALA A 495 -3.93 -44.44 -13.52
N ALA A 496 -3.80 -43.11 -13.45
CA ALA A 496 -3.20 -42.44 -12.30
C ALA A 496 -4.12 -42.45 -11.08
N GLY A 497 -5.39 -42.08 -11.28
CA GLY A 497 -6.29 -41.71 -10.16
C GLY A 497 -7.74 -42.22 -10.16
N ALA A 498 -8.25 -42.60 -11.32
CA ALA A 498 -9.51 -43.31 -11.45
C ALA A 498 -10.78 -42.54 -11.05
N PRO A 499 -11.13 -41.48 -11.82
CA PRO A 499 -12.50 -41.01 -11.88
C PRO A 499 -13.25 -41.65 -13.06
N ASN A 500 -12.80 -41.37 -14.28
CA ASN A 500 -13.46 -41.76 -15.55
C ASN A 500 -14.88 -41.17 -15.65
N VAL A 501 -14.97 -39.95 -16.14
CA VAL A 501 -16.20 -39.17 -16.11
C VAL A 501 -16.97 -39.40 -17.40
N THR A 502 -18.20 -39.90 -17.28
CA THR A 502 -19.10 -40.05 -18.43
C THR A 502 -19.54 -38.68 -19.00
N SER A 503 -19.76 -37.70 -18.12
CA SER A 503 -20.21 -36.36 -18.52
C SER A 503 -20.03 -35.30 -17.43
N SER A 504 -20.16 -34.03 -17.82
CA SER A 504 -19.84 -32.87 -16.97
C SER A 504 -20.71 -32.72 -15.72
N CYS A 505 -20.05 -32.40 -14.60
CA CYS A 505 -20.69 -32.00 -13.33
C CYS A 505 -22.02 -32.70 -13.01
N GLN A 506 -21.93 -33.95 -12.57
CA GLN A 506 -23.09 -34.71 -12.13
C GLN A 506 -23.42 -34.32 -10.70
N VAL A 507 -24.70 -34.00 -10.45
CA VAL A 507 -25.18 -33.61 -9.11
C VAL A 507 -25.93 -34.76 -8.44
N SER A 508 -25.80 -34.85 -7.12
CA SER A 508 -26.41 -35.94 -6.34
C SER A 508 -27.91 -35.70 -6.18
N ILE A 509 -28.67 -36.80 -6.18
CA ILE A 509 -30.13 -36.74 -6.02
C ILE A 509 -30.64 -38.06 -5.42
N THR A 510 -31.30 -37.96 -4.26
CA THR A 510 -31.73 -39.14 -3.50
C THR A 510 -33.21 -39.43 -3.76
N PHE A 511 -33.48 -40.57 -4.40
CA PHE A 511 -34.85 -41.04 -4.57
C PHE A 511 -35.34 -41.68 -3.27
N ASN A 512 -36.49 -41.24 -2.77
CA ASN A 512 -37.21 -41.91 -1.69
C ASN A 512 -38.61 -42.27 -2.19
N ILE A 513 -39.12 -43.41 -1.74
CA ILE A 513 -40.40 -43.94 -2.23
C ILE A 513 -41.11 -44.76 -1.15
N ASN A 514 -42.37 -44.40 -0.88
CA ASN A 514 -43.24 -45.18 0.00
C ASN A 514 -43.82 -46.33 -0.82
N ALA A 515 -43.37 -47.55 -0.53
CA ALA A 515 -43.87 -48.75 -1.21
C ALA A 515 -44.01 -49.87 -0.20
N THR A 516 -45.25 -50.28 0.08
CA THR A 516 -45.52 -51.34 1.05
C THR A 516 -45.14 -52.69 0.43
N THR A 517 -44.16 -53.34 1.06
CA THR A 517 -43.69 -54.68 0.68
C THR A 517 -42.83 -55.22 1.83
N TYR A 518 -41.85 -56.04 1.47
CA TYR A 518 -41.14 -56.87 2.45
C TYR A 518 -40.07 -56.04 3.18
N TYR A 519 -39.93 -56.26 4.48
CA TYR A 519 -39.02 -55.48 5.34
C TYR A 519 -37.57 -55.86 5.03
N GLY A 520 -37.12 -55.45 3.85
CA GLY A 520 -35.85 -55.93 3.28
C GLY A 520 -36.13 -56.81 2.07
N GLU A 521 -35.26 -56.71 1.06
CA GLU A 521 -35.31 -57.52 -0.18
C GLU A 521 -36.70 -57.54 -0.86
N LEU A 523 -36.98 -53.97 -5.23
CA LEU A 523 -37.63 -52.79 -5.80
C LEU A 523 -36.62 -51.90 -6.53
N TYR A 524 -36.97 -51.46 -7.74
CA TYR A 524 -36.08 -50.69 -8.62
C TYR A 524 -36.69 -49.35 -9.04
N VAL A 525 -35.88 -48.54 -9.72
CA VAL A 525 -36.35 -47.30 -10.37
C VAL A 525 -35.70 -47.17 -11.76
N ILE A 526 -36.52 -46.86 -12.77
CA ILE A 526 -36.04 -46.63 -14.14
C ILE A 526 -36.52 -45.25 -14.61
N GLY A 527 -35.87 -44.74 -15.64
CA GLY A 527 -36.26 -43.46 -16.24
C GLY A 527 -35.70 -43.29 -17.64
N ASN A 528 -36.00 -42.14 -18.25
CA ASN A 528 -35.56 -41.88 -19.62
C ASN A 528 -34.06 -41.55 -19.74
N SER A 529 -33.44 -41.17 -18.62
CA SER A 529 -31.98 -40.98 -18.55
C SER A 529 -31.22 -42.30 -18.63
N SER A 530 -29.97 -42.22 -19.10
CA SER A 530 -29.09 -43.38 -19.27
C SER A 530 -28.58 -43.93 -17.94
N ASP A 531 -28.27 -43.03 -17.00
CA ASP A 531 -27.81 -43.41 -15.66
C ASP A 531 -28.85 -44.25 -14.90
N LEU A 532 -30.12 -43.89 -15.06
CA LEU A 532 -31.22 -44.64 -14.43
C LEU A 532 -31.46 -45.99 -15.13
N GLY A 533 -31.56 -45.98 -16.46
CA GLY A 533 -31.86 -47.19 -17.21
C GLY A 533 -32.21 -47.04 -18.68
N ALA A 534 -32.96 -45.99 -19.02
CA ALA A 534 -33.50 -45.79 -20.38
C ALA A 534 -34.58 -46.85 -20.71
N TRP A 535 -35.51 -47.01 -19.76
CA TRP A 535 -36.67 -47.90 -19.90
C TRP A 535 -36.32 -49.37 -20.18
N ASN A 536 -35.49 -49.93 -19.30
CA ASN A 536 -35.24 -51.37 -19.24
C ASN A 536 -34.92 -51.77 -17.80
N ILE A 537 -35.23 -53.01 -17.45
CA ILE A 537 -35.14 -53.47 -16.05
C ILE A 537 -33.86 -54.25 -15.73
N ALA A 538 -33.06 -54.54 -16.76
CA ALA A 538 -31.75 -55.17 -16.57
C ALA A 538 -30.74 -54.16 -16.00
N ASP A 539 -30.73 -52.96 -16.60
CA ASP A 539 -29.87 -51.85 -16.15
C ASP A 539 -30.63 -50.80 -15.31
N ALA A 540 -31.70 -51.22 -14.65
CA ALA A 540 -32.43 -50.36 -13.69
C ALA A 540 -31.66 -50.29 -12.39
N TYR A 541 -31.76 -49.16 -11.69
CA TYR A 541 -31.06 -48.98 -10.42
C TYR A 541 -31.88 -49.56 -9.26
N PRO A 542 -31.30 -50.49 -8.47
CA PRO A 542 -32.00 -51.06 -7.32
C PRO A 542 -31.94 -50.16 -6.10
N LEU A 543 -33.08 -50.00 -5.42
CA LEU A 543 -33.15 -49.22 -4.18
C LEU A 543 -32.90 -50.11 -2.98
N SER A 544 -32.31 -49.52 -1.94
CA SER A 544 -32.02 -50.21 -0.69
C SER A 544 -33.13 -49.96 0.33
N ALA A 545 -33.51 -51.01 1.06
CA ALA A 545 -34.51 -50.92 2.12
C ALA A 545 -33.81 -50.81 3.48
N SER A 546 -32.98 -49.79 3.61
CA SER A 546 -32.13 -49.61 4.81
C SER A 546 -32.98 -49.19 5.99
N ALA A 547 -33.77 -48.12 5.81
CA ALA A 547 -34.65 -47.59 6.85
C ALA A 547 -36.11 -47.97 6.61
N TYR A 548 -36.34 -49.22 6.22
CA TYR A 548 -37.69 -49.74 6.05
C TYR A 548 -38.26 -50.13 7.40
N THR A 549 -39.45 -49.63 7.72
CA THR A 549 -40.14 -49.97 8.96
C THR A 549 -41.65 -50.10 8.72
N GLN A 550 -42.32 -50.70 9.69
CA GLN A 550 -43.79 -50.73 9.75
C GLN A 550 -44.41 -49.33 9.71
N ASP A 551 -43.73 -48.37 10.37
CA ASP A 551 -44.21 -46.99 10.45
C ASP A 551 -43.99 -46.23 9.14
N ARG A 552 -42.82 -46.42 8.54
CA ARG A 552 -42.42 -45.73 7.31
C ARG A 552 -41.75 -46.74 6.35
N PRO A 553 -42.52 -47.26 5.36
CA PRO A 553 -41.98 -48.26 4.43
C PRO A 553 -41.18 -47.60 3.31
N LEU A 554 -39.96 -47.16 3.65
CA LEU A 554 -39.11 -46.38 2.74
C LEU A 554 -38.06 -47.25 2.04
N TRP A 555 -38.04 -47.16 0.71
CA TRP A 555 -36.91 -47.59 -0.10
C TRP A 555 -36.20 -46.32 -0.58
N SER A 556 -34.89 -46.41 -0.79
CA SER A 556 -34.12 -45.24 -1.26
C SER A 556 -32.84 -45.58 -2.00
N ALA A 557 -32.31 -44.58 -2.71
CA ALA A 557 -31.08 -44.71 -3.48
C ALA A 557 -30.55 -43.34 -3.88
N ALA A 558 -29.33 -43.04 -3.46
CA ALA A 558 -28.65 -41.81 -3.88
C ALA A 558 -27.99 -42.03 -5.24
N ILE A 559 -28.46 -41.28 -6.25
CA ILE A 559 -27.99 -41.43 -7.63
C ILE A 559 -27.22 -40.17 -8.07
N PRO A 560 -25.94 -40.31 -8.44
CA PRO A 560 -25.22 -39.20 -9.05
C PRO A 560 -25.47 -39.17 -10.55
N LEU A 561 -26.30 -38.24 -11.00
CA LEU A 561 -26.66 -38.10 -12.43
C LEU A 561 -26.57 -36.65 -12.89
N ASN A 562 -26.53 -36.47 -14.22
CA ASN A 562 -26.20 -35.19 -14.85
C ASN A 562 -27.13 -34.03 -14.49
N ALA A 563 -26.53 -32.85 -14.31
CA ALA A 563 -27.26 -31.64 -13.92
C ALA A 563 -27.93 -30.98 -15.12
N GLY A 564 -29.10 -30.37 -14.89
CA GLY A 564 -29.85 -29.66 -15.92
C GLY A 564 -30.47 -30.61 -16.94
N GLU A 565 -31.32 -31.50 -16.44
CA GLU A 565 -32.01 -32.51 -17.27
C GLU A 565 -33.39 -32.82 -16.69
N VAL A 566 -34.43 -32.66 -17.51
CA VAL A 566 -35.80 -32.97 -17.08
C VAL A 566 -36.04 -34.48 -17.12
N ILE A 567 -35.52 -35.18 -16.11
CA ILE A 567 -35.54 -36.64 -16.08
C ILE A 567 -36.93 -37.17 -15.73
N SER A 568 -37.49 -37.99 -16.63
CA SER A 568 -38.78 -38.64 -16.44
C SER A 568 -38.58 -40.05 -15.91
N TYR A 569 -38.84 -40.24 -14.61
CA TYR A 569 -38.58 -41.51 -13.92
C TYR A 569 -39.87 -42.25 -13.54
N GLN A 570 -39.71 -43.47 -13.06
CA GLN A 570 -40.83 -44.32 -12.64
C GLN A 570 -40.29 -45.47 -11.80
N TYR A 571 -40.93 -45.74 -10.66
CA TYR A 571 -40.53 -46.87 -9.81
C TYR A 571 -41.16 -48.17 -10.33
N VAL A 572 -40.53 -49.29 -9.98
CA VAL A 572 -40.95 -50.60 -10.48
C VAL A 572 -40.61 -51.69 -9.45
N ARG A 573 -41.48 -52.70 -9.36
CA ARG A 573 -41.35 -53.77 -8.37
C ARG A 573 -40.93 -55.10 -9.01
N GLN A 574 -39.75 -55.58 -8.64
CA GLN A 574 -39.31 -56.95 -8.96
C GLN A 574 -39.94 -57.91 -7.96
N GLU A 575 -40.22 -59.14 -8.42
CA GLU A 575 -41.01 -60.13 -7.66
C GLU A 575 -40.43 -61.54 -7.71
N ASP A 576 -40.77 -62.32 -6.68
CA ASP A 576 -40.19 -63.66 -6.45
C ASP A 576 -40.82 -64.81 -7.27
N CYS A 577 -40.19 -65.98 -7.21
CA CYS A 577 -40.60 -67.15 -8.01
C CYS A 577 -40.76 -66.84 -9.51
N ASP A 578 -39.77 -66.16 -10.08
CA ASP A 578 -39.75 -65.80 -11.50
C ASP A 578 -41.01 -65.05 -11.98
N GLN A 579 -41.63 -64.27 -11.10
CA GLN A 579 -42.83 -63.49 -11.45
C GLN A 579 -42.40 -62.23 -12.23
N PRO A 580 -43.24 -61.76 -13.18
CA PRO A 580 -42.85 -60.58 -13.96
C PRO A 580 -42.81 -59.29 -13.14
N TYR A 581 -42.19 -58.26 -13.73
CA TYR A 581 -42.05 -56.96 -13.06
C TYR A 581 -43.37 -56.22 -13.08
N ILE A 582 -43.58 -55.35 -12.09
CA ILE A 582 -44.83 -54.60 -11.94
C ILE A 582 -44.53 -53.11 -11.88
N TYR A 583 -44.96 -52.39 -12.93
CA TYR A 583 -44.71 -50.95 -13.08
C TYR A 583 -45.83 -50.18 -12.39
N GLU A 584 -45.56 -48.93 -12.00
CA GLU A 584 -46.61 -48.04 -11.49
C GLU A 584 -47.51 -47.54 -12.63
N THR A 585 -48.69 -47.04 -12.26
CA THR A 585 -49.70 -46.60 -13.22
C THR A 585 -49.36 -45.29 -13.95
N VAL A 586 -48.44 -44.48 -13.39
CA VAL A 586 -48.10 -43.18 -13.98
C VAL A 586 -46.58 -42.93 -13.99
N ASN A 587 -46.12 -42.20 -15.01
CA ASN A 587 -44.71 -41.81 -15.14
C ASN A 587 -44.54 -40.45 -14.47
N ARG A 588 -43.60 -40.35 -13.53
CA ARG A 588 -43.30 -39.10 -12.82
C ARG A 588 -42.17 -38.35 -13.53
N THR A 589 -42.17 -37.02 -13.40
CA THR A 589 -41.09 -36.18 -13.90
C THR A 589 -40.76 -35.10 -12.89
N LEU A 590 -39.47 -34.97 -12.56
CA LEU A 590 -38.97 -33.87 -11.73
C LEU A 590 -37.54 -33.53 -12.18
N THR A 591 -37.35 -32.27 -12.58
CA THR A 591 -36.07 -31.81 -13.12
C THR A 591 -34.96 -31.73 -12.06
N VAL A 592 -33.83 -32.38 -12.33
CA VAL A 592 -32.65 -32.31 -11.47
C VAL A 592 -31.96 -30.93 -11.66
N PRO A 593 -31.58 -30.27 -10.55
CA PRO A 593 -31.08 -28.90 -10.67
C PRO A 593 -29.69 -28.79 -11.29
N ALA A 594 -29.29 -27.55 -11.56
CA ALA A 594 -28.05 -27.25 -12.30
C ALA A 594 -26.80 -27.54 -11.47
N CYS A 595 -25.65 -27.52 -12.16
CA CYS A 595 -24.34 -27.77 -11.56
C CYS A 595 -24.02 -26.76 -10.46
N GLY A 596 -23.26 -27.21 -9.47
CA GLY A 596 -22.85 -26.38 -8.34
C GLY A 596 -23.85 -26.41 -7.19
N GLY A 597 -24.34 -27.60 -6.86
CA GLY A 597 -25.11 -27.81 -5.64
C GLY A 597 -26.60 -28.02 -5.79
N ALA A 598 -27.34 -27.72 -4.72
CA ALA A 598 -28.78 -28.01 -4.60
C ALA A 598 -29.06 -29.52 -4.63
N ALA A 599 -28.64 -30.22 -3.58
CA ALA A 599 -28.84 -31.66 -3.46
C ALA A 599 -30.29 -31.97 -3.06
N VAL A 600 -31.17 -32.07 -4.06
CA VAL A 600 -32.59 -32.36 -3.85
C VAL A 600 -32.83 -33.82 -3.50
N THR A 601 -33.92 -34.08 -2.79
CA THR A 601 -34.39 -35.44 -2.48
C THR A 601 -35.89 -35.53 -2.77
N THR A 602 -36.28 -36.45 -3.65
CA THR A 602 -37.68 -36.59 -4.08
C THR A 602 -38.49 -37.34 -3.02
N ASP A 603 -39.81 -37.15 -3.06
CA ASP A 603 -40.74 -37.79 -2.13
C ASP A 603 -41.98 -38.28 -2.89
N ASP A 604 -41.99 -39.57 -3.22
CA ASP A 604 -43.08 -40.21 -3.96
C ASP A 604 -43.71 -41.33 -3.14
N ALA A 605 -44.87 -41.80 -3.61
CA ALA A 605 -45.55 -42.98 -3.07
C ALA A 605 -45.90 -43.93 -4.22
N TRP A 606 -46.16 -45.19 -3.88
CA TRP A 606 -46.44 -46.23 -4.87
C TRP A 606 -47.84 -46.05 -5.47
N MET A 607 -47.88 -45.72 -6.76
CA MET A 607 -49.13 -45.45 -7.48
C MET A 607 -49.44 -46.61 -8.43
N GLY A 608 -49.92 -47.70 -7.86
CA GLY A 608 -50.30 -48.89 -8.64
C GLY A 608 -50.52 -50.10 -7.78
N PRO A 609 -50.99 -51.22 -8.39
CA PRO A 609 -51.28 -52.43 -7.63
C PRO A 609 -50.02 -53.22 -7.29
N VAL A 610 -49.77 -53.45 -6.00
CA VAL A 610 -48.74 -54.39 -5.56
C VAL A 610 -49.36 -55.76 -5.79
N GLY A 611 -48.81 -56.53 -6.73
CA GLY A 611 -49.37 -57.83 -7.13
C GLY A 611 -49.16 -58.98 -6.16
N SER A 612 -49.23 -60.20 -6.68
CA SER A 612 -49.14 -61.41 -5.88
C SER A 612 -47.69 -61.74 -5.48
N SER A 613 -47.49 -62.03 -4.19
CA SER A 613 -46.20 -62.49 -3.67
C SER A 613 -45.97 -63.95 -4.05
N GLY A 614 -44.75 -64.43 -3.82
CA GLY A 614 -44.37 -65.81 -4.16
C GLY A 614 -44.48 -66.78 -3.00
N ASN A 615 -44.53 -68.06 -3.34
CA ASN A 615 -44.55 -69.16 -2.38
C ASN A 615 -44.07 -70.44 -3.07
N CYS A 616 -42.76 -70.61 -3.16
CA CYS A 616 -42.15 -71.70 -3.93
C CYS A 616 -40.81 -72.15 -3.36
N ASP B 30 -31.20 19.88 -7.92
CA ASP B 30 -30.24 18.78 -8.28
C ASP B 30 -29.16 18.67 -7.18
N LEU B 31 -27.93 18.25 -7.54
CA LEU B 31 -26.85 18.10 -6.55
C LEU B 31 -26.47 19.39 -5.84
N SER B 32 -26.68 20.54 -6.50
CA SER B 32 -26.40 21.87 -5.92
C SER B 32 -27.04 22.10 -4.55
N SER B 33 -28.24 21.56 -4.34
CA SER B 33 -28.94 21.64 -3.05
C SER B 33 -28.26 20.82 -1.96
N PHE B 34 -27.95 19.56 -2.28
CA PHE B 34 -27.38 18.62 -1.29
C PHE B 34 -25.88 18.85 -0.98
N ILE B 35 -25.20 19.69 -1.76
CA ILE B 35 -23.84 20.17 -1.40
C ILE B 35 -23.86 21.51 -0.66
N ALA B 36 -24.90 22.33 -0.91
CA ALA B 36 -25.12 23.54 -0.12
C ALA B 36 -25.45 23.22 1.33
N SER B 37 -26.23 22.15 1.55
CA SER B 37 -26.53 21.65 2.89
C SER B 37 -25.30 21.08 3.59
N GLU B 38 -24.51 20.29 2.85
CA GLU B 38 -23.26 19.71 3.37
C GLU B 38 -22.22 20.77 3.72
N ARG B 39 -22.22 21.89 2.99
CA ARG B 39 -21.36 23.04 3.29
C ARG B 39 -21.68 23.61 4.68
N ALA B 40 -22.96 23.77 4.97
CA ALA B 40 -23.42 24.26 6.28
C ALA B 40 -23.06 23.30 7.41
N ILE B 41 -23.14 22.00 7.14
CA ILE B 41 -22.72 20.96 8.08
C ILE B 41 -21.20 21.04 8.29
N ALA B 42 -20.48 21.21 7.18
CA ALA B 42 -19.02 21.31 7.22
C ALA B 42 -18.52 22.49 8.04
N LEU B 43 -19.22 23.63 7.98
CA LEU B 43 -18.89 24.78 8.84
C LEU B 43 -18.92 24.40 10.31
N GLN B 44 -20.00 23.76 10.74
CA GLN B 44 -20.12 23.31 12.13
C GLN B 44 -19.14 22.19 12.45
N GLY B 45 -18.99 21.22 11.55
CA GLY B 45 -18.01 20.14 11.68
C GLY B 45 -16.60 20.64 11.97
N ALA B 46 -16.19 21.68 11.25
CA ALA B 46 -14.89 22.32 11.47
C ALA B 46 -14.90 23.11 12.79
N LEU B 47 -15.89 23.99 12.94
CA LEU B 47 -16.01 24.86 14.12
C LEU B 47 -16.12 24.11 15.46
N ASN B 48 -16.76 22.94 15.44
CA ASN B 48 -16.88 22.09 16.63
C ASN B 48 -15.54 21.47 17.07
N ASN B 49 -14.61 21.29 16.13
CA ASN B 49 -13.27 20.77 16.44
C ASN B 49 -12.33 21.85 17.00
N ILE B 50 -12.65 23.13 16.79
CA ILE B 50 -11.81 24.25 17.23
C ILE B 50 -12.18 24.67 18.65
N GLY B 51 -11.17 24.79 19.51
CA GLY B 51 -11.35 25.26 20.88
C GLY B 51 -11.41 26.77 20.96
N PRO B 52 -11.73 27.35 22.13
CA PRO B 52 -12.06 26.62 23.36
C PRO B 52 -13.48 26.03 23.39
N ASP B 53 -14.44 26.79 22.89
CA ASP B 53 -15.84 26.36 22.85
C ASP B 53 -16.08 25.57 21.57
N GLY B 54 -15.61 24.32 21.57
CA GLY B 54 -15.81 23.38 20.46
C GLY B 54 -16.57 22.18 20.99
N SER B 55 -17.72 21.90 20.38
CA SER B 55 -18.60 20.80 20.82
C SER B 55 -17.95 19.42 20.75
N ALA B 56 -17.12 19.21 19.74
CA ALA B 56 -16.48 17.91 19.47
C ALA B 56 -15.30 17.62 20.38
N VAL B 57 -14.60 18.66 20.83
CA VAL B 57 -13.39 18.50 21.66
C VAL B 57 -13.59 19.03 23.09
N PRO B 58 -13.70 18.11 24.07
CA PRO B 58 -13.60 18.50 25.48
C PRO B 58 -12.13 18.45 25.90
N GLY B 59 -11.57 19.61 26.23
CA GLY B 59 -10.10 19.79 26.27
C GLY B 59 -9.76 20.73 25.12
N ALA B 60 -9.17 21.88 25.44
CA ALA B 60 -9.33 23.07 24.61
C ALA B 60 -8.16 24.02 24.73
N GLY B 61 -7.82 24.63 23.59
CA GLY B 61 -6.99 25.83 23.54
C GLY B 61 -7.75 27.08 23.09
N ALA B 62 -7.16 28.22 23.42
CA ALA B 62 -7.69 29.53 23.09
C ALA B 62 -7.24 29.86 21.67
N GLY B 63 -7.88 29.21 20.71
CA GLY B 63 -7.59 29.34 19.28
C GLY B 63 -6.72 28.25 18.67
N PHE B 64 -6.71 27.06 19.28
CA PHE B 64 -5.95 25.93 18.76
C PHE B 64 -6.91 24.93 18.12
N VAL B 65 -6.73 24.67 16.83
CA VAL B 65 -7.63 23.80 16.07
C VAL B 65 -7.18 22.35 16.14
N VAL B 66 -8.08 21.47 16.60
CA VAL B 66 -7.82 20.03 16.62
C VAL B 66 -8.13 19.47 15.23
N ALA B 67 -7.32 18.53 14.76
CA ALA B 67 -7.53 17.91 13.45
C ALA B 67 -8.80 17.07 13.47
N SER B 68 -8.89 16.15 14.42
CA SER B 68 -10.07 15.31 14.62
C SER B 68 -10.27 14.99 16.10
N PRO B 69 -11.54 14.93 16.56
CA PRO B 69 -11.81 14.57 17.96
C PRO B 69 -11.53 13.11 18.32
N SER B 70 -11.34 12.25 17.32
CA SER B 70 -11.02 10.82 17.54
C SER B 70 -9.75 10.63 18.37
N LYS B 71 -9.94 10.50 19.68
CA LYS B 71 -8.86 10.08 20.59
C LYS B 71 -8.57 8.59 20.40
N ALA B 72 -9.62 7.81 20.17
CA ALA B 72 -9.49 6.39 19.82
C ALA B 72 -8.76 6.23 18.50
N ASN B 73 -7.93 5.19 18.40
CA ASN B 73 -7.06 5.00 17.22
C ASN B 73 -7.82 5.13 15.88
N PRO B 74 -7.39 6.00 14.97
CA PRO B 74 -6.17 6.82 15.09
C PRO B 74 -6.33 8.02 16.02
N ASP B 75 -5.39 8.18 16.96
CA ASP B 75 -5.41 9.29 17.91
C ASP B 75 -4.98 10.59 17.20
N TYR B 76 -5.98 11.37 16.78
CA TYR B 76 -5.77 12.66 16.12
C TYR B 76 -6.10 13.84 17.06
N PHE B 77 -6.15 13.60 18.37
CA PHE B 77 -6.48 14.65 19.34
C PHE B 77 -5.25 15.52 19.64
N TYR B 78 -4.86 16.28 18.62
CA TYR B 78 -3.68 17.14 18.65
C TYR B 78 -3.92 18.26 17.64
N THR B 79 -3.23 19.39 17.81
CA THR B 79 -3.28 20.48 16.83
C THR B 79 -2.08 20.38 15.87
N TRP B 80 -2.39 20.25 14.57
CA TRP B 80 -1.37 20.31 13.51
C TRP B 80 -1.31 21.74 13.00
N SER B 81 -0.10 22.32 12.97
CA SER B 81 0.07 23.70 12.50
C SER B 81 -0.29 23.87 11.01
N ARG B 82 -0.20 22.79 10.22
CA ARG B 82 -0.70 22.77 8.85
C ARG B 82 -2.23 22.83 8.82
N ASP B 83 -2.87 21.84 9.46
CA ASP B 83 -4.34 21.77 9.53
C ASP B 83 -4.96 23.02 10.14
N SER B 84 -4.35 23.52 11.22
CA SER B 84 -4.80 24.74 11.90
C SER B 84 -4.75 25.94 10.94
N ALA B 85 -3.61 26.13 10.29
CA ALA B 85 -3.40 27.25 9.37
C ALA B 85 -4.16 27.12 8.05
N LEU B 86 -4.46 25.88 7.64
CA LEU B 86 -5.18 25.63 6.40
C LEU B 86 -6.69 25.74 6.59
N THR B 87 -7.20 25.22 7.71
CA THR B 87 -8.63 25.34 8.03
C THR B 87 -9.04 26.77 8.43
N LEU B 88 -8.11 27.53 9.04
CA LEU B 88 -8.40 28.91 9.40
C LEU B 88 -8.33 29.86 8.22
N LYS B 89 -7.55 29.50 7.20
CA LYS B 89 -7.54 30.21 5.91
C LYS B 89 -8.92 30.18 5.28
N MET B 90 -9.60 29.03 5.36
CA MET B 90 -11.00 28.89 4.96
C MET B 90 -11.90 29.78 5.81
N ILE B 91 -11.72 29.74 7.13
CA ILE B 91 -12.52 30.53 8.07
C ILE B 91 -12.37 32.04 7.84
N ILE B 92 -11.17 32.50 7.55
CA ILE B 92 -10.93 33.91 7.21
C ILE B 92 -11.61 34.25 5.88
N ASP B 93 -11.37 33.41 4.86
CA ASP B 93 -11.98 33.61 3.54
C ASP B 93 -13.52 33.49 3.55
N GLU B 94 -14.06 32.63 4.43
CA GLU B 94 -15.51 32.57 4.67
C GLU B 94 -15.98 33.81 5.42
N PHE B 95 -15.18 34.30 6.36
CA PHE B 95 -15.47 35.54 7.10
C PHE B 95 -15.54 36.78 6.19
N ILE B 96 -14.70 36.84 5.16
CA ILE B 96 -14.69 37.96 4.22
C ILE B 96 -16.04 38.15 3.53
N LEU B 97 -16.72 37.03 3.23
CA LEU B 97 -18.02 37.05 2.55
C LEU B 97 -19.11 36.36 3.38
N GLY B 98 -19.88 37.16 4.13
CA GLY B 98 -21.08 36.68 4.81
C GLY B 98 -20.98 36.61 6.32
N ASN B 99 -20.32 35.58 6.84
CA ASN B 99 -20.23 35.35 8.30
C ASN B 99 -19.33 36.40 8.96
N THR B 100 -19.84 37.05 10.01
CA THR B 100 -19.05 37.99 10.82
C THR B 100 -18.74 37.44 12.23
N THR B 101 -19.45 36.40 12.66
CA THR B 101 -19.20 35.75 13.96
C THR B 101 -17.90 34.93 13.99
N LEU B 102 -17.36 34.60 12.82
CA LEU B 102 -16.07 33.90 12.70
C LEU B 102 -14.88 34.74 13.19
N GLN B 103 -15.03 36.07 13.27
CA GLN B 103 -14.01 36.96 13.83
C GLN B 103 -13.50 36.55 15.21
N THR B 104 -14.41 36.06 16.05
CA THR B 104 -14.07 35.62 17.41
C THR B 104 -13.03 34.50 17.39
N ILE B 105 -13.28 33.47 16.59
CA ILE B 105 -12.35 32.34 16.46
C ILE B 105 -11.05 32.70 15.72
N ILE B 106 -11.13 33.65 14.80
CA ILE B 106 -9.96 34.17 14.08
C ILE B 106 -9.01 34.90 15.03
N GLU B 107 -9.55 35.79 15.86
CA GLU B 107 -8.73 36.61 16.75
C GLU B 107 -8.12 35.83 17.93
N GLN B 108 -8.77 34.75 18.35
CA GLN B 108 -8.14 33.85 19.32
C GLN B 108 -7.02 33.02 18.70
N TYR B 109 -7.17 32.64 17.43
CA TYR B 109 -6.09 31.96 16.68
C TYR B 109 -4.84 32.84 16.57
N ILE B 110 -5.05 34.14 16.36
CA ILE B 110 -3.94 35.11 16.31
C ILE B 110 -3.20 35.14 17.67
N HIS B 111 -3.96 35.06 18.76
CA HIS B 111 -3.37 34.90 20.11
C HIS B 111 -2.73 33.52 20.29
N ALA B 112 -3.40 32.48 19.79
CA ALA B 112 -2.94 31.10 19.92
C ALA B 112 -1.55 30.89 19.31
N GLN B 113 -1.44 31.19 18.02
CA GLN B 113 -0.21 30.96 17.28
C GLN B 113 0.91 31.94 17.67
N ALA B 114 0.51 33.11 18.16
CA ALA B 114 1.48 34.07 18.74
C ALA B 114 2.25 33.46 19.91
N VAL B 115 1.53 32.72 20.76
CA VAL B 115 2.15 31.99 21.87
C VAL B 115 2.89 30.75 21.35
N LEU B 116 2.18 29.92 20.60
CA LEU B 116 2.74 28.67 20.01
C LEU B 116 4.15 28.82 19.41
N GLN B 117 4.40 29.96 18.77
CA GLN B 117 5.74 30.30 18.26
C GLN B 117 6.87 30.06 19.26
N THR B 118 6.71 30.57 20.48
CA THR B 118 7.74 30.50 21.52
C THR B 118 7.97 29.09 22.10
N VAL B 119 6.99 28.19 21.91
CA VAL B 119 7.02 26.85 22.52
C VAL B 119 8.22 26.05 21.98
N SER B 120 9.16 25.73 22.88
CA SER B 120 10.30 24.88 22.52
C SER B 120 9.81 23.44 22.38
N ASN B 121 10.25 22.79 21.30
CA ASN B 121 9.72 21.49 20.87
C ASN B 121 10.85 20.64 20.26
N PRO B 122 10.60 19.33 20.03
CA PRO B 122 11.69 18.45 19.53
C PRO B 122 12.42 18.90 18.26
N SER B 123 11.77 19.68 17.39
CA SER B 123 12.46 20.28 16.24
C SER B 123 13.52 21.28 16.69
N GLY B 124 13.15 22.18 17.60
CA GLY B 124 14.11 23.11 18.21
C GLY B 124 13.50 24.23 19.03
N THR B 125 14.36 25.14 19.48
CA THR B 125 13.97 26.33 20.24
C THR B 125 13.59 27.49 19.31
N PHE B 126 13.02 28.54 19.89
CA PHE B 126 12.49 29.67 19.13
C PHE B 126 13.50 30.80 18.86
N LEU B 127 14.34 31.12 19.84
CA LEU B 127 15.17 32.35 19.76
C LEU B 127 16.41 32.25 18.85
N PRO B 128 17.41 31.42 19.20
CA PRO B 128 18.75 31.56 18.62
C PRO B 128 18.77 31.57 17.09
N ASP B 129 18.20 30.53 16.48
CA ASP B 129 18.10 30.43 15.02
C ASP B 129 16.66 30.31 14.50
N GLY B 130 15.67 30.24 15.38
CA GLY B 130 14.26 30.10 14.97
C GLY B 130 13.97 28.76 14.31
N VAL B 131 14.33 27.69 14.99
CA VAL B 131 14.19 26.33 14.44
C VAL B 131 12.86 25.67 14.82
N GLY B 132 12.31 26.01 15.98
CA GLY B 132 11.09 25.38 16.50
C GLY B 132 9.79 25.59 15.74
N LEU B 133 9.76 26.54 14.81
CA LEU B 133 8.54 26.86 14.05
C LEU B 133 8.12 25.75 13.08
N GLY B 134 9.08 24.94 12.63
CA GLY B 134 8.81 23.85 11.70
C GLY B 134 8.13 22.61 12.27
N GLU B 135 8.03 22.52 13.60
CA GLU B 135 7.43 21.35 14.26
C GLU B 135 5.93 21.30 13.89
N PRO B 136 5.49 20.20 13.24
CA PRO B 136 4.14 20.16 12.66
C PRO B 136 2.98 20.00 13.64
N LYS B 137 3.25 19.47 14.83
CA LYS B 137 2.21 18.93 15.71
C LYS B 137 2.47 19.33 17.16
N PHE B 138 1.45 19.88 17.79
CA PHE B 138 1.47 20.18 19.23
C PHE B 138 0.26 19.56 19.90
N MET B 139 0.24 19.61 21.22
CA MET B 139 -0.90 19.13 22.01
C MET B 139 -2.07 20.10 21.78
N VAL B 140 -3.28 19.71 22.19
CA VAL B 140 -4.46 20.57 22.12
C VAL B 140 -4.35 21.58 23.28
N ASP B 141 -3.33 22.41 23.20
CA ASP B 141 -2.80 23.23 24.29
C ASP B 141 -1.77 24.08 23.58
N GLY B 142 -0.86 24.71 24.32
CA GLY B 142 0.42 25.16 23.79
C GLY B 142 1.60 24.40 24.39
N THR B 143 1.41 23.10 24.66
CA THR B 143 2.47 22.26 25.23
C THR B 143 3.15 21.51 24.09
N ARG B 144 4.43 21.24 24.27
CA ARG B 144 5.22 20.47 23.29
C ARG B 144 4.73 19.02 23.15
N PHE B 145 4.83 18.48 21.95
CA PHE B 145 4.62 17.05 21.70
C PHE B 145 5.98 16.37 21.65
N ASN B 146 6.28 15.57 22.67
CA ASN B 146 7.59 14.95 22.85
C ASN B 146 7.83 13.68 22.02
N GLY B 147 6.76 13.01 21.60
CA GLY B 147 6.87 11.72 20.91
C GLY B 147 7.51 11.79 19.53
N PRO B 148 7.98 10.64 19.00
CA PRO B 148 8.67 10.62 17.72
C PRO B 148 7.72 10.89 16.56
N TRP B 149 8.19 11.67 15.59
CA TRP B 149 7.34 12.17 14.51
C TRP B 149 8.19 12.60 13.30
N GLY B 150 7.55 12.73 12.15
CA GLY B 150 8.21 13.21 10.93
C GLY B 150 8.42 14.71 10.98
N ARG B 151 9.56 15.12 11.54
CA ARG B 151 9.90 16.53 11.72
C ARG B 151 11.31 16.82 11.20
N PRO B 152 11.62 18.05 10.76
CA PRO B 152 10.66 19.15 10.62
C PRO B 152 9.88 19.08 9.31
N GLN B 153 8.78 19.82 9.22
CA GLN B 153 7.91 19.81 8.02
C GLN B 153 7.93 21.07 7.15
N ARG B 154 8.37 22.21 7.70
CA ARG B 154 8.74 23.40 6.92
C ARG B 154 7.61 24.12 6.13
N ASP B 155 6.38 23.62 6.20
CA ASP B 155 5.24 24.15 5.44
C ASP B 155 4.21 24.89 6.30
N GLY B 156 4.10 24.51 7.57
CA GLY B 156 3.25 25.20 8.54
C GLY B 156 3.47 26.70 8.62
N PRO B 157 4.75 27.14 8.74
CA PRO B 157 5.08 28.57 8.70
C PRO B 157 4.54 29.31 7.47
N ALA B 158 4.62 28.68 6.30
CA ALA B 158 4.06 29.26 5.08
C ALA B 158 2.54 29.42 5.20
N LEU B 159 1.84 28.31 5.45
CA LEU B 159 0.37 28.33 5.57
C LEU B 159 -0.16 29.22 6.70
N ARG B 160 0.59 29.32 7.80
CA ARG B 160 0.26 30.21 8.91
C ARG B 160 0.49 31.68 8.55
N ALA B 161 1.55 31.95 7.78
CA ALA B 161 1.78 33.28 7.22
C ALA B 161 0.68 33.64 6.22
N ILE B 162 0.39 32.72 5.30
CA ILE B 162 -0.65 32.91 4.28
C ILE B 162 -2.02 33.16 4.91
N ALA B 163 -2.31 32.48 6.02
CA ALA B 163 -3.55 32.67 6.75
C ALA B 163 -3.64 34.07 7.36
N LEU B 164 -2.64 34.44 8.14
CA LEU B 164 -2.59 35.75 8.79
C LEU B 164 -2.46 36.92 7.82
N MET B 165 -1.77 36.70 6.69
CA MET B 165 -1.66 37.73 5.64
C MET B 165 -2.99 37.97 4.92
N THR B 166 -3.78 36.92 4.71
CA THR B 166 -5.12 37.05 4.12
C THR B 166 -6.16 37.70 5.07
N TYR B 167 -5.91 37.66 6.38
CA TYR B 167 -6.74 38.40 7.35
C TYR B 167 -6.27 39.85 7.52
N SER B 168 -4.96 40.04 7.67
CA SER B 168 -4.40 41.37 7.92
C SER B 168 -4.53 42.32 6.72
N ASN B 169 -4.49 41.79 5.50
CA ASN B 169 -4.69 42.61 4.29
C ASN B 169 -6.17 43.01 4.09
N TRP B 170 -7.09 42.35 4.77
CA TRP B 170 -8.49 42.81 4.87
C TRP B 170 -8.61 43.95 5.89
N LEU B 171 -7.90 43.82 7.02
CA LEU B 171 -7.92 44.85 8.08
C LEU B 171 -7.39 46.21 7.61
N ILE B 172 -6.32 46.22 6.82
CA ILE B 172 -5.81 47.47 6.21
C ILE B 172 -6.81 48.04 5.20
N LYS B 173 -7.48 47.17 4.44
CA LYS B 173 -8.50 47.59 3.48
C LYS B 173 -9.79 48.09 4.14
N ASN B 174 -10.13 47.56 5.33
CA ASN B 174 -11.35 47.95 6.06
C ASN B 174 -11.04 48.81 7.30
N GLY B 175 -10.10 49.74 7.15
CA GLY B 175 -9.84 50.78 8.15
C GLY B 175 -9.45 50.33 9.54
N GLN B 176 -8.58 49.32 9.62
CA GLN B 176 -8.04 48.85 10.89
C GLN B 176 -6.57 48.48 10.69
N PHE B 177 -5.83 49.44 10.15
CA PHE B 177 -4.42 49.30 9.82
C PHE B 177 -3.55 49.00 11.05
N ALA B 178 -3.88 49.63 12.18
CA ALA B 178 -3.14 49.45 13.43
C ALA B 178 -2.95 47.99 13.80
N GLU B 179 -4.05 47.23 13.79
CA GLU B 179 -4.06 45.81 14.15
C GLU B 179 -3.15 44.97 13.24
N ALA B 180 -3.22 45.23 11.94
CA ALA B 180 -2.38 44.53 10.96
C ALA B 180 -0.88 44.79 11.16
N LYS B 181 -0.54 46.04 11.46
CA LYS B 181 0.87 46.45 11.60
C LYS B 181 1.45 46.13 12.97
N THR B 182 0.76 46.50 14.04
CA THR B 182 1.31 46.44 15.40
C THR B 182 1.29 45.03 16.03
N LYS B 183 0.24 44.27 15.78
CA LYS B 183 -0.05 43.01 16.48
C LYS B 183 0.14 41.75 15.58
N ILE B 184 -0.51 41.74 14.42
CA ILE B 184 -0.50 40.56 13.54
C ILE B 184 0.84 40.36 12.81
N TRP B 185 1.50 41.45 12.41
CA TRP B 185 2.75 41.36 11.63
C TRP B 185 3.91 40.59 12.33
N PRO B 186 4.24 40.92 13.59
CA PRO B 186 5.35 40.21 14.24
C PRO B 186 5.20 38.68 14.38
N ILE B 187 3.97 38.16 14.24
CA ILE B 187 3.75 36.73 14.05
C ILE B 187 4.26 36.31 12.66
N ILE B 188 3.78 37.02 11.63
CA ILE B 188 4.15 36.74 10.22
C ILE B 188 5.66 36.88 10.01
N ALA B 189 6.24 37.94 10.59
CA ALA B 189 7.69 38.23 10.49
C ALA B 189 8.59 37.05 10.85
N ASN B 190 8.19 36.27 11.85
CA ASN B 190 8.94 35.08 12.27
C ASN B 190 8.75 33.92 11.29
N ASP B 191 7.51 33.73 10.84
CA ASP B 191 7.15 32.58 10.01
C ASP B 191 7.70 32.64 8.58
N LEU B 192 7.81 33.84 8.01
CA LEU B 192 8.49 33.99 6.70
C LEU B 192 10.00 34.27 6.83
N SER B 193 10.46 34.61 8.04
CA SER B 193 11.90 34.52 8.38
C SER B 193 12.35 33.06 8.38
N TYR B 194 11.48 32.17 8.86
CA TYR B 194 11.72 30.72 8.81
C TYR B 194 11.86 30.23 7.38
N VAL B 195 10.93 30.64 6.52
CA VAL B 195 10.93 30.23 5.12
C VAL B 195 12.19 30.76 4.43
N GLY B 196 12.50 32.04 4.65
CA GLY B 196 13.73 32.64 4.15
C GLY B 196 15.00 31.90 4.55
N GLN B 197 15.06 31.46 5.80
CA GLN B 197 16.23 30.78 6.35
C GLN B 197 16.33 29.29 6.01
N TYR B 198 15.19 28.62 5.82
CA TYR B 198 15.16 27.15 5.74
C TYR B 198 14.44 26.53 4.53
N TRP B 199 14.10 27.32 3.52
CA TRP B 199 13.42 26.75 2.32
C TRP B 199 14.31 25.76 1.56
N ASN B 200 15.60 26.06 1.49
CA ASN B 200 16.55 25.26 0.71
C ASN B 200 17.16 24.08 1.47
N GLN B 201 16.82 23.92 2.74
CA GLN B 201 17.12 22.69 3.48
C GLN B 201 15.88 21.79 3.48
N SER B 202 16.10 20.49 3.46
CA SER B 202 15.02 19.51 3.30
C SER B 202 14.13 19.40 4.54
N GLY B 203 12.97 18.80 4.34
CA GLY B 203 12.01 18.54 5.42
C GLY B 203 11.11 17.37 5.09
N PHE B 204 10.07 17.17 5.88
CA PHE B 204 9.05 16.16 5.60
C PHE B 204 7.92 16.79 4.77
N ASP B 205 7.33 15.99 3.88
CA ASP B 205 6.20 16.43 3.06
C ASP B 205 4.91 16.59 3.89
N LEU B 206 3.84 17.06 3.25
CA LEU B 206 2.54 17.23 3.93
C LEU B 206 1.93 15.94 4.48
N TRP B 207 2.29 14.79 3.89
CA TRP B 207 1.85 13.47 4.38
C TRP B 207 2.68 12.92 5.55
N GLU B 208 3.72 13.64 5.97
CA GLU B 208 4.50 13.33 7.19
C GLU B 208 5.29 12.02 7.08
N GLU B 209 5.82 11.75 5.89
CA GLU B 209 6.43 10.46 5.55
C GLU B 209 7.80 10.62 4.90
N THR B 210 7.82 11.18 3.69
CA THR B 210 9.04 11.27 2.90
C THR B 210 9.85 12.49 3.32
N TYR B 211 11.05 12.25 3.87
CA TYR B 211 11.98 13.32 4.23
C TYR B 211 12.66 13.82 2.95
N ALA B 212 12.02 14.80 2.31
CA ALA B 212 12.48 15.33 1.03
C ALA B 212 11.90 16.71 0.72
N SER B 213 12.44 17.34 -0.33
CA SER B 213 11.88 18.58 -0.86
C SER B 213 10.54 18.29 -1.53
N SER B 214 9.46 18.77 -0.92
CA SER B 214 8.08 18.51 -1.37
C SER B 214 7.55 19.68 -2.20
N PHE B 215 6.67 19.36 -3.15
CA PHE B 215 6.10 20.36 -4.07
C PHE B 215 5.10 21.29 -3.38
N PHE B 216 4.21 20.71 -2.57
CA PHE B 216 3.23 21.46 -1.78
C PHE B 216 3.91 22.43 -0.82
N THR B 217 4.97 21.95 -0.18
CA THR B 217 5.73 22.76 0.77
C THR B 217 6.45 23.93 0.09
N ILE B 218 7.03 23.68 -1.08
CA ILE B 218 7.77 24.72 -1.83
C ILE B 218 6.84 25.75 -2.47
N GLN B 219 5.77 25.28 -3.12
CA GLN B 219 4.83 26.19 -3.80
C GLN B 219 4.10 27.13 -2.83
N ASN B 220 3.71 26.63 -1.67
CA ASN B 220 3.04 27.45 -0.64
C ASN B 220 4.00 28.41 0.04
N GLN B 221 5.24 27.98 0.27
CA GLN B 221 6.25 28.85 0.91
C GLN B 221 6.91 29.83 -0.10
N HIS B 222 6.71 29.62 -1.39
CA HIS B 222 6.95 30.67 -2.40
C HIS B 222 5.96 31.81 -2.21
N ARG B 223 4.68 31.45 -2.18
CA ARG B 223 3.58 32.42 -1.99
C ARG B 223 3.74 33.26 -0.73
N ALA B 224 4.18 32.63 0.36
CA ALA B 224 4.36 33.31 1.66
C ALA B 224 5.41 34.43 1.64
N LEU B 225 6.38 34.32 0.74
CA LEU B 225 7.39 35.37 0.52
C LEU B 225 6.89 36.47 -0.42
N VAL B 226 6.21 36.08 -1.50
CA VAL B 226 5.74 37.04 -2.52
C VAL B 226 4.59 37.89 -1.97
N GLU B 227 3.57 37.23 -1.42
CA GLU B 227 2.45 37.92 -0.78
C GLU B 227 2.88 38.63 0.51
N GLY B 228 3.84 38.04 1.23
CA GLY B 228 4.40 38.63 2.44
C GLY B 228 5.25 39.87 2.19
N ALA B 229 5.91 39.94 1.04
CA ALA B 229 6.66 41.13 0.63
C ALA B 229 5.76 42.33 0.35
N GLN B 230 4.62 42.07 -0.29
CA GLN B 230 3.65 43.12 -0.62
C GLN B 230 2.98 43.71 0.62
N LEU B 231 2.65 42.85 1.59
CA LEU B 231 2.10 43.30 2.89
C LEU B 231 3.13 44.01 3.75
N ALA B 232 4.39 43.57 3.67
CA ALA B 232 5.50 44.27 4.35
C ALA B 232 5.69 45.68 3.81
N HIS B 233 5.54 45.83 2.49
CA HIS B 233 5.63 47.13 1.82
C HIS B 233 4.52 48.09 2.27
N ASP B 234 3.27 47.63 2.27
CA ASP B 234 2.14 48.51 2.60
C ASP B 234 2.01 48.79 4.10
N LEU B 235 2.44 47.85 4.94
CA LEU B 235 2.56 48.11 6.40
C LEU B 235 3.72 49.05 6.72
N GLY B 236 4.76 49.03 5.89
CA GLY B 236 5.91 49.90 6.08
C GLY B 236 6.90 49.31 7.06
N VAL B 237 7.27 48.05 6.80
CA VAL B 237 8.24 47.31 7.63
C VAL B 237 9.08 46.39 6.75
N THR B 238 10.28 46.06 7.23
CA THR B 238 11.25 45.29 6.45
C THR B 238 11.11 43.77 6.64
N CYS B 239 10.54 43.09 5.65
CA CYS B 239 10.44 41.62 5.66
C CYS B 239 11.81 41.00 5.43
N THR B 240 12.36 40.40 6.49
CA THR B 240 13.59 39.63 6.40
C THR B 240 13.20 38.20 6.06
N GLY B 241 13.64 37.73 4.89
CA GLY B 241 13.24 36.41 4.35
C GLY B 241 12.59 36.50 2.98
N CYS B 242 11.92 37.62 2.70
CA CYS B 242 11.28 37.86 1.40
C CYS B 242 12.22 37.86 0.18
N ASP B 243 13.53 38.04 0.43
CA ASP B 243 14.58 37.98 -0.61
C ASP B 243 14.56 36.73 -1.50
N GLN B 244 14.21 35.59 -0.92
CA GLN B 244 14.41 34.29 -1.58
C GLN B 244 13.32 33.89 -2.60
N ALA B 245 12.30 34.73 -2.78
CA ALA B 245 11.16 34.42 -3.67
C ALA B 245 11.51 33.96 -5.09
N PRO B 246 12.52 34.59 -5.74
CA PRO B 246 12.93 34.10 -7.07
C PRO B 246 13.61 32.72 -7.03
N GLU B 247 14.46 32.50 -6.03
CA GLU B 247 15.20 31.23 -5.89
C GLU B 247 14.30 30.05 -5.49
N VAL B 248 13.25 30.32 -4.72
CA VAL B 248 12.24 29.31 -4.37
C VAL B 248 11.45 28.93 -5.62
N LEU B 249 11.07 29.95 -6.40
CA LEU B 249 10.38 29.76 -7.67
C LEU B 249 11.26 29.06 -8.72
N CYS B 250 12.57 29.32 -8.66
CA CYS B 250 13.55 28.64 -9.53
C CYS B 250 13.58 27.14 -9.26
N PHE B 251 13.66 26.78 -7.97
CA PHE B 251 13.69 25.38 -7.56
C PHE B 251 12.37 24.63 -7.84
N LEU B 252 11.25 25.35 -7.81
CA LEU B 252 9.94 24.77 -8.13
C LEU B 252 9.84 24.19 -9.55
N GLN B 253 10.69 24.67 -10.46
CA GLN B 253 10.73 24.17 -11.85
C GLN B 253 11.32 22.75 -11.96
N SER B 254 12.14 22.34 -10.98
CA SER B 254 12.75 21.00 -10.96
C SER B 254 11.77 19.84 -10.72
N PHE B 255 10.60 20.14 -10.16
CA PHE B 255 9.61 19.11 -9.79
C PHE B 255 8.93 18.48 -11.01
N TRP B 256 8.74 19.26 -12.06
CA TRP B 256 8.17 18.78 -13.33
C TRP B 256 9.03 17.68 -13.96
N ASN B 257 8.37 16.71 -14.59
CA ASN B 257 9.02 15.51 -15.09
C ASN B 257 8.33 14.99 -16.36
N GLY B 258 8.57 15.69 -17.47
CA GLY B 258 8.17 15.22 -18.80
C GLY B 258 6.67 15.15 -19.05
N LYS B 259 6.04 14.13 -18.47
CA LYS B 259 4.59 13.89 -18.62
C LYS B 259 3.80 14.44 -17.43
N TYR B 260 4.30 14.17 -16.21
CA TYR B 260 3.62 14.56 -14.97
C TYR B 260 4.60 15.27 -14.04
N ILE B 261 4.08 15.78 -12.92
CA ILE B 261 4.89 16.48 -11.91
C ILE B 261 5.20 15.59 -10.70
N VAL B 262 6.49 15.39 -10.44
CA VAL B 262 6.95 14.63 -9.27
C VAL B 262 6.78 15.50 -8.05
N SER B 263 6.01 15.02 -7.07
CA SER B 263 5.70 15.80 -5.88
C SER B 263 6.88 15.93 -4.92
N ASN B 264 7.61 14.84 -4.72
CA ASN B 264 8.79 14.83 -3.85
C ASN B 264 10.05 14.59 -4.66
N ILE B 265 10.86 15.64 -4.76
CA ILE B 265 12.10 15.65 -5.54
C ILE B 265 13.26 15.60 -4.53
N ASN B 266 14.44 15.25 -5.04
CA ASN B 266 15.70 15.30 -4.28
C ASN B 266 15.86 14.11 -3.31
N VAL B 267 15.12 13.02 -3.56
CA VAL B 267 15.33 11.73 -2.88
C VAL B 267 15.01 10.55 -3.80
N ASN B 268 15.33 9.35 -3.32
CA ASN B 268 14.82 8.11 -3.88
C ASN B 268 14.09 7.37 -2.76
N ASN B 269 12.77 7.32 -2.85
CA ASN B 269 11.92 6.57 -1.90
C ASN B 269 11.09 5.48 -2.61
N GLY B 270 11.39 5.22 -3.88
CA GLY B 270 10.68 4.21 -4.66
C GLY B 270 9.25 4.56 -5.06
N ARG B 271 8.88 5.84 -4.95
CA ARG B 271 7.54 6.30 -5.36
C ARG B 271 7.57 6.82 -6.78
N THR B 272 6.39 6.87 -7.41
CA THR B 272 6.24 7.36 -8.77
C THR B 272 6.55 8.85 -8.85
N GLY B 273 5.93 9.62 -7.95
CA GLY B 273 5.94 11.08 -8.02
C GLY B 273 4.54 11.63 -8.19
N LEU B 274 3.67 10.85 -8.84
CA LEU B 274 2.25 11.17 -8.94
C LEU B 274 1.67 11.17 -7.54
N ASP B 275 1.05 12.29 -7.16
CA ASP B 275 0.64 12.53 -5.78
C ASP B 275 -0.38 13.65 -5.69
N GLY B 276 -1.36 13.51 -4.80
CA GLY B 276 -2.34 14.56 -4.50
C GLY B 276 -1.72 15.84 -3.97
N ASN B 277 -0.53 15.71 -3.38
CA ASN B 277 0.42 16.81 -3.15
C ASN B 277 0.38 17.87 -4.26
N SER B 278 0.44 17.41 -5.51
CA SER B 278 0.42 18.28 -6.69
C SER B 278 -0.86 19.11 -6.84
N ILE B 279 -2.01 18.45 -6.69
CA ILE B 279 -3.32 19.14 -6.75
C ILE B 279 -3.47 20.10 -5.57
N LEU B 280 -3.14 19.63 -4.37
CA LEU B 280 -3.28 20.43 -3.15
C LEU B 280 -2.39 21.67 -3.13
N GLY B 281 -1.24 21.62 -3.80
CA GLY B 281 -0.37 22.78 -3.98
C GLY B 281 -0.98 23.85 -4.88
N ALA B 282 -1.63 23.41 -5.95
CA ALA B 282 -2.25 24.31 -6.94
C ALA B 282 -3.46 25.03 -6.36
N ILE B 283 -4.36 24.30 -5.72
CA ILE B 283 -5.57 24.88 -5.11
C ILE B 283 -5.27 25.82 -3.94
N SER B 284 -4.23 25.51 -3.17
CA SER B 284 -3.81 26.36 -2.04
C SER B 284 -2.95 27.56 -2.43
N THR B 285 -2.47 27.58 -3.68
CA THR B 285 -1.71 28.71 -4.24
C THR B 285 -2.50 29.26 -5.43
N PHE B 286 -3.78 29.56 -5.19
CA PHE B 286 -4.73 29.94 -6.24
C PHE B 286 -4.82 31.46 -6.40
N ASP B 287 -4.69 31.93 -7.63
CA ASP B 287 -4.87 33.35 -7.99
C ASP B 287 -5.73 33.45 -9.24
N ILE B 288 -6.56 34.48 -9.30
CA ILE B 288 -7.52 34.70 -10.40
C ILE B 288 -6.97 35.71 -11.40
N ASP B 289 -6.29 36.74 -10.91
CA ASP B 289 -5.63 37.74 -11.75
C ASP B 289 -4.46 37.17 -12.58
N ALA B 290 -3.88 36.06 -12.13
CA ALA B 290 -2.79 35.38 -12.85
C ALA B 290 -3.27 34.82 -14.19
N TYR B 291 -2.32 34.56 -15.08
CA TYR B 291 -2.58 33.81 -16.31
C TYR B 291 -1.81 32.49 -16.26
N CYS B 292 -2.20 31.59 -17.15
CA CYS B 292 -1.63 30.24 -17.20
C CYS B 292 -0.17 30.19 -17.67
N ASP B 293 0.29 31.28 -18.28
CA ASP B 293 1.71 31.47 -18.62
C ASP B 293 2.64 31.44 -17.38
N SER B 294 2.16 31.93 -16.24
CA SER B 294 2.99 32.14 -15.04
C SER B 294 3.80 30.92 -14.60
N PRO B 295 5.03 31.13 -14.08
CA PRO B 295 5.86 30.03 -13.58
C PRO B 295 5.62 29.66 -12.10
N THR B 296 4.58 30.21 -11.48
CA THR B 296 4.10 29.76 -10.15
C THR B 296 3.28 28.45 -10.17
N LEU B 297 3.00 27.91 -11.37
CA LEU B 297 2.30 26.63 -11.57
C LEU B 297 0.87 26.67 -11.03
N GLN B 298 0.03 27.47 -11.69
CA GLN B 298 -1.39 27.58 -11.33
C GLN B 298 -2.19 26.37 -11.79
N PRO B 299 -3.45 26.22 -11.32
CA PRO B 299 -4.32 25.15 -11.81
C PRO B 299 -4.56 25.15 -13.33
N CYS B 300 -4.62 26.33 -13.94
CA CYS B 300 -4.82 26.45 -15.40
C CYS B 300 -3.54 26.32 -16.24
N HIS B 301 -2.37 26.34 -15.58
CA HIS B 301 -1.07 26.16 -16.26
C HIS B 301 -0.98 24.77 -16.89
N SER B 302 -0.35 24.70 -18.07
CA SER B 302 -0.35 23.50 -18.92
C SER B 302 0.18 22.24 -18.20
N GLN B 303 1.37 22.36 -17.62
CA GLN B 303 2.00 21.27 -16.85
C GLN B 303 1.13 20.75 -15.71
N SER B 304 0.44 21.65 -15.02
CA SER B 304 -0.48 21.27 -13.93
C SER B 304 -1.70 20.48 -14.43
N LEU B 305 -2.19 20.82 -15.63
CA LEU B 305 -3.31 20.07 -16.24
C LEU B 305 -2.88 18.67 -16.68
N ALA B 306 -1.68 18.58 -17.28
CA ALA B 306 -1.11 17.30 -17.71
C ALA B 306 -0.83 16.35 -16.54
N ASN B 307 -0.46 16.93 -15.39
CA ASN B 307 -0.35 16.16 -14.14
C ASN B 307 -1.71 15.62 -13.72
N PHE B 308 -2.70 16.51 -13.62
CA PHE B 308 -4.08 16.15 -13.22
C PHE B 308 -4.62 14.97 -14.03
N LYS B 309 -4.29 14.91 -15.32
CA LYS B 309 -4.65 13.77 -16.17
C LYS B 309 -4.06 12.47 -15.64
N VAL B 310 -2.73 12.40 -15.60
CA VAL B 310 -2.04 11.15 -15.23
C VAL B 310 -2.24 10.79 -13.76
N LEU B 311 -2.34 11.82 -12.90
CA LEU B 311 -2.60 11.62 -11.48
C LEU B 311 -3.98 11.01 -11.22
N THR B 312 -5.01 11.59 -11.84
CA THR B 312 -6.37 11.09 -11.67
C THR B 312 -6.61 9.76 -12.42
N ASP B 313 -5.92 9.55 -13.54
CA ASP B 313 -5.99 8.29 -14.30
C ASP B 313 -5.38 7.09 -13.59
N THR B 314 -4.34 7.31 -12.79
CA THR B 314 -3.75 6.24 -11.98
C THR B 314 -4.70 5.80 -10.86
N PHE B 315 -5.36 6.76 -10.20
CA PHE B 315 -6.39 6.44 -9.21
C PHE B 315 -7.66 5.86 -9.83
N ARG B 316 -7.97 6.27 -11.06
CA ARG B 316 -9.05 5.67 -11.87
C ARG B 316 -8.84 4.17 -12.07
N ASN B 317 -7.58 3.76 -12.17
CA ASN B 317 -7.19 2.36 -12.35
C ASN B 317 -6.84 1.62 -11.05
N LEU B 318 -6.34 2.34 -10.03
CA LEU B 318 -5.97 1.75 -8.73
C LEU B 318 -7.16 1.13 -8.00
N TYR B 319 -8.09 1.98 -7.58
CA TYR B 319 -9.12 1.58 -6.62
C TYR B 319 -10.30 0.87 -7.29
N THR B 320 -10.89 -0.08 -6.57
CA THR B 320 -12.03 -0.87 -7.08
C THR B 320 -13.28 -0.02 -7.28
N ILE B 321 -13.42 1.04 -6.48
CA ILE B 321 -14.48 2.04 -6.63
C ILE B 321 -14.56 2.64 -8.03
N ASN B 322 -13.40 2.80 -8.68
CA ASN B 322 -13.32 3.36 -10.04
C ASN B 322 -13.29 2.26 -11.10
N ALA B 323 -14.24 1.32 -10.99
CA ALA B 323 -14.35 0.20 -11.91
C ALA B 323 -15.04 0.65 -13.19
N GLY B 324 -14.24 0.94 -14.21
CA GLY B 324 -14.74 1.30 -15.54
C GLY B 324 -15.44 2.64 -15.64
N ILE B 325 -14.99 3.62 -14.85
CA ILE B 325 -15.47 4.99 -14.97
C ILE B 325 -14.75 5.62 -16.18
N PRO B 326 -15.51 6.21 -17.14
CA PRO B 326 -14.93 6.84 -18.34
C PRO B 326 -13.86 7.90 -18.09
N GLU B 327 -13.11 8.21 -19.14
CA GLU B 327 -12.05 9.22 -19.09
C GLU B 327 -12.57 10.66 -18.93
N GLY B 328 -13.81 10.91 -19.35
CA GLY B 328 -14.47 12.21 -19.17
C GLY B 328 -15.36 12.34 -17.94
N GLN B 329 -15.09 11.53 -16.90
CA GLN B 329 -15.82 11.61 -15.64
C GLN B 329 -14.88 11.46 -14.45
N GLY B 330 -15.09 12.27 -13.41
CA GLY B 330 -14.30 12.26 -12.20
C GLY B 330 -14.40 10.96 -11.41
N VAL B 331 -13.41 10.75 -10.55
CA VAL B 331 -13.22 9.50 -9.83
C VAL B 331 -12.72 9.74 -8.41
N ALA B 332 -12.72 8.68 -7.60
CA ALA B 332 -12.19 8.73 -6.23
C ALA B 332 -10.68 8.93 -6.27
N VAL B 333 -10.23 10.05 -5.71
CA VAL B 333 -8.81 10.41 -5.70
C VAL B 333 -8.22 10.17 -4.31
N GLY B 334 -7.02 9.56 -4.29
CA GLY B 334 -6.25 9.35 -3.06
C GLY B 334 -4.99 10.18 -3.07
N ARG B 335 -4.04 9.85 -2.19
CA ARG B 335 -2.82 10.67 -2.05
C ARG B 335 -1.66 10.17 -2.89
N TYR B 336 -1.42 8.87 -2.94
CA TYR B 336 -0.45 8.30 -3.89
C TYR B 336 -0.68 6.81 -4.17
N ALA B 337 -0.15 6.33 -5.30
CA ALA B 337 -0.35 4.94 -5.74
C ALA B 337 0.23 3.91 -4.75
N GLU B 338 1.32 4.29 -4.07
CA GLU B 338 1.99 3.44 -3.08
C GLU B 338 1.52 3.70 -1.64
N ASP B 339 0.34 4.30 -1.46
CA ASP B 339 -0.21 4.60 -0.13
C ASP B 339 -0.58 3.29 0.57
N VAL B 340 -0.12 3.13 1.81
CA VAL B 340 -0.46 1.97 2.65
C VAL B 340 -1.14 2.36 3.98
N TYR B 341 -1.32 3.65 4.24
CA TYR B 341 -1.85 4.12 5.52
C TYR B 341 -3.33 3.78 5.64
N MET B 342 -3.61 2.79 6.49
CA MET B 342 -4.97 2.31 6.78
C MET B 342 -5.69 1.74 5.55
N GLY B 343 -4.93 1.06 4.68
CA GLY B 343 -5.47 0.41 3.48
C GLY B 343 -4.99 0.97 2.16
N GLY B 344 -4.60 2.24 2.13
CA GLY B 344 -4.22 2.91 0.89
C GLY B 344 -5.46 3.34 0.14
N ASN B 345 -6.18 4.29 0.71
CA ASN B 345 -7.54 4.63 0.28
C ASN B 345 -7.62 6.00 -0.39
N PRO B 346 -8.79 6.32 -0.99
CA PRO B 346 -9.05 7.71 -1.40
C PRO B 346 -9.44 8.59 -0.21
N TRP B 347 -9.07 9.87 -0.30
CA TRP B 347 -9.29 10.85 0.78
C TRP B 347 -10.41 11.81 0.39
N TYR B 348 -11.21 12.22 1.37
CA TYR B 348 -12.30 13.19 1.15
C TYR B 348 -11.75 14.55 0.70
N LEU B 349 -10.71 15.02 1.39
CA LEU B 349 -10.13 16.34 1.11
C LEU B 349 -9.46 16.44 -0.25
N ILE B 350 -8.87 15.34 -0.72
CA ILE B 350 -8.18 15.32 -2.02
C ILE B 350 -9.19 15.23 -3.17
N THR B 351 -10.26 14.44 -2.97
CA THR B 351 -11.30 14.26 -3.99
C THR B 351 -12.10 15.55 -4.23
N THR B 352 -12.36 16.29 -3.15
CA THR B 352 -12.97 17.62 -3.24
C THR B 352 -12.01 18.65 -3.85
N ALA B 353 -10.74 18.58 -3.47
CA ALA B 353 -9.69 19.45 -4.04
C ALA B 353 -9.44 19.20 -5.52
N ALA B 354 -9.66 17.95 -5.97
CA ALA B 354 -9.60 17.61 -7.40
C ALA B 354 -10.68 18.31 -8.21
N ALA B 355 -11.86 18.48 -7.61
CA ALA B 355 -12.94 19.27 -8.21
C ALA B 355 -12.59 20.76 -8.19
N GLU B 356 -12.14 21.24 -7.03
CA GLU B 356 -11.71 22.63 -6.84
C GLU B 356 -10.60 23.04 -7.83
N PHE B 357 -9.71 22.10 -8.14
CA PHE B 357 -8.67 22.28 -9.16
C PHE B 357 -9.29 22.67 -10.52
N LEU B 358 -10.35 21.98 -10.92
CA LEU B 358 -11.08 22.29 -12.15
C LEU B 358 -11.88 23.60 -12.03
N TYR B 359 -12.50 23.83 -10.87
CA TYR B 359 -13.21 25.08 -10.60
C TYR B 359 -12.28 26.30 -10.53
N ASP B 360 -11.01 26.09 -10.17
CA ASP B 360 -9.99 27.14 -10.23
C ASP B 360 -9.58 27.43 -11.68
N ALA B 361 -9.34 26.36 -12.45
CA ALA B 361 -8.93 26.48 -13.85
C ALA B 361 -10.02 27.11 -14.73
N VAL B 362 -11.27 26.69 -14.51
CA VAL B 362 -12.42 27.22 -15.26
C VAL B 362 -12.61 28.73 -15.03
N ALA B 363 -12.32 29.18 -13.81
CA ALA B 363 -12.42 30.60 -13.45
C ALA B 363 -11.28 31.43 -14.07
N GLN B 364 -10.07 30.87 -14.06
CA GLN B 364 -8.89 31.57 -14.60
C GLN B 364 -8.95 31.82 -16.11
N TRP B 365 -9.50 30.86 -16.86
CA TRP B 365 -9.69 31.03 -18.31
C TRP B 365 -10.74 32.10 -18.61
N LYS B 366 -11.85 32.07 -17.88
CA LYS B 366 -12.87 33.12 -17.96
C LYS B 366 -12.34 34.49 -17.53
N ALA B 367 -11.50 34.50 -16.51
CA ALA B 367 -10.91 35.75 -15.98
C ALA B 367 -9.97 36.42 -16.96
N ARG B 368 -9.06 35.64 -17.55
CA ARG B 368 -8.08 36.15 -18.52
C ARG B 368 -8.53 36.03 -19.99
N HIS B 369 -9.74 35.50 -20.21
CA HIS B 369 -10.40 35.50 -21.53
C HIS B 369 -9.60 34.80 -22.64
N VAL B 370 -8.83 33.78 -22.28
CA VAL B 370 -7.95 33.09 -23.23
C VAL B 370 -7.61 31.68 -22.75
N LEU B 371 -7.47 30.77 -23.72
CA LEU B 371 -7.07 29.39 -23.47
C LEU B 371 -6.07 28.98 -24.55
N THR B 372 -4.78 29.13 -24.24
CA THR B 372 -3.70 28.69 -25.12
C THR B 372 -3.47 27.19 -24.86
N VAL B 373 -4.30 26.36 -25.49
CA VAL B 373 -4.25 24.90 -25.29
C VAL B 373 -2.96 24.29 -25.88
N ASP B 374 -1.99 24.08 -25.00
CA ASP B 374 -0.66 23.57 -25.38
C ASP B 374 -0.74 22.07 -25.68
N GLU B 375 0.20 21.58 -26.49
CA GLU B 375 0.29 20.16 -26.82
C GLU B 375 0.76 19.31 -25.62
N THR B 376 1.49 19.92 -24.69
CA THR B 376 1.84 19.28 -23.42
C THR B 376 0.59 19.02 -22.54
N SER B 377 -0.41 19.90 -22.63
CA SER B 377 -1.68 19.77 -21.89
C SER B 377 -2.87 19.33 -22.74
N LEU B 378 -2.63 18.81 -23.96
CA LEU B 378 -3.70 18.42 -24.87
C LEU B 378 -4.44 17.15 -24.41
N ALA B 379 -3.71 16.24 -23.77
CA ALA B 379 -4.29 15.00 -23.23
C ALA B 379 -5.38 15.24 -22.18
N PHE B 380 -5.29 16.37 -21.46
CA PHE B 380 -6.32 16.77 -20.51
C PHE B 380 -7.64 17.09 -21.22
N PHE B 381 -7.58 17.95 -22.23
CA PHE B 381 -8.77 18.48 -22.90
C PHE B 381 -9.49 17.48 -23.82
N LYS B 382 -8.73 16.58 -24.46
CA LYS B 382 -9.30 15.58 -25.37
C LYS B 382 -10.29 14.60 -24.70
N ASP B 383 -10.13 14.40 -23.39
CA ASP B 383 -11.11 13.65 -22.58
C ASP B 383 -12.42 14.42 -22.44
N ILE B 384 -12.29 15.69 -22.08
CA ILE B 384 -13.43 16.54 -21.73
C ILE B 384 -14.16 17.02 -23.00
N TYR B 385 -13.40 17.49 -23.98
CA TYR B 385 -13.94 17.95 -25.27
C TYR B 385 -13.22 17.25 -26.41
N PRO B 386 -13.94 16.34 -27.13
CA PRO B 386 -13.41 15.90 -28.43
C PRO B 386 -13.35 17.03 -29.48
N GLU B 387 -12.39 16.94 -30.38
CA GLU B 387 -12.11 17.97 -31.39
C GLU B 387 -11.52 19.28 -30.84
N VAL B 388 -10.78 19.21 -29.73
CA VAL B 388 -9.79 20.26 -29.40
C VAL B 388 -8.58 20.18 -30.34
N THR B 389 -7.79 21.24 -30.36
CA THR B 389 -6.59 21.32 -31.19
C THR B 389 -5.49 22.09 -30.44
N VAL B 390 -4.51 22.63 -31.17
CA VAL B 390 -3.50 23.53 -30.59
C VAL B 390 -3.83 24.96 -31.04
N ARG B 391 -4.99 25.44 -30.60
CA ARG B 391 -5.49 26.80 -30.91
C ARG B 391 -5.40 27.71 -29.68
N GLU B 392 -5.59 29.01 -29.93
CA GLU B 392 -5.84 29.99 -28.87
C GLU B 392 -7.35 30.28 -28.86
N TYR B 393 -8.06 29.65 -27.94
CA TYR B 393 -9.52 29.81 -27.83
C TYR B 393 -9.81 31.10 -27.06
N LYS B 394 -10.59 31.99 -27.68
CA LYS B 394 -10.85 33.34 -27.14
C LYS B 394 -12.29 33.49 -26.65
N SER B 395 -12.52 34.48 -25.79
CA SER B 395 -13.79 34.63 -25.06
C SER B 395 -15.03 35.11 -25.83
N GLY B 396 -14.98 35.24 -27.16
CA GLY B 396 -16.11 35.77 -27.93
C GLY B 396 -17.32 34.83 -27.97
N ASN B 397 -18.47 35.33 -27.55
CA ASN B 397 -19.77 34.66 -27.65
C ASN B 397 -19.95 33.47 -26.69
N ALA B 398 -21.22 33.24 -26.34
CA ALA B 398 -21.60 32.26 -25.30
C ALA B 398 -21.79 30.84 -25.83
N ASN B 399 -22.18 30.69 -27.10
CA ASN B 399 -22.31 29.37 -27.75
C ASN B 399 -21.00 28.91 -28.45
N SER B 400 -19.89 29.64 -28.24
CA SER B 400 -18.67 29.45 -29.01
C SER B 400 -17.88 28.24 -28.50
N PRO B 401 -16.87 27.78 -29.27
CA PRO B 401 -15.99 26.70 -28.80
C PRO B 401 -15.35 26.93 -27.42
N PHE B 402 -14.85 28.13 -27.17
CA PHE B 402 -14.27 28.50 -25.86
C PHE B 402 -15.23 28.21 -24.71
N ALA B 403 -16.48 28.64 -24.87
CA ALA B 403 -17.52 28.41 -23.86
C ALA B 403 -17.91 26.93 -23.73
N GLN B 404 -17.89 26.18 -24.84
CA GLN B 404 -18.16 24.74 -24.81
C GLN B 404 -17.12 23.95 -24.01
N ILE B 405 -15.84 24.28 -24.20
CA ILE B 405 -14.76 23.70 -23.37
C ILE B 405 -14.96 24.08 -21.90
N MET B 406 -15.34 25.35 -21.66
CA MET B 406 -15.55 25.85 -20.30
C MET B 406 -16.72 25.15 -19.60
N ASP B 407 -17.82 24.98 -20.33
CA ASP B 407 -19.01 24.28 -19.81
C ASP B 407 -18.82 22.77 -19.66
N ALA B 408 -17.87 22.20 -20.41
CA ALA B 408 -17.51 20.79 -20.28
C ALA B 408 -16.58 20.52 -19.09
N VAL B 409 -15.64 21.44 -18.84
CA VAL B 409 -14.71 21.34 -17.72
C VAL B 409 -15.43 21.50 -16.38
N THR B 410 -16.34 22.47 -16.29
CA THR B 410 -17.16 22.65 -15.08
C THR B 410 -18.13 21.47 -14.86
N ALA B 411 -18.57 20.84 -15.95
CA ALA B 411 -19.34 19.58 -15.87
C ALA B 411 -18.47 18.41 -15.42
N TYR B 412 -17.22 18.38 -15.89
CA TYR B 412 -16.21 17.41 -15.43
C TYR B 412 -15.89 17.61 -13.94
N ALA B 413 -15.87 18.87 -13.48
CA ALA B 413 -15.70 19.20 -12.06
C ALA B 413 -16.85 18.71 -11.19
N ASP B 414 -18.08 18.78 -11.72
CA ASP B 414 -19.28 18.31 -11.01
C ASP B 414 -19.26 16.79 -10.75
N SER B 415 -18.70 16.02 -11.67
CA SER B 415 -18.60 14.56 -11.50
C SER B 415 -17.64 14.14 -10.38
N TYR B 416 -16.65 14.99 -10.05
CA TYR B 416 -15.77 14.76 -8.89
C TYR B 416 -16.52 14.95 -7.55
N VAL B 417 -17.38 15.96 -7.47
CA VAL B 417 -18.21 16.16 -6.28
C VAL B 417 -19.41 15.20 -6.27
N ALA B 418 -19.79 14.70 -7.44
CA ALA B 418 -20.86 13.69 -7.56
C ALA B 418 -20.47 12.39 -6.87
N ILE B 419 -19.30 11.86 -7.25
CA ILE B 419 -18.79 10.63 -6.61
C ILE B 419 -18.40 10.84 -5.15
N ALA B 420 -18.06 12.08 -4.78
CA ALA B 420 -17.90 12.43 -3.37
C ALA B 420 -19.22 12.30 -2.62
N GLU B 421 -20.28 12.91 -3.14
CA GLU B 421 -21.63 12.82 -2.55
C GLU B 421 -22.16 11.40 -2.34
N LYS B 422 -21.74 10.45 -3.19
CA LYS B 422 -22.15 9.05 -3.05
C LYS B 422 -21.57 8.43 -1.78
N TYR B 423 -20.25 8.54 -1.63
CA TYR B 423 -19.52 7.93 -0.51
C TYR B 423 -19.47 8.78 0.77
N ILE B 424 -19.98 10.01 0.72
CA ILE B 424 -20.27 10.79 1.93
C ILE B 424 -21.55 10.20 2.55
N PRO B 425 -21.54 9.90 3.87
CA PRO B 425 -22.74 9.35 4.50
C PRO B 425 -23.91 10.34 4.61
N SER B 426 -25.07 9.84 5.01
CA SER B 426 -26.29 10.65 5.07
C SER B 426 -26.24 11.79 6.09
N ASN B 427 -25.67 11.52 7.27
CA ASN B 427 -25.52 12.54 8.32
C ASN B 427 -24.38 13.55 8.08
N GLY B 428 -23.55 13.32 7.06
CA GLY B 428 -22.56 14.30 6.61
C GLY B 428 -21.23 14.29 7.37
N SER B 429 -20.96 13.22 8.12
CA SER B 429 -19.73 13.11 8.91
C SER B 429 -18.55 12.77 7.99
N LEU B 430 -17.80 13.80 7.60
CA LEU B 430 -16.63 13.64 6.75
C LEU B 430 -15.43 13.16 7.58
N SER B 431 -14.98 11.94 7.30
CA SER B 431 -13.78 11.39 7.93
C SER B 431 -12.54 11.86 7.17
N GLU B 432 -11.39 11.25 7.45
CA GLU B 432 -10.18 11.49 6.67
C GLU B 432 -10.28 10.77 5.32
N GLN B 433 -10.50 9.46 5.38
CA GLN B 433 -10.54 8.59 4.20
C GLN B 433 -11.90 7.91 4.08
N PHE B 434 -12.23 7.50 2.86
CA PHE B 434 -13.27 6.50 2.62
C PHE B 434 -12.63 5.33 1.88
N ASN B 435 -13.07 4.12 2.22
CA ASN B 435 -12.36 2.87 1.91
C ASN B 435 -12.04 2.69 0.42
N ARG B 436 -10.92 2.04 0.14
CA ARG B 436 -10.48 1.71 -1.23
C ARG B 436 -11.53 0.91 -2.01
N ASP B 437 -11.89 -0.25 -1.46
CA ASP B 437 -12.74 -1.22 -2.14
C ASP B 437 -14.22 -0.96 -1.91
N THR B 438 -14.64 -0.98 -0.64
CA THR B 438 -16.06 -0.88 -0.28
C THR B 438 -16.63 0.55 -0.27
N GLY B 439 -15.77 1.56 -0.16
CA GLY B 439 -16.21 2.96 -0.17
C GLY B 439 -16.84 3.52 1.10
N THR B 440 -16.98 2.69 2.14
CA THR B 440 -17.51 3.14 3.43
C THR B 440 -16.44 3.96 4.16
N PRO B 441 -16.86 4.92 5.01
CA PRO B 441 -15.88 5.77 5.69
C PRO B 441 -15.03 5.02 6.73
N LEU B 442 -13.78 5.49 6.90
CA LEU B 442 -12.85 4.94 7.89
C LEU B 442 -11.85 6.00 8.34
N SER B 443 -10.89 5.61 9.18
CA SER B 443 -9.85 6.52 9.72
C SER B 443 -10.46 7.57 10.66
N ALA B 444 -9.72 8.66 10.92
CA ALA B 444 -10.14 9.69 11.88
C ALA B 444 -11.52 10.30 11.54
N ILE B 445 -12.45 10.18 12.48
CA ILE B 445 -13.84 10.64 12.29
C ILE B 445 -13.89 12.15 12.49
N ASP B 446 -14.63 12.85 11.62
CA ASP B 446 -14.80 14.30 11.69
C ASP B 446 -13.47 15.05 11.61
N LEU B 447 -12.75 14.83 10.51
CA LEU B 447 -11.48 15.52 10.26
C LEU B 447 -11.76 16.97 9.83
N THR B 448 -11.10 17.90 10.50
CA THR B 448 -11.30 19.33 10.27
C THR B 448 -10.87 19.77 8.87
N TRP B 449 -9.78 19.18 8.38
CA TRP B 449 -9.30 19.42 7.01
C TRP B 449 -10.39 19.06 5.99
N SER B 450 -10.90 17.84 6.05
CA SER B 450 -11.91 17.36 5.08
C SER B 450 -13.17 18.23 5.04
N TYR B 451 -13.57 18.77 6.19
CA TYR B 451 -14.64 19.77 6.26
C TYR B 451 -14.24 21.07 5.57
N ALA B 452 -13.05 21.56 5.90
CA ALA B 452 -12.52 22.78 5.29
C ALA B 452 -12.31 22.63 3.79
N ALA B 453 -11.78 21.47 3.37
CA ALA B 453 -11.57 21.17 1.95
C ALA B 453 -12.88 21.10 1.15
N PHE B 454 -13.96 20.67 1.81
CA PHE B 454 -15.30 20.70 1.21
C PHE B 454 -15.81 22.13 1.04
N ILE B 455 -15.55 22.98 2.04
CA ILE B 455 -15.94 24.39 2.01
C ILE B 455 -15.13 25.17 0.96
N THR B 456 -13.83 24.92 0.91
CA THR B 456 -12.94 25.52 -0.12
C THR B 456 -13.39 25.15 -1.53
N MET B 457 -13.83 23.90 -1.71
CA MET B 457 -14.42 23.45 -2.98
C MET B 457 -15.74 24.18 -3.28
N SER B 458 -16.64 24.21 -2.29
CA SER B 458 -17.98 24.81 -2.46
C SER B 458 -17.95 26.32 -2.71
N GLN B 459 -16.95 27.00 -2.15
CA GLN B 459 -16.68 28.42 -2.49
C GLN B 459 -16.40 28.58 -3.99
N ARG B 460 -15.52 27.73 -4.51
CA ARG B 460 -15.08 27.80 -5.91
C ARG B 460 -16.15 27.39 -6.93
N ARG B 461 -17.16 26.64 -6.51
CA ARG B 461 -18.31 26.33 -7.37
C ARG B 461 -19.05 27.62 -7.71
N ALA B 462 -19.36 28.42 -6.68
CA ALA B 462 -19.82 29.78 -6.87
C ALA B 462 -18.66 30.67 -7.31
N GLY B 463 -18.91 31.96 -7.50
CA GLY B 463 -17.86 32.92 -7.86
C GLY B 463 -17.03 33.44 -6.69
N GLN B 464 -16.99 32.68 -5.59
CA GLN B 464 -16.36 33.13 -4.36
C GLN B 464 -14.89 32.75 -4.39
N TYR B 465 -14.09 33.60 -5.03
CA TYR B 465 -12.63 33.43 -5.11
C TYR B 465 -12.00 34.42 -4.13
N PRO B 466 -10.85 34.07 -3.54
CA PRO B 466 -10.37 34.84 -2.39
C PRO B 466 -9.85 36.25 -2.73
N SER B 467 -8.73 36.32 -3.44
CA SER B 467 -8.05 37.59 -3.74
C SER B 467 -6.76 37.30 -4.48
N SER B 468 -6.24 38.32 -5.16
CA SER B 468 -4.94 38.22 -5.80
C SER B 468 -3.86 38.37 -4.73
N TRP B 469 -3.11 37.29 -4.50
CA TRP B 469 -1.95 37.34 -3.60
C TRP B 469 -0.71 37.97 -4.24
N GLY B 470 -0.76 38.25 -5.54
CA GLY B 470 0.28 38.99 -6.23
C GLY B 470 1.22 38.11 -7.02
N SER B 471 0.63 37.23 -7.84
CA SER B 471 1.40 36.32 -8.70
C SER B 471 1.98 37.05 -9.91
N ARG B 472 1.27 38.08 -10.39
CA ARG B 472 1.74 38.92 -11.49
C ARG B 472 2.96 39.76 -11.09
N ASN B 473 2.97 40.24 -9.84
CA ASN B 473 4.10 40.99 -9.29
C ASN B 473 5.23 40.09 -8.74
N ALA B 474 5.06 38.76 -8.81
CA ALA B 474 6.08 37.82 -8.38
C ALA B 474 7.30 37.91 -9.27
N LEU B 475 8.48 37.93 -8.66
CA LEU B 475 9.73 38.05 -9.41
C LEU B 475 9.98 36.73 -10.14
N PRO B 476 10.15 36.77 -11.49
CA PRO B 476 10.42 35.54 -12.24
C PRO B 476 11.74 34.87 -11.86
N PRO B 477 11.89 33.56 -12.18
CA PRO B 477 13.08 32.83 -11.73
C PRO B 477 14.34 33.31 -12.47
N PRO B 478 15.50 33.35 -11.77
CA PRO B 478 16.76 33.74 -12.44
C PRO B 478 17.19 32.83 -13.59
N THR B 479 18.24 33.24 -14.29
CA THR B 479 18.79 32.48 -15.41
C THR B 479 19.26 31.09 -14.97
N THR B 480 19.97 31.05 -13.84
CA THR B 480 20.38 29.80 -13.20
C THR B 480 19.99 29.85 -11.72
N CYS B 481 19.52 28.72 -11.19
CA CYS B 481 19.14 28.62 -9.78
C CYS B 481 20.38 28.58 -8.89
N SER B 482 20.23 29.11 -7.68
CA SER B 482 21.32 29.21 -6.71
C SER B 482 20.84 28.74 -5.34
N ALA B 483 21.61 27.87 -4.70
CA ALA B 483 21.33 27.42 -3.34
C ALA B 483 21.57 28.59 -2.38
N SER B 484 20.51 29.04 -1.70
CA SER B 484 20.60 30.22 -0.85
C SER B 484 19.52 30.28 0.23
N SER B 485 19.78 31.08 1.25
CA SER B 485 18.84 31.33 2.35
C SER B 485 19.36 32.44 3.26
N THR B 486 18.67 33.58 3.28
CA THR B 486 19.06 34.72 4.11
C THR B 486 18.57 34.49 5.55
N PRO B 487 19.47 34.61 6.55
CA PRO B 487 19.09 34.30 7.93
C PRO B 487 18.18 35.35 8.54
N GLY B 488 16.90 35.00 8.72
CA GLY B 488 15.92 35.88 9.34
C GLY B 488 16.06 35.97 10.85
N ILE B 489 15.33 36.92 11.44
CA ILE B 489 15.34 37.15 12.89
C ILE B 489 13.95 36.96 13.47
N TYR B 490 13.91 36.52 14.73
CA TYR B 490 12.68 36.01 15.35
C TYR B 490 12.43 36.70 16.69
N THR B 491 11.59 37.73 16.68
CA THR B 491 11.11 38.40 17.88
C THR B 491 9.76 37.80 18.25
N PRO B 492 9.45 37.68 19.56
CA PRO B 492 8.10 37.27 19.98
C PRO B 492 6.98 38.19 19.46
N ALA B 493 5.77 37.64 19.32
CA ALA B 493 4.61 38.41 18.84
C ALA B 493 4.23 39.53 19.81
N THR B 494 4.30 39.23 21.11
CA THR B 494 4.15 40.21 22.20
C THR B 494 2.78 40.93 22.23
N ALA B 495 2.55 41.82 21.28
CA ALA B 495 1.28 42.54 21.17
C ALA B 495 0.09 41.63 20.90
N ALA B 496 0.33 40.57 20.12
CA ALA B 496 -0.71 39.57 19.82
C ALA B 496 -1.04 38.69 21.03
N GLY B 497 -0.01 38.16 21.66
CA GLY B 497 -0.16 37.43 22.91
C GLY B 497 1.06 36.78 23.54
N ALA B 498 2.21 36.81 22.87
CA ALA B 498 3.35 35.97 23.25
C ALA B 498 4.05 36.49 24.51
N PRO B 499 4.81 35.63 25.21
CA PRO B 499 5.29 35.98 26.55
C PRO B 499 6.47 36.96 26.64
N ASN B 500 7.14 37.28 25.52
CA ASN B 500 8.41 38.04 25.52
C ASN B 500 9.51 37.25 26.23
N VAL B 501 10.18 36.38 25.48
CA VAL B 501 11.12 35.42 26.05
C VAL B 501 12.52 36.03 26.07
N THR B 502 13.10 36.11 27.26
CA THR B 502 14.47 36.59 27.45
C THR B 502 15.51 35.65 26.81
N SER B 503 15.27 34.33 26.87
CA SER B 503 16.20 33.35 26.29
C SER B 503 15.57 31.97 26.04
N SER B 504 16.29 31.15 25.28
CA SER B 504 15.79 29.86 24.78
C SER B 504 15.49 28.82 25.84
N CYS B 505 14.35 28.14 25.66
CA CYS B 505 13.93 26.95 26.45
C CYS B 505 14.35 26.96 27.93
N GLN B 506 13.64 27.74 28.72
CA GLN B 506 13.83 27.76 30.18
C GLN B 506 13.11 26.56 30.81
N VAL B 507 13.82 25.82 31.65
CA VAL B 507 13.27 24.65 32.35
C VAL B 507 12.95 25.00 33.81
N SER B 508 11.88 24.39 34.32
CA SER B 508 11.42 24.65 35.69
C SER B 508 12.30 23.96 36.72
N ILE B 509 12.50 24.61 37.87
CA ILE B 509 13.32 24.06 38.95
C ILE B 509 12.85 24.65 40.30
N THR B 510 12.47 23.76 41.22
CA THR B 510 11.88 24.15 42.50
C THR B 510 12.91 24.12 43.62
N PHE B 511 13.24 25.29 44.15
CA PHE B 511 14.10 25.39 45.33
C PHE B 511 13.29 25.07 46.58
N ASN B 512 13.79 24.13 47.39
CA ASN B 512 13.28 23.88 48.74
C ASN B 512 14.42 24.06 49.73
N ILE B 513 14.11 24.58 50.92
CA ILE B 513 15.13 24.93 51.91
C ILE B 513 14.58 24.78 53.34
N ASN B 514 15.28 24.01 54.17
CA ASN B 514 14.98 23.94 55.60
C ASN B 514 15.61 25.14 56.28
N ALA B 515 14.77 26.07 56.75
CA ALA B 515 15.23 27.25 57.47
C ALA B 515 14.28 27.55 58.61
N THR B 516 14.77 27.43 59.84
CA THR B 516 13.96 27.70 61.02
C THR B 516 13.72 29.20 61.18
N THR B 517 12.46 29.59 61.09
CA THR B 517 11.95 30.96 61.39
C THR B 517 10.47 30.95 61.02
N TYR B 518 9.60 31.44 61.90
CA TYR B 518 8.18 31.06 61.87
C TYR B 518 7.41 31.85 60.83
N TYR B 519 6.50 31.18 60.12
CA TYR B 519 5.51 31.80 59.20
C TYR B 519 5.65 33.27 58.78
N GLY B 520 6.21 33.51 57.59
CA GLY B 520 6.54 34.87 57.16
C GLY B 520 7.87 35.30 57.77
N GLU B 521 7.98 36.57 58.15
CA GLU B 521 9.26 37.26 58.43
C GLU B 521 10.40 36.97 57.42
N ASN B 522 10.01 36.67 56.17
CA ASN B 522 10.82 36.78 54.94
C ASN B 522 12.09 35.93 54.78
N LEU B 523 12.31 35.44 53.56
CA LEU B 523 13.49 34.66 53.17
C LEU B 523 13.62 34.61 51.64
N TYR B 524 14.84 34.82 51.14
CA TYR B 524 15.12 34.93 49.70
C TYR B 524 16.17 33.92 49.23
N VAL B 525 16.39 33.87 47.92
CA VAL B 525 17.49 33.11 47.30
C VAL B 525 18.12 33.94 46.18
N ILE B 526 19.46 34.01 46.17
CA ILE B 526 20.21 34.69 45.09
C ILE B 526 21.22 33.72 44.50
N GLY B 527 21.70 34.05 43.30
CA GLY B 527 22.72 33.25 42.63
C GLY B 527 23.42 34.02 41.53
N ASN B 528 24.37 33.36 40.86
CA ASN B 528 25.14 33.98 39.79
C ASN B 528 24.34 34.21 38.49
N SER B 529 23.22 33.49 38.33
CA SER B 529 22.31 33.70 37.21
C SER B 529 21.54 35.02 37.33
N SER B 530 21.10 35.54 36.19
CA SER B 530 20.35 36.81 36.12
C SER B 530 18.92 36.67 36.64
N ASP B 531 18.29 35.54 36.33
CA ASP B 531 16.92 35.24 36.78
C ASP B 531 16.81 35.19 38.31
N LEU B 532 17.83 34.64 38.96
CA LEU B 532 17.89 34.60 40.43
C LEU B 532 18.18 35.98 41.03
N GLY B 533 19.21 36.65 40.53
CA GLY B 533 19.61 37.95 41.08
C GLY B 533 20.93 38.53 40.59
N ALA B 534 21.94 37.68 40.43
CA ALA B 534 23.32 38.09 40.10
C ALA B 534 23.97 38.81 41.31
N TRP B 535 23.84 38.18 42.47
CA TRP B 535 24.43 38.64 43.73
C TRP B 535 24.00 40.06 44.16
N ASN B 536 22.68 40.25 44.24
CA ASN B 536 22.09 41.44 44.87
C ASN B 536 20.75 41.06 45.48
N ILE B 537 20.35 41.77 46.53
CA ILE B 537 19.17 41.39 47.33
C ILE B 537 17.92 42.20 46.97
N ALA B 538 18.05 43.22 46.11
CA ALA B 538 16.92 43.97 45.59
C ALA B 538 16.15 43.14 44.56
N ASP B 539 16.88 42.51 43.64
CA ASP B 539 16.30 41.63 42.62
C ASP B 539 16.47 40.13 42.95
N ALA B 540 16.55 39.80 44.25
CA ALA B 540 16.56 38.41 44.70
C ALA B 540 15.15 37.85 44.67
N TYR B 541 15.01 36.54 44.43
CA TYR B 541 13.71 35.90 44.36
C TYR B 541 13.24 35.51 45.78
N PRO B 542 12.03 35.98 46.19
CA PRO B 542 11.49 35.63 47.50
C PRO B 542 10.83 34.25 47.50
N LEU B 543 11.10 33.46 48.54
CA LEU B 543 10.47 32.14 48.69
C LEU B 543 9.19 32.26 49.51
N SER B 544 8.23 31.38 49.21
CA SER B 544 6.95 31.33 49.91
C SER B 544 6.99 30.28 51.02
N ALA B 545 6.42 30.61 52.16
CA ALA B 545 6.32 29.68 53.30
C ALA B 545 4.93 29.05 53.32
N SER B 546 4.57 28.39 52.21
CA SER B 546 3.24 27.84 52.02
C SER B 546 3.01 26.63 52.92
N ALA B 547 3.93 25.66 52.83
CA ALA B 547 3.88 24.43 53.63
C ALA B 547 4.90 24.46 54.78
N TYR B 548 4.97 25.59 55.47
CA TYR B 548 5.82 25.72 56.64
C TYR B 548 5.09 25.13 57.84
N THR B 549 5.76 24.24 58.55
CA THR B 549 5.22 23.63 59.77
C THR B 549 6.32 23.43 60.83
N GLN B 550 5.89 23.19 62.06
CA GLN B 550 6.79 22.77 63.14
C GLN B 550 7.59 21.51 62.79
N ASP B 551 6.95 20.58 62.07
CA ASP B 551 7.57 19.32 61.67
C ASP B 551 8.57 19.50 60.54
N ARG B 552 8.20 20.30 59.53
CA ARG B 552 9.01 20.56 58.35
C ARG B 552 9.01 22.07 58.05
N PRO B 553 10.07 22.79 58.46
CA PRO B 553 10.12 24.24 58.23
C PRO B 553 10.60 24.56 56.81
N LEU B 554 9.71 24.36 55.84
CA LEU B 554 10.04 24.49 54.41
C LEU B 554 9.64 25.84 53.84
N TRP B 555 10.61 26.50 53.21
CA TRP B 555 10.35 27.60 52.28
C TRP B 555 10.60 27.05 50.88
N SER B 556 9.90 27.59 49.88
CA SER B 556 10.08 27.13 48.49
C SER B 556 9.71 28.16 47.44
N ALA B 557 10.17 27.89 46.21
CA ALA B 557 9.90 28.74 45.06
C ALA B 557 10.23 28.02 43.76
N ALA B 558 9.24 27.88 42.89
CA ALA B 558 9.43 27.32 41.56
C ALA B 558 9.95 28.42 40.61
N ILE B 559 11.18 28.24 40.12
CA ILE B 559 11.85 29.24 39.26
C ILE B 559 12.02 28.70 37.84
N PRO B 560 11.43 29.37 36.84
CA PRO B 560 11.72 29.02 35.46
C PRO B 560 12.98 29.75 34.98
N LEU B 561 14.09 29.03 34.89
CA LEU B 561 15.38 29.60 34.47
C LEU B 561 16.07 28.72 33.42
N ASN B 562 17.05 29.31 32.73
CA ASN B 562 17.64 28.74 31.51
C ASN B 562 18.29 27.37 31.70
N ALA B 563 18.10 26.50 30.70
CA ALA B 563 18.61 25.13 30.75
C ALA B 563 20.09 25.06 30.36
N GLY B 564 20.82 24.13 30.96
CA GLY B 564 22.24 23.93 30.67
C GLY B 564 23.11 25.05 31.20
N GLU B 565 23.05 25.26 32.52
CA GLU B 565 23.82 26.31 33.20
C GLU B 565 24.18 25.86 34.62
N VAL B 566 25.47 25.89 34.93
CA VAL B 566 25.96 25.51 36.28
C VAL B 566 25.72 26.68 37.25
N ILE B 567 24.46 26.83 37.69
CA ILE B 567 24.07 27.97 38.50
C ILE B 567 24.55 27.82 39.94
N SER B 568 25.32 28.80 40.42
CA SER B 568 25.82 28.86 41.79
C SER B 568 24.91 29.74 42.64
N TYR B 569 24.09 29.11 43.48
CA TYR B 569 23.08 29.82 44.27
C TYR B 569 23.41 29.84 45.76
N GLN B 570 22.63 30.61 46.52
CA GLN B 570 22.80 30.75 47.96
C GLN B 570 21.53 31.35 48.56
N TYR B 571 21.05 30.78 49.66
CA TYR B 571 19.86 31.33 50.34
C TYR B 571 20.27 32.47 51.26
N VAL B 572 19.32 33.35 51.55
CA VAL B 572 19.58 34.56 52.35
C VAL B 572 18.33 34.98 53.14
N ARG B 573 18.54 35.50 54.35
CA ARG B 573 17.44 35.88 55.25
C ARG B 573 17.30 37.40 55.35
N GLN B 574 16.18 37.92 54.86
CA GLN B 574 15.71 39.27 55.20
C GLN B 574 14.98 39.17 56.54
N GLU B 575 15.03 40.23 57.33
CA GLU B 575 14.26 40.25 58.59
C GLU B 575 14.21 41.59 59.28
N ASP B 576 13.13 41.78 60.05
CA ASP B 576 13.16 42.61 61.25
C ASP B 576 12.87 44.09 61.04
N CYS B 577 12.81 44.85 62.15
CA CYS B 577 12.55 46.29 62.16
C CYS B 577 13.41 47.07 61.16
N ASP B 578 14.72 46.83 61.22
CA ASP B 578 15.68 47.43 60.28
C ASP B 578 17.06 46.72 60.30
N GLN B 579 17.06 45.40 60.50
CA GLN B 579 18.31 44.66 60.66
C GLN B 579 18.88 44.37 59.27
N PRO B 580 20.22 44.27 59.14
CA PRO B 580 20.79 43.86 57.84
C PRO B 580 20.44 42.43 57.42
N TYR B 581 20.69 42.12 56.16
CA TYR B 581 20.43 40.80 55.60
C TYR B 581 21.48 39.81 56.10
N ILE B 582 21.11 38.53 56.19
CA ILE B 582 21.99 37.49 56.71
C ILE B 582 22.17 36.37 55.69
N TYR B 583 23.39 36.25 55.17
CA TYR B 583 23.74 35.25 54.16
C TYR B 583 24.17 33.97 54.86
N GLU B 584 24.02 32.83 54.17
CA GLU B 584 24.55 31.55 54.70
C GLU B 584 26.07 31.48 54.55
N THR B 585 26.68 30.57 55.29
CA THR B 585 28.15 30.49 55.38
C THR B 585 28.83 29.93 54.12
N VAL B 586 28.08 29.23 53.26
CA VAL B 586 28.66 28.61 52.06
C VAL B 586 27.79 28.81 50.82
N ASN B 587 28.44 28.90 49.65
CA ASN B 587 27.76 29.03 48.37
C ASN B 587 27.54 27.64 47.78
N ARG B 588 26.29 27.32 47.46
CA ARG B 588 25.95 26.02 46.85
C ARG B 588 25.96 26.12 45.32
N THR B 589 26.23 25.00 44.66
CA THR B 589 26.13 24.91 43.20
C THR B 589 25.48 23.58 42.81
N LEU B 590 24.46 23.66 41.94
CA LEU B 590 23.85 22.46 41.34
C LEU B 590 23.36 22.82 39.94
N THR B 591 23.87 22.11 38.93
CA THR B 591 23.57 22.38 37.52
C THR B 591 22.12 22.04 37.14
N VAL B 592 21.43 23.02 36.56
CA VAL B 592 20.08 22.82 36.03
C VAL B 592 20.15 22.02 34.72
N PRO B 593 19.28 21.00 34.55
CA PRO B 593 19.41 20.12 33.39
C PRO B 593 19.02 20.76 32.06
N ALA B 594 19.28 20.03 30.98
CA ALA B 594 19.08 20.54 29.61
C ALA B 594 17.61 20.68 29.24
N CYS B 595 17.38 21.34 28.10
CA CYS B 595 16.04 21.59 27.57
C CYS B 595 15.29 20.28 27.29
N GLY B 596 13.96 20.35 27.41
CA GLY B 596 13.10 19.19 27.16
C GLY B 596 12.90 18.29 28.36
N GLY B 597 12.65 18.90 29.51
CA GLY B 597 12.23 18.18 30.71
C GLY B 597 13.26 18.01 31.81
N ALA B 598 13.05 16.99 32.64
CA ALA B 598 13.79 16.75 33.88
C ALA B 598 13.60 17.89 34.90
N ALA B 599 12.38 17.98 35.42
CA ALA B 599 12.04 19.02 36.41
C ALA B 599 12.59 18.64 37.79
N VAL B 600 13.84 19.02 38.04
CA VAL B 600 14.53 18.73 39.31
C VAL B 600 14.03 19.64 40.43
N THR B 601 14.15 19.15 41.67
CA THR B 601 13.84 19.92 42.87
C THR B 601 14.97 19.75 43.88
N THR B 602 15.60 20.87 44.28
CA THR B 602 16.76 20.82 45.18
C THR B 602 16.31 20.62 46.64
N ASP B 603 17.23 20.14 47.47
CA ASP B 603 16.97 19.90 48.89
C ASP B 603 18.17 20.36 49.72
N ASP B 604 18.06 21.55 50.28
CA ASP B 604 19.11 22.17 51.10
C ASP B 604 18.63 22.46 52.52
N ALA B 605 19.58 22.78 53.40
CA ALA B 605 19.29 23.25 54.76
C ALA B 605 20.06 24.54 55.04
N TRP B 606 19.61 25.28 56.06
CA TRP B 606 20.21 26.57 56.40
C TRP B 606 21.56 26.37 57.09
N MET B 607 22.63 26.78 56.41
CA MET B 607 24.00 26.65 56.90
C MET B 607 24.55 27.99 57.36
N GLY B 608 24.11 28.45 58.53
CA GLY B 608 24.58 29.71 59.11
C GLY B 608 23.72 30.16 60.28
N PRO B 609 24.14 31.25 60.95
CA PRO B 609 23.40 31.74 62.11
C PRO B 609 22.15 32.54 61.72
N VAL B 610 20.99 32.13 62.20
CA VAL B 610 19.71 32.82 61.87
C VAL B 610 19.48 34.25 62.43
N GLY B 611 20.30 34.70 63.38
CA GLY B 611 20.30 36.09 63.82
C GLY B 611 19.17 36.53 64.73
N SER B 612 19.39 37.65 65.40
CA SER B 612 18.51 38.15 66.46
C SER B 612 17.25 38.82 65.90
N SER B 613 16.09 38.45 66.43
CA SER B 613 14.82 39.13 66.11
C SER B 613 14.73 40.48 66.83
N GLY B 614 13.72 41.28 66.49
CA GLY B 614 13.66 42.68 66.92
C GLY B 614 12.64 42.94 67.99
N ASN B 615 12.26 44.23 68.12
CA ASN B 615 11.30 44.65 69.14
C ASN B 615 10.68 46.00 68.77
N CYS B 616 9.72 45.95 67.85
CA CYS B 616 9.03 47.14 67.35
C CYS B 616 7.61 46.80 66.85
C1 NAG C . 15.17 -36.76 3.46
C2 NAG C . 15.94 -35.85 4.42
C3 NAG C . 15.59 -36.21 5.85
C4 NAG C . 14.08 -36.20 6.09
C5 NAG C . 13.38 -37.05 5.03
C6 NAG C . 11.86 -36.96 5.10
C7 NAG C . 18.08 -35.23 3.35
C8 NAG C . 19.55 -35.52 3.29
N2 NAG C . 17.38 -35.98 4.20
O3 NAG C . 16.25 -35.27 6.71
O4 NAG C . 13.77 -36.77 7.38
O5 NAG C . 13.77 -36.63 3.71
O6 NAG C . 11.28 -38.06 4.37
O7 NAG C . 17.59 -34.35 2.66
C1 NAG C . 13.78 -35.86 8.50
C2 NAG C . 13.02 -36.47 9.69
C3 NAG C . 13.07 -35.51 10.88
C4 NAG C . 14.51 -35.16 11.21
C5 NAG C . 15.21 -34.60 9.98
C6 NAG C . 16.68 -34.29 10.24
C7 NAG C . 11.21 -37.94 8.82
C8 NAG C . 9.73 -38.04 8.59
N2 NAG C . 11.63 -36.79 9.37
O3 NAG C . 12.44 -36.10 12.02
O4 NAG C . 14.54 -34.21 12.29
O5 NAG C . 15.11 -35.55 8.91
O6 NAG C . 16.79 -33.19 11.15
O7 NAG C . 11.97 -38.85 8.51
C1 NAG D . 8.60 -20.44 16.03
C2 NAG D . 7.56 -20.65 17.13
C3 NAG D . 6.22 -20.13 16.64
C4 NAG D . 6.37 -18.66 16.27
C5 NAG D . 7.45 -18.52 15.20
C6 NAG D . 7.65 -17.06 14.79
C7 NAG D . 8.00 -22.62 18.61
C8 NAG D . 8.75 -21.78 19.61
N2 NAG D . 7.48 -22.05 17.50
O3 NAG D . 5.23 -20.30 17.66
O4 NAG D . 5.12 -18.13 15.78
O5 NAG D . 8.69 -19.04 15.71
O6 NAG D . 6.56 -16.64 13.97
O7 NAG D . 7.86 -23.81 18.82
C1 NAG D . 4.48 -17.28 16.74
C2 NAG D . 3.51 -16.34 16.03
C3 NAG D . 2.85 -15.41 17.06
C4 NAG D . 2.19 -16.24 18.15
C5 NAG D . 3.20 -17.22 18.78
C6 NAG D . 2.54 -18.15 19.80
C7 NAG D . 3.61 -15.00 13.97
C8 NAG D . 4.53 -14.31 13.00
N2 NAG D . 4.22 -15.61 14.99
O3 NAG D . 1.87 -14.56 16.46
O4 NAG D . 1.67 -15.37 19.17
O5 NAG D . 3.78 -18.03 17.75
O6 NAG D . 2.02 -17.41 20.90
O7 NAG D . 2.39 -14.99 13.81
C1 NAG E . -15.28 -45.02 -18.62
C2 NAG E . -14.65 -46.30 -19.17
C3 NAG E . -15.03 -46.44 -20.64
C4 NAG E . -16.54 -46.48 -20.79
C5 NAG E . -17.18 -45.28 -20.06
C6 NAG E . -18.70 -45.42 -20.03
C7 NAG E . -12.58 -47.10 -18.09
C8 NAG E . -11.09 -47.00 -18.11
N2 NAG E . -13.21 -46.35 -19.01
O3 NAG E . -14.43 -47.64 -21.16
O4 NAG E . -16.90 -46.37 -22.18
O5 NAG E . -16.70 -45.18 -18.71
O6 NAG E . -19.30 -44.41 -19.21
O7 NAG E . -13.15 -47.82 -17.29
C1 NAG E . -16.97 -47.63 -22.91
C2 NAG E . -17.95 -47.50 -24.08
C3 NAG E . -18.08 -48.84 -24.80
C4 NAG E . -16.70 -49.28 -25.27
C5 NAG E . -15.72 -49.31 -24.10
C6 NAG E . -14.30 -49.64 -24.59
C7 NAG E . -20.12 -47.47 -22.81
C8 NAG E . -21.37 -46.68 -22.61
N2 NAG E . -19.25 -46.94 -23.70
O3 NAG E . -18.97 -48.74 -25.92
O4 NAG E . -16.80 -50.57 -25.88
O5 NAG E . -15.71 -48.04 -23.44
O6 NAG E . -13.37 -49.57 -23.50
O7 NAG E . -19.92 -48.51 -22.21
C1 NAG F . -2.90 -12.64 -27.63
C2 NAG F . -2.71 -11.49 -26.63
C3 NAG F . -2.65 -10.18 -27.42
C4 NAG F . -1.46 -10.23 -28.37
C5 NAG F . -1.55 -11.47 -29.26
C6 NAG F . -0.26 -11.61 -30.06
C7 NAG F . -3.65 -11.98 -24.40
C8 NAG F . -4.81 -11.75 -23.49
N2 NAG F . -3.74 -11.40 -25.61
O3 NAG F . -2.50 -9.08 -26.52
O4 NAG F . -1.48 -9.05 -29.19
O5 NAG F . -1.74 -12.65 -28.47
O6 NAG F . -0.07 -12.97 -30.49
O7 NAG F . -2.68 -12.64 -24.04
C1 NAG F . -0.45 -8.12 -28.85
C2 NAG F . -0.31 -7.06 -29.94
C3 NAG F . 0.82 -6.09 -29.57
C4 NAG F . 0.61 -5.51 -28.18
C5 NAG F . 0.41 -6.64 -27.17
C6 NAG F . 0.13 -6.12 -25.75
C7 NAG F . -0.95 -8.06 -32.10
C8 NAG F . -0.42 -8.65 -33.37
N2 NAG F . -0.01 -7.66 -31.23
O3 NAG F . 0.85 -5.05 -30.56
O4 NAG F . 1.79 -4.76 -27.80
O5 NAG F . -0.67 -7.48 -27.59
O6 NAG F . -1.14 -5.46 -25.69
O7 NAG F . -2.15 -7.96 -31.89
C1 BMA F . 1.65 -3.33 -27.90
C2 BMA F . 2.99 -2.69 -27.52
C3 BMA F . 3.06 -1.20 -27.85
C4 BMA F . 2.49 -0.89 -29.22
C5 BMA F . 1.10 -1.50 -29.37
C6 BMA F . 0.49 -1.20 -30.75
O2 BMA F . 4.05 -3.39 -28.19
O3 BMA F . 4.44 -0.80 -27.81
O4 BMA F . 2.42 0.52 -29.44
O5 BMA F . 1.20 -2.92 -29.19
O6 BMA F . -0.76 -1.90 -30.89
C1 MAN F . 4.66 0.45 -27.11
C2 MAN F . 6.01 1.02 -27.51
C3 MAN F . 7.15 0.18 -26.93
C4 MAN F . 6.98 0.02 -25.43
C5 MAN F . 5.58 -0.51 -25.09
C6 MAN F . 5.32 -0.53 -23.59
O2 MAN F . 6.11 2.37 -27.05
O3 MAN F . 8.41 0.80 -27.22
O4 MAN F . 7.98 -0.88 -24.94
O5 MAN F . 4.57 0.31 -25.69
O6 MAN F . 5.20 0.81 -23.11
C1 MAN F . 4.05 1.16 -22.29
C2 MAN F . 3.91 0.27 -21.04
C3 MAN F . 2.90 -0.88 -21.15
C4 MAN F . 1.65 -0.51 -21.94
C5 MAN F . 1.97 0.20 -23.26
C6 MAN F . 0.70 0.70 -23.93
O2 MAN F . 3.57 1.11 -19.93
O3 MAN F . 2.49 -1.28 -19.83
O4 MAN F . 0.93 -1.72 -22.22
O5 MAN F . 2.83 1.32 -23.04
O6 MAN F . 1.02 1.27 -25.20
C1 NAG G . -44.51 -41.19 2.71
C2 NAG G . -45.38 -39.96 2.46
C3 NAG G . -45.00 -38.87 3.44
C4 NAG G . -45.10 -39.36 4.88
C5 NAG G . -44.31 -40.66 5.06
C6 NAG G . -44.57 -41.28 6.43
C7 NAG G . -46.11 -39.66 0.13
C8 NAG G . -45.75 -39.03 -1.18
N2 NAG G . -45.22 -39.46 1.11
O3 NAG G . -45.85 -37.74 3.26
O4 NAG G . -44.53 -38.32 5.69
O5 NAG G . -44.70 -41.62 4.07
O6 NAG G . -43.94 -40.52 7.45
O7 NAG G . -47.16 -40.27 0.28
C1 NAG G . -45.43 -37.80 6.69
C2 NAG G . -44.64 -36.92 7.66
C3 NAG G . -45.55 -36.39 8.75
C4 NAG G . -46.74 -35.67 8.12
C5 NAG G . -47.45 -36.61 7.13
C6 NAG G . -48.62 -35.92 6.43
C7 NAG G . -42.31 -37.71 7.70
C8 NAG G . -41.30 -38.58 8.39
N2 NAG G . -43.54 -37.70 8.22
O3 NAG G . -44.84 -35.49 9.60
O4 NAG G . -47.66 -35.27 9.15
O5 NAG G . -46.51 -37.06 6.13
O6 NAG G . -49.80 -36.05 7.23
O7 NAG G . -42.00 -37.07 6.70
C1 NAG H . -21.86 31.36 10.45
C2 NAG H . -22.00 30.89 11.90
C3 NAG H . -22.71 29.53 11.89
C4 NAG H . -24.06 29.64 11.18
C5 NAG H . -23.86 30.24 9.79
C6 NAG H . -25.20 30.48 9.09
C7 NAG H . -20.64 30.85 13.95
C8 NAG H . -19.26 30.69 14.53
N2 NAG H . -20.74 30.76 12.62
O3 NAG H . -22.85 29.06 13.23
O4 NAG H . -24.63 28.31 11.03
O5 NAG H . -23.16 31.49 9.87
O6 NAG H . -24.98 31.06 7.80
O7 NAG H . -21.59 31.06 14.69
C1 NAG H . -25.49 27.90 12.12
C2 NAG H . -25.67 26.38 12.04
C3 NAG H . -26.56 25.88 13.20
C4 NAG H . -25.97 26.34 14.52
C5 NAG H . -25.78 27.85 14.52
C6 NAG H . -25.10 28.35 15.79
C7 NAG H . -27.32 26.23 10.17
C8 NAG H . -27.59 25.60 8.84
N2 NAG H . -26.17 25.90 10.75
O3 NAG H . -26.66 24.45 13.17
O4 NAG H . -26.83 25.93 15.60
O5 NAG H . -24.98 28.23 13.41
O6 NAG H . -26.03 28.37 16.87
O7 NAG H . -28.15 27.00 10.67
C1 NAG I . 18.31 24.05 -2.96
C2 NAG I . 17.68 22.70 -3.29
C3 NAG I . 18.51 22.05 -4.40
C4 NAG I . 18.57 22.96 -5.63
C5 NAG I . 19.06 24.36 -5.21
C6 NAG I . 18.93 25.36 -6.37
C7 NAG I . 16.59 21.68 -1.27
C8 NAG I . 15.33 22.48 -1.40
N2 NAG I . 17.61 21.82 -2.13
O3 NAG I . 17.93 20.79 -4.74
O4 NAG I . 19.50 22.43 -6.59
O5 NAG I . 18.28 24.86 -4.12
O6 NAG I . 17.56 25.68 -6.63
O7 NAG I . 16.67 20.89 -0.35
C1 NAG I . 18.86 21.78 -7.72
C2 NAG I . 19.87 21.62 -8.86
C3 NAG I . 19.22 20.92 -10.05
C4 NAG I . 18.61 19.60 -9.61
C5 NAG I . 17.65 19.84 -8.44
C6 NAG I . 17.08 18.52 -7.91
C7 NAG I . 21.45 23.51 -8.76
C8 NAG I . 21.79 24.85 -9.35
N2 NAG I . 20.37 22.92 -9.29
O3 NAG I . 20.20 20.67 -11.07
O4 NAG I . 17.92 19.02 -10.72
O5 NAG I . 18.34 20.48 -7.37
O6 NAG I . 16.31 17.87 -8.93
O7 NAG I . 22.11 23.02 -7.85
C1 NAG J . -22.64 9.94 11.47
C2 NAG J . -22.19 9.99 12.94
C3 NAG J . -20.94 9.11 13.13
C4 NAG J . -21.11 7.74 12.47
C5 NAG J . -21.52 7.89 11.01
C6 NAG J . -21.68 6.55 10.31
C7 NAG J . -21.80 11.94 14.50
C8 NAG J . -21.94 11.16 15.78
N2 NAG J . -21.92 11.38 13.29
O3 NAG J . -20.68 8.87 14.51
O4 NAG J . -19.87 7.01 12.59
O5 NAG J . -22.76 8.60 10.98
O6 NAG J . -20.41 6.10 9.84
O7 NAG J . -21.57 13.14 14.58
C1 NAG J . -20.03 5.83 13.41
C2 NAG J . -18.80 4.92 13.37
C3 NAG J . -19.12 3.64 14.13
C4 NAG J . -19.53 3.97 15.56
C5 NAG J . -20.68 4.97 15.56
C6 NAG J . -21.05 5.42 16.98
C7 NAG J . -17.28 5.08 11.43
C8 NAG J . -17.06 4.63 10.01
N2 NAG J . -18.40 4.62 12.01
O3 NAG J . -17.98 2.76 14.13
O4 NAG J . -19.91 2.78 16.25
O5 NAG J . -20.33 6.13 14.78
O6 NAG J . -22.12 6.35 16.93
O7 NAG J . -16.47 5.79 11.99
C1 NAG K . 15.36 18.96 55.37
C2 NAG K . 16.39 17.91 55.82
C3 NAG K . 16.07 16.56 55.17
C4 NAG K . 14.65 16.17 55.52
C5 NAG K . 13.67 17.29 55.17
C6 NAG K . 12.27 16.94 55.67
C7 NAG K . 18.35 18.54 54.42
C8 NAG K . 19.82 18.85 54.45
N2 NAG K . 17.79 18.26 55.61
O3 NAG K . 16.98 15.57 55.64
O4 NAG K . 14.35 15.02 54.73
O5 NAG K . 14.07 18.52 55.77
O6 NAG K . 12.14 17.18 57.07
O7 NAG K . 17.74 18.57 53.37
C1 NAG K . 14.08 13.84 55.52
C2 NAG K . 13.61 12.75 54.57
C3 NAG K . 13.19 11.52 55.39
C4 NAG K . 14.38 11.07 56.22
C5 NAG K . 14.89 12.23 57.08
C6 NAG K . 16.15 11.86 57.86
C7 NAG K . 11.37 13.64 53.73
C8 NAG K . 10.68 13.54 55.06
N2 NAG K . 12.64 13.25 53.58
O3 NAG K . 12.75 10.47 54.52
O4 NAG K . 13.98 9.98 57.06
O5 NAG K . 15.20 13.37 56.25
O6 NAG K . 15.86 10.84 58.83
O7 NAG K . 10.75 14.04 52.77
C1 NAG L . 28.18 31.59 37.64
C2 NAG L . 28.04 31.25 36.15
C3 NAG L . 28.32 29.77 35.86
C4 NAG L . 29.61 29.32 36.55
C5 NAG L . 29.59 29.69 38.02
C6 NAG L . 30.87 29.26 38.74
C7 NAG L . 26.33 31.82 34.46
C8 NAG L . 24.89 32.18 34.25
N2 NAG L . 26.69 31.61 35.73
O3 NAG L . 28.44 29.56 34.46
O4 NAG L . 29.76 27.89 36.42
O5 NAG L . 29.43 31.12 38.14
O6 NAG L . 30.84 27.84 38.93
O7 NAG L . 27.11 31.73 33.52
C1 NAG L . 30.69 27.48 35.39
C2 NAG L . 31.17 26.06 35.71
C3 NAG L . 32.14 25.58 34.62
C4 NAG L . 31.50 25.74 33.24
C5 NAG L . 31.02 27.17 33.03
C6 NAG L . 30.31 27.32 31.68
C7 NAG L . 31.95 24.90 37.74
C8 NAG L . 32.62 25.06 39.08
N2 NAG L . 31.79 26.02 37.03
O3 NAG L . 32.47 24.20 34.80
O4 NAG L . 32.46 25.38 32.23
O5 NAG L . 30.12 27.52 34.08
O6 NAG L . 29.79 28.64 31.55
O7 NAG L . 31.60 23.80 37.35
C1 GLC M . -14.49 -9.83 -5.15
C2 GLC M . -14.76 -10.32 -3.72
C3 GLC M . -13.49 -10.47 -2.88
C4 GLC M . -12.40 -11.23 -3.65
C5 GLC M . -12.16 -10.51 -4.98
C6 GLC M . -11.04 -11.16 -5.79
O1 GLC M . -14.24 -8.42 -5.17
O2 GLC M . -15.65 -9.41 -3.05
O3 GLC M . -13.79 -11.17 -1.67
O4 GLC M . -11.20 -11.30 -2.86
O5 GLC M . -13.38 -10.54 -5.73
O6 GLC M . -11.03 -10.65 -7.13
C1 GLC M . -10.89 -12.59 -2.30
C2 GLC M . -10.30 -12.46 -0.89
C3 GLC M . -8.82 -12.08 -0.85
C4 GLC M . -7.97 -12.72 -1.94
C5 GLC M . -8.70 -12.71 -3.29
C6 GLC M . -7.91 -13.46 -4.36
O2 GLC M . -11.04 -11.49 -0.14
O3 GLC M . -8.32 -12.49 0.42
O4 GLC M . -6.75 -11.98 -2.16
O5 GLC M . -9.99 -13.30 -3.15
O6 GLC M . -8.50 -13.22 -5.64
C1 AC1 M . -5.84 -11.81 -1.07
O2 AC1 M . -4.76 -10.16 -2.49
C2 AC1 M . -4.52 -11.28 -1.65
C4A AC1 M . -0.39 -17.54 -2.98
C3 AC1 M . -3.78 -12.35 -2.42
O3 AC1 M . -2.53 -11.85 -2.87
C4 AC1 M . -3.58 -13.56 -1.53
N4A AC1 M . -2.82 -14.60 -2.21
C5 AC1 M . -4.94 -14.08 -1.06
O5 AC1 M . -5.64 -13.04 -0.36
C6 AC1 M . -4.80 -15.28 -0.13
C1B AC1 M . -1.53 -15.07 -1.70
C2B AC1 M . -0.45 -15.01 -2.78
O2B AC1 M . -0.58 -13.80 -3.52
C3B AC1 M . -0.52 -16.21 -3.72
O3B AC1 M . 0.52 -16.09 -4.68
O4 AC1 M . -0.94 -18.56 -3.83
C5B AC1 M . -1.11 -17.55 -1.66
C7B AC1 M . -1.66 -16.46 -1.11
C6B AC1 M . -1.24 -18.84 -0.87
O6B AC1 M . -0.94 -19.98 -1.68
C1 GLC N . 9.99 6.51 13.39
C2 GLC N . 9.06 6.22 14.57
C3 GLC N . 7.59 6.20 14.13
C4 GLC N . 7.24 7.49 13.40
C5 GLC N . 8.19 7.66 12.21
C6 GLC N . 7.88 8.94 11.43
O1 GLC N . 10.03 5.38 12.49
O2 GLC N . 9.40 4.96 15.16
O3 GLC N . 6.75 6.05 15.28
O4 GLC N . 5.88 7.44 12.95
O5 GLC N . 9.56 7.68 12.68
O6 GLC N . 9.06 9.51 10.85
C1 GLC N . 4.98 8.33 13.66
C2 GLC N . 3.60 7.69 13.79
C3 GLC N . 2.86 7.59 12.46
C4 GLC N . 2.89 8.91 11.69
C5 GLC N . 4.29 9.51 11.66
C6 GLC N . 4.28 10.90 11.04
O2 GLC N . 3.72 6.38 14.37
O3 GLC N . 1.52 7.21 12.76
O4 GLC N . 2.51 8.73 10.31
O5 GLC N . 4.86 9.58 12.98
O6 GLC N . 5.62 11.38 10.85
C1 AC1 N . 1.17 8.34 10.00
O2 AC1 N . 2.06 8.11 7.75
C2 AC1 N . 0.95 8.58 8.50
C4A AC1 N . -2.38 15.49 8.25
C3 AC1 N . 0.71 10.06 8.19
O3 AC1 N . 0.37 10.20 6.81
C4 AC1 N . -0.38 10.62 9.09
N4A AC1 N . -0.65 12.03 8.80
C5 AC1 N . 0.05 10.43 10.53
O5 AC1 N . 0.20 9.02 10.79
C6 AC1 N . -0.96 11.01 11.51
C1B AC1 N . -1.99 12.51 8.45
C2B AC1 N . -1.98 13.28 7.13
O2B AC1 N . -1.15 12.59 6.18
C3B AC1 N . -1.47 14.70 7.31
O3B AC1 N . -1.42 15.35 6.04
O4 AC1 N . -1.68 16.66 8.68
C5B AC1 N . -2.82 14.68 9.45
C7B AC1 N . -2.61 13.35 9.55
C6B AC1 N . -3.55 15.38 10.57
O6B AC1 N . -4.93 15.49 10.21
C1 NAG O . -44.14 -44.15 -19.55
C2 NAG O . -43.34 -43.89 -20.84
C3 NAG O . -43.57 -45.04 -21.82
C4 NAG O . -43.26 -46.38 -21.14
C5 NAG O . -44.07 -46.52 -19.85
C6 NAG O . -43.75 -47.81 -19.12
C7 NAG O . -43.16 -41.45 -21.11
C8 NAG O . -43.70 -40.26 -21.86
N2 NAG O . -43.72 -42.63 -21.44
O3 NAG O . -42.71 -44.89 -22.96
O4 NAG O . -43.57 -47.45 -22.06
O5 NAG O . -43.78 -45.42 -18.99
O6 NAG O . -44.11 -48.95 -19.91
O7 NAG O . -42.31 -41.32 -20.25
C1 NAG P . -36.51 -37.09 -20.84
C2 NAG P . -35.67 -36.61 -22.02
C3 NAG P . -35.72 -35.08 -22.09
C4 NAG P . -37.18 -34.64 -22.26
C5 NAG P . -38.00 -35.20 -21.10
C6 NAG P . -39.48 -34.84 -21.26
C7 NAG P . -33.74 -38.10 -22.56
C8 NAG P . -34.52 -38.85 -23.59
N2 NAG P . -34.30 -37.08 -21.88
O3 NAG P . -34.94 -34.60 -23.20
O4 NAG P . -37.26 -33.22 -22.33
O5 NAG P . -37.86 -36.62 -21.02
O6 NAG P . -39.67 -33.43 -21.06
O7 NAG P . -32.58 -38.40 -22.34
#